data_8P53
#
_entry.id   8P53
#
_cell.length_a   1.00
_cell.length_b   1.00
_cell.length_c   1.00
_cell.angle_alpha   90.00
_cell.angle_beta   90.00
_cell.angle_gamma   90.00
#
_symmetry.space_group_name_H-M   'P 1'
#
loop_
_entity.id
_entity.type
_entity.pdbx_description
1 polymer 'Antiactivator FleN'
2 polymer 'Transcriptional regulator FleQ'
3 non-polymer 'MAGNESIUM ION'
4 non-polymer 'PHOSPHOMETHYLPHOSPHONIC ACID ADENYLATE ESTER'
#
loop_
_entity_poly.entity_id
_entity_poly.type
_entity_poly.pdbx_seq_one_letter_code
_entity_poly.pdbx_strand_id
1 'polypeptide(L)'
;MSYYHHHHHHDYDIPTTLEVLFQGPMGSKQMGSMHPVQVIAVTGGKGGVGKTNVSVNLALALADLGRRVMLLDAALGLAN
VDVLLGLTPKRTLADVIEGRCELRDVLLLGPGGVRIVPAASGTQSMVHLSPMQHAGLIQAFSDISDNLDVLVVDTAAGIG
DSVVSFVRAAQEVLLVVCDEPTSITDAYALIKLLNRDHGMTRFRVLANMAHSPQEGRNLFAKLTKVTDRFLDVALQYVGV
IPYDESVRKAVQKQRAVYEAFPRSKASLAFKAVAQKVDSWPLPANPRGHLEFFVERLVQHPATGSAV
;
A,B
2 'polypeptide(L)'
;MGSWRETKLLLIDDNLDRSRDLAVILNFLGEDQLTCNSEDWREVAAGLSNSREALCVLLGSVESKGGAVELLKQLASWDE
YLPILLIGEPAPADWPEELRRRVLASLEMPPSYNKLLDSLHRAQVYREMYDQARERGRSREPNLFRSLVGTSRAIQQVRQ
MMQQVADTDASVLILGESGTGKEVVARNLHYHSKRREGPFVPVNCGAIPAELLESELFGHEKGAFTGAITSRAGRFELAN
GGTLFLDEIGDMPLPMQVKLLRVLQERTFERVGSNKTQNVDVRIIAATHKNLEKMIEDGTFREDLYYRLNVFPIEMAPLR
ERVEDIALLLNELISRMEHEKRGSIRFNSAAIMSLCRHDWPGNVRELANLVERLAIMHPYGVIGVGELPKKFRHVDDEDE
QLASSLREELEERAAINAGLPGMDAPAMLPAEGLDLKDYLANLEQGLIQQALDDAGGVVARAAERLRIRRTTLVEKMRKY
GMSRRDDDLSDD
;
C,D,E,F
#
loop_
_chem_comp.id
_chem_comp.type
_chem_comp.name
_chem_comp.formula
ACP non-polymer 'PHOSPHOMETHYLPHOSPHONIC ACID ADENYLATE ESTER' 'C11 H18 N5 O12 P3'
MG non-polymer 'MAGNESIUM ION' 'Mg 2'
#
# COMPACT_ATOMS: atom_id res chain seq x y z
N MET A 34 37.86 -13.35 19.24
CA MET A 34 36.41 -13.28 19.15
C MET A 34 35.79 -13.12 20.52
N HIS A 35 34.84 -12.20 20.62
CA HIS A 35 34.20 -11.86 21.89
C HIS A 35 32.93 -11.07 21.59
N PRO A 36 31.99 -11.03 22.53
CA PRO A 36 30.85 -10.12 22.37
C PRO A 36 31.31 -8.67 22.40
N VAL A 37 30.55 -7.82 21.72
CA VAL A 37 30.87 -6.40 21.59
C VAL A 37 29.87 -5.60 22.41
N GLN A 38 30.38 -4.76 23.31
CA GLN A 38 29.53 -3.88 24.09
C GLN A 38 29.09 -2.70 23.24
N VAL A 39 27.79 -2.41 23.26
CA VAL A 39 27.21 -1.31 22.51
C VAL A 39 26.58 -0.34 23.50
N ILE A 40 26.94 0.93 23.40
CA ILE A 40 26.48 1.97 24.32
C ILE A 40 25.71 2.99 23.52
N ALA A 41 24.45 3.20 23.88
CA ALA A 41 23.60 4.20 23.24
C ALA A 41 23.51 5.43 24.12
N VAL A 42 23.99 6.56 23.61
CA VAL A 42 23.91 7.83 24.33
C VAL A 42 22.68 8.57 23.86
N THR A 43 21.80 8.91 24.78
CA THR A 43 20.48 9.44 24.45
C THR A 43 20.08 10.42 25.56
N GLY A 44 18.79 10.72 25.65
CA GLY A 44 18.30 11.64 26.65
C GLY A 44 17.10 12.48 26.23
N GLY A 45 16.75 12.44 24.96
CA GLY A 45 15.55 13.13 24.50
C GLY A 45 15.66 14.62 24.37
N LYS A 46 16.08 15.29 25.44
CA LYS A 46 16.28 16.74 25.40
C LYS A 46 17.49 17.07 24.54
N GLY A 47 17.31 18.00 23.61
CA GLY A 47 18.42 18.45 22.79
C GLY A 47 19.32 19.41 23.54
N GLY A 48 20.58 19.43 23.15
CA GLY A 48 21.52 20.35 23.76
C GLY A 48 21.95 19.99 25.17
N VAL A 49 21.80 18.72 25.55
CA VAL A 49 22.28 18.28 26.86
C VAL A 49 23.71 17.75 26.81
N GLY A 50 24.30 17.67 25.63
CA GLY A 50 25.67 17.23 25.50
C GLY A 50 25.81 15.76 25.16
N LYS A 51 24.88 15.24 24.35
CA LYS A 51 24.96 13.83 23.96
C LYS A 51 26.17 13.56 23.08
N THR A 52 26.39 14.41 22.08
CA THR A 52 27.51 14.19 21.17
C THR A 52 28.84 14.39 21.87
N ASN A 53 28.94 15.39 22.75
CA ASN A 53 30.18 15.60 23.50
C ASN A 53 30.49 14.40 24.39
N VAL A 54 29.48 13.89 25.09
CA VAL A 54 29.68 12.70 25.92
C VAL A 54 30.09 11.52 25.05
N SER A 55 29.45 11.33 23.91
CA SER A 55 29.80 10.21 23.04
C SER A 55 31.26 10.29 22.60
N VAL A 56 31.67 11.45 22.09
CA VAL A 56 33.02 11.59 21.56
C VAL A 56 34.05 11.43 22.67
N ASN A 57 33.84 12.11 23.80
CA ASN A 57 34.82 12.09 24.87
C ASN A 57 34.88 10.74 25.55
N LEU A 58 33.73 10.06 25.71
CA LEU A 58 33.72 8.71 26.25
C LEU A 58 34.44 7.75 25.33
N ALA A 59 34.24 7.87 24.02
CA ALA A 59 34.97 7.04 23.08
C ALA A 59 36.47 7.27 23.19
N LEU A 60 36.88 8.54 23.27
CA LEU A 60 38.30 8.84 23.36
C LEU A 60 38.91 8.29 24.65
N ALA A 61 38.20 8.44 25.76
CA ALA A 61 38.71 7.93 27.02
C ALA A 61 38.78 6.41 27.03
N LEU A 62 37.78 5.74 26.46
CA LEU A 62 37.81 4.28 26.40
C LEU A 62 38.93 3.79 25.50
N ALA A 63 39.23 4.54 24.43
CA ALA A 63 40.40 4.22 23.63
C ALA A 63 41.69 4.47 24.42
N ASP A 64 41.67 5.46 25.30
CA ASP A 64 42.85 5.72 26.14
C ASP A 64 43.10 4.56 27.09
N LEU A 65 42.05 3.99 27.69
CA LEU A 65 42.24 2.81 28.52
C LEU A 65 42.75 1.61 27.75
N GLY A 66 42.64 1.62 26.42
CA GLY A 66 43.22 0.59 25.60
C GLY A 66 42.27 -0.29 24.82
N ARG A 67 41.07 0.18 24.52
CA ARG A 67 40.10 -0.59 23.74
C ARG A 67 40.02 -0.04 22.32
N ARG A 68 39.73 -0.92 21.38
CA ARG A 68 39.44 -0.50 20.02
C ARG A 68 37.99 -0.05 19.97
N VAL A 69 37.78 1.25 19.78
CA VAL A 69 36.47 1.88 19.90
C VAL A 69 36.02 2.35 18.53
N MET A 70 34.77 2.08 18.20
CA MET A 70 34.11 2.63 17.03
C MET A 70 32.99 3.54 17.48
N LEU A 71 32.91 4.73 16.90
CA LEU A 71 31.88 5.70 17.20
C LEU A 71 31.00 5.87 15.98
N LEU A 72 29.69 5.70 16.17
CA LEU A 72 28.71 5.83 15.11
C LEU A 72 27.87 7.08 15.35
N ASP A 73 27.72 7.89 14.31
CA ASP A 73 26.93 9.12 14.40
C ASP A 73 25.51 8.77 13.97
N ALA A 74 24.68 8.40 14.94
CA ALA A 74 23.29 8.06 14.66
C ALA A 74 22.46 9.28 14.30
N ALA A 75 23.01 10.48 14.44
CA ALA A 75 22.37 11.70 13.96
C ALA A 75 22.45 11.68 12.44
N LEU A 76 21.57 10.89 11.84
CA LEU A 76 21.71 10.58 10.42
C LEU A 76 21.43 11.78 9.53
N GLY A 77 20.47 12.62 9.91
CA GLY A 77 20.17 13.80 9.11
C GLY A 77 21.16 14.93 9.29
N LEU A 78 21.71 15.08 10.49
CA LEU A 78 22.62 16.17 10.81
C LEU A 78 23.84 15.61 11.50
N ALA A 79 25.01 15.78 10.92
CA ALA A 79 26.24 15.23 11.47
C ALA A 79 26.93 16.27 12.34
N ASN A 80 27.22 15.90 13.59
CA ASN A 80 27.95 16.76 14.51
C ASN A 80 29.22 16.15 15.05
N VAL A 81 29.42 14.84 14.94
CA VAL A 81 30.66 14.22 15.38
C VAL A 81 31.84 14.75 14.56
N ASP A 82 31.67 14.76 13.24
CA ASP A 82 32.72 15.28 12.37
C ASP A 82 32.97 16.75 12.61
N VAL A 83 31.92 17.52 12.91
CA VAL A 83 32.09 18.94 13.17
C VAL A 83 32.89 19.17 14.45
N LEU A 84 32.54 18.46 15.53
CA LEU A 84 33.27 18.64 16.78
C LEU A 84 34.71 18.15 16.68
N LEU A 85 34.95 17.09 15.91
CA LEU A 85 36.29 16.57 15.78
C LEU A 85 37.08 17.21 14.65
N GLY A 86 36.46 18.11 13.89
CA GLY A 86 37.18 18.79 12.82
C GLY A 86 37.40 17.99 11.56
N LEU A 87 36.68 16.87 11.41
CA LEU A 87 36.86 16.01 10.25
C LEU A 87 36.00 16.47 9.09
N THR A 88 36.49 16.22 7.87
CA THR A 88 35.78 16.51 6.64
C THR A 88 35.76 15.23 5.81
N PRO A 89 34.84 14.32 6.09
CA PRO A 89 34.83 13.04 5.39
C PRO A 89 34.47 13.20 3.92
N LYS A 90 35.20 12.48 3.07
CA LYS A 90 34.87 12.46 1.65
C LYS A 90 33.59 11.69 1.39
N ARG A 91 33.40 10.57 2.07
CA ARG A 91 32.23 9.72 1.90
C ARG A 91 31.58 9.45 3.24
N THR A 92 30.26 9.48 3.26
CA THR A 92 29.48 9.33 4.48
C THR A 92 28.48 8.17 4.34
N LEU A 93 27.63 8.02 5.35
CA LEU A 93 26.61 6.98 5.34
C LEU A 93 25.57 7.20 4.27
N ALA A 94 25.43 8.43 3.77
CA ALA A 94 24.53 8.67 2.64
C ALA A 94 25.00 7.91 1.42
N ASP A 95 26.32 7.80 1.24
CA ASP A 95 26.85 6.99 0.16
C ASP A 95 26.57 5.52 0.38
N VAL A 96 26.55 5.06 1.63
CA VAL A 96 26.25 3.66 1.92
C VAL A 96 24.80 3.35 1.59
N ILE A 97 23.87 4.19 2.07
CA ILE A 97 22.46 3.91 1.84
C ILE A 97 22.11 4.11 0.37
N GLU A 98 22.69 5.11 -0.28
CA GLU A 98 22.44 5.30 -1.70
C GLU A 98 23.19 4.31 -2.58
N GLY A 99 24.09 3.50 -1.99
CA GLY A 99 24.66 2.37 -2.67
C GLY A 99 25.92 2.62 -3.47
N ARG A 100 26.51 3.80 -3.37
CA ARG A 100 27.74 4.05 -4.12
C ARG A 100 28.92 3.30 -3.54
N CYS A 101 28.91 3.04 -2.24
CA CYS A 101 30.03 2.38 -1.59
C CYS A 101 29.52 1.50 -0.46
N GLU A 102 30.38 0.60 -0.02
CA GLU A 102 30.05 -0.30 1.09
C GLU A 102 30.28 0.43 2.41
N LEU A 103 30.23 -0.32 3.51
CA LEU A 103 30.33 0.26 4.84
C LEU A 103 31.75 0.39 5.33
N ARG A 104 32.66 -0.48 4.87
CA ARG A 104 34.02 -0.46 5.40
C ARG A 104 34.78 0.78 4.96
N ASP A 105 34.55 1.25 3.73
CA ASP A 105 35.37 2.33 3.20
C ASP A 105 34.92 3.72 3.65
N VAL A 106 33.82 3.83 4.39
CA VAL A 106 33.43 5.12 4.96
C VAL A 106 33.99 5.33 6.35
N LEU A 107 34.70 4.35 6.90
CA LEU A 107 35.35 4.53 8.20
C LEU A 107 36.43 5.59 8.11
N LEU A 108 36.52 6.42 9.15
CA LEU A 108 37.59 7.40 9.29
C LEU A 108 38.35 7.16 10.58
N LEU A 109 39.67 7.27 10.50
CA LEU A 109 40.52 7.18 11.68
C LEU A 109 40.50 8.51 12.39
N GLY A 110 39.75 8.60 13.48
CA GLY A 110 39.62 9.82 14.23
C GLY A 110 40.70 9.95 15.29
N PRO A 111 40.55 10.94 16.17
CA PRO A 111 41.54 11.14 17.22
C PRO A 111 41.62 9.95 18.17
N GLY A 112 42.82 9.72 18.70
CA GLY A 112 43.03 8.66 19.66
C GLY A 112 42.84 7.27 19.12
N GLY A 113 42.85 7.10 17.80
CA GLY A 113 42.64 5.81 17.19
C GLY A 113 41.19 5.37 17.08
N VAL A 114 40.25 6.23 17.43
CA VAL A 114 38.83 5.88 17.36
C VAL A 114 38.38 5.92 15.92
N ARG A 115 37.71 4.86 15.47
CA ARG A 115 37.18 4.79 14.12
C ARG A 115 35.76 5.35 14.09
N ILE A 116 35.53 6.33 13.22
CA ILE A 116 34.29 7.09 13.18
C ILE A 116 33.49 6.65 11.96
N VAL A 117 32.19 6.43 12.16
CA VAL A 117 31.25 6.25 11.05
C VAL A 117 30.53 7.57 10.85
N PRO A 118 30.79 8.29 9.76
CA PRO A 118 30.19 9.62 9.60
C PRO A 118 28.78 9.56 9.07
N ALA A 119 28.00 10.54 9.46
CA ALA A 119 26.61 10.69 9.00
C ALA A 119 26.51 11.86 8.03
N ALA A 120 25.36 11.95 7.38
CA ALA A 120 25.14 13.01 6.42
C ALA A 120 24.75 14.30 7.13
N SER A 121 24.88 15.42 6.41
CA SER A 121 24.50 16.72 6.91
C SER A 121 23.52 17.34 5.93
N GLY A 122 22.24 17.22 6.22
CA GLY A 122 21.21 17.78 5.36
C GLY A 122 21.11 17.14 3.99
N THR A 123 21.17 15.82 3.92
CA THR A 123 20.98 15.09 2.67
C THR A 123 19.55 14.59 2.59
N GLN A 124 18.92 14.78 1.43
CA GLN A 124 17.51 14.45 1.28
C GLN A 124 17.23 12.96 1.45
N SER A 125 18.24 12.12 1.32
CA SER A 125 18.07 10.68 1.46
C SER A 125 18.29 10.18 2.88
N MET A 126 18.54 11.09 3.83
CA MET A 126 18.79 10.71 5.21
C MET A 126 17.91 11.43 6.22
N VAL A 127 17.04 12.33 5.78
CA VAL A 127 16.24 13.12 6.72
C VAL A 127 15.34 12.20 7.54
N HIS A 128 14.66 11.27 6.87
CA HIS A 128 13.82 10.30 7.53
C HIS A 128 13.94 8.98 6.78
N LEU A 129 14.24 7.91 7.51
CA LEU A 129 14.41 6.59 6.92
C LEU A 129 13.36 5.63 7.47
N SER A 130 12.97 4.68 6.64
CA SER A 130 12.02 3.68 7.04
C SER A 130 12.64 2.76 8.10
N PRO A 131 11.82 2.13 8.94
CA PRO A 131 12.36 1.13 9.86
C PRO A 131 13.13 0.02 9.16
N MET A 132 12.76 -0.29 7.92
CA MET A 132 13.51 -1.29 7.17
C MET A 132 14.93 -0.83 6.92
N GLN A 133 15.11 0.47 6.64
CA GLN A 133 16.44 1.00 6.39
C GLN A 133 17.29 1.02 7.67
N HIS A 134 16.70 1.38 8.81
CA HIS A 134 17.41 1.29 10.06
C HIS A 134 17.82 -0.14 10.37
N ALA A 135 16.91 -1.10 10.12
CA ALA A 135 17.23 -2.50 10.34
C ALA A 135 18.39 -2.93 9.45
N GLY A 136 18.37 -2.52 8.18
CA GLY A 136 19.46 -2.87 7.28
C GLY A 136 20.79 -2.28 7.72
N LEU A 137 20.77 -1.02 8.16
CA LEU A 137 22.00 -0.38 8.58
C LEU A 137 22.57 -1.02 9.84
N ILE A 138 21.71 -1.34 10.82
CA ILE A 138 22.16 -2.01 12.02
C ILE A 138 22.73 -3.39 11.68
N GLN A 139 22.03 -4.12 10.81
CA GLN A 139 22.48 -5.45 10.44
C GLN A 139 23.78 -5.42 9.66
N ALA A 140 23.99 -4.39 8.84
CA ALA A 140 25.20 -4.29 8.05
C ALA A 140 26.44 -4.05 8.90
N PHE A 141 26.29 -3.56 10.13
CA PHE A 141 27.45 -3.34 10.99
C PHE A 141 28.14 -4.64 11.37
N SER A 142 27.48 -5.79 11.19
CA SER A 142 28.08 -7.06 11.53
C SER A 142 29.29 -7.41 10.68
N ASP A 143 29.51 -6.67 9.58
CA ASP A 143 30.68 -6.90 8.75
C ASP A 143 31.98 -6.46 9.42
N ILE A 144 31.91 -5.77 10.57
CA ILE A 144 33.08 -5.25 11.25
C ILE A 144 33.42 -6.18 12.42
N SER A 145 34.63 -6.72 12.41
CA SER A 145 35.05 -7.73 13.37
C SER A 145 36.45 -7.44 13.91
N ASP A 146 36.67 -6.21 14.34
CA ASP A 146 37.94 -5.86 14.97
C ASP A 146 37.82 -5.05 16.25
N ASN A 147 36.71 -4.35 16.47
CA ASN A 147 36.60 -3.47 17.63
C ASN A 147 36.56 -4.25 18.93
N LEU A 148 37.13 -3.67 19.97
CA LEU A 148 37.27 -4.33 21.27
C LEU A 148 36.07 -3.93 22.12
N ASP A 149 34.93 -4.55 21.79
CA ASP A 149 33.70 -4.49 22.56
C ASP A 149 33.34 -3.08 23.04
N VAL A 150 33.57 -2.07 22.22
CA VAL A 150 32.98 -0.76 22.43
C VAL A 150 32.44 -0.25 21.10
N LEU A 151 31.14 0.04 21.07
CA LEU A 151 30.54 0.76 19.94
C LEU A 151 29.58 1.78 20.53
N VAL A 152 29.95 3.05 20.45
CA VAL A 152 29.17 4.14 21.02
C VAL A 152 28.27 4.71 19.93
N VAL A 153 26.98 4.80 20.22
CA VAL A 153 25.97 5.27 19.28
C VAL A 153 25.42 6.58 19.82
N ASP A 154 25.66 7.68 19.12
CA ASP A 154 25.16 9.00 19.52
C ASP A 154 23.81 9.23 18.86
N THR A 155 22.74 8.97 19.60
CA THR A 155 21.40 9.10 19.04
C THR A 155 20.98 10.56 18.92
N ALA A 156 19.92 10.78 18.15
CA ALA A 156 19.40 12.11 17.90
C ALA A 156 18.52 12.58 19.04
N ALA A 157 18.21 13.88 19.03
CA ALA A 157 17.31 14.44 20.00
C ALA A 157 15.88 13.98 19.75
N GLY A 158 15.11 13.86 20.81
CA GLY A 158 13.73 13.44 20.71
C GLY A 158 13.56 11.95 20.95
N ILE A 159 12.29 11.53 20.91
CA ILE A 159 11.93 10.16 21.21
C ILE A 159 11.40 9.48 19.95
N GLY A 160 11.92 9.90 18.80
CA GLY A 160 11.44 9.40 17.53
C GLY A 160 11.82 7.97 17.23
N ASP A 161 11.42 7.52 16.04
CA ASP A 161 11.62 6.13 15.66
C ASP A 161 13.09 5.76 15.55
N SER A 162 13.90 6.65 14.97
CA SER A 162 15.32 6.35 14.82
C SER A 162 16.00 6.21 16.17
N VAL A 163 15.69 7.11 17.11
CA VAL A 163 16.30 7.06 18.43
C VAL A 163 15.93 5.76 19.12
N VAL A 164 14.64 5.38 19.07
CA VAL A 164 14.20 4.16 19.74
C VAL A 164 14.84 2.94 19.08
N SER A 165 14.95 2.94 17.76
CA SER A 165 15.56 1.81 17.07
C SER A 165 17.01 1.64 17.48
N PHE A 166 17.76 2.73 17.57
CA PHE A 166 19.16 2.61 17.91
C PHE A 166 19.37 2.34 19.40
N VAL A 167 18.44 2.77 20.26
CA VAL A 167 18.53 2.44 21.68
C VAL A 167 18.22 0.97 21.92
N ARG A 168 17.18 0.44 21.28
CA ARG A 168 16.78 -0.94 21.50
C ARG A 168 17.85 -1.91 21.03
N ALA A 169 18.64 -1.54 20.04
CA ALA A 169 19.68 -2.41 19.51
C ALA A 169 20.94 -2.42 20.35
N ALA A 170 21.02 -1.58 21.38
CA ALA A 170 22.22 -1.43 22.19
C ALA A 170 22.06 -2.15 23.52
N GLN A 171 23.17 -2.71 23.99
CA GLN A 171 23.16 -3.40 25.28
C GLN A 171 22.97 -2.42 26.43
N GLU A 172 23.69 -1.31 26.42
CA GLU A 172 23.62 -0.30 27.47
C GLU A 172 22.96 0.97 26.95
N VAL A 173 22.12 1.58 27.78
CA VAL A 173 21.42 2.81 27.46
C VAL A 173 21.85 3.86 28.48
N LEU A 174 22.64 4.83 28.03
CA LEU A 174 23.14 5.89 28.89
C LEU A 174 22.37 7.18 28.59
N LEU A 175 21.64 7.67 29.58
CA LEU A 175 20.82 8.86 29.43
C LEU A 175 21.58 10.05 30.00
N VAL A 176 21.76 11.08 29.19
CA VAL A 176 22.40 12.32 29.61
C VAL A 176 21.30 13.29 30.02
N VAL A 177 21.33 13.72 31.28
CA VAL A 177 20.29 14.56 31.86
C VAL A 177 20.94 15.77 32.50
N CYS A 178 20.27 16.92 32.42
CA CYS A 178 20.68 18.14 33.09
C CYS A 178 19.67 18.52 34.16
N ASP A 179 20.11 19.37 35.09
CA ASP A 179 19.29 19.75 36.24
C ASP A 179 18.32 20.85 35.81
N GLU A 180 17.37 20.46 34.96
CA GLU A 180 16.34 21.35 34.47
C GLU A 180 15.02 20.59 34.41
N PRO A 181 13.90 21.25 34.67
CA PRO A 181 12.61 20.55 34.59
C PRO A 181 12.34 19.97 33.22
N THR A 182 12.72 20.68 32.15
CA THR A 182 12.51 20.18 30.80
C THR A 182 13.33 18.94 30.52
N SER A 183 14.60 18.92 30.94
CA SER A 183 15.44 17.76 30.72
C SER A 183 14.93 16.55 31.52
N ILE A 184 14.54 16.77 32.77
CA ILE A 184 13.99 15.69 33.58
C ILE A 184 12.73 15.15 32.96
N THR A 185 11.84 16.03 32.49
CA THR A 185 10.61 15.59 31.86
C THR A 185 10.89 14.80 30.58
N ASP A 186 11.83 15.27 29.77
CA ASP A 186 12.15 14.58 28.52
C ASP A 186 12.75 13.20 28.79
N ALA A 187 13.67 13.11 29.74
CA ALA A 187 14.26 11.82 30.09
C ALA A 187 13.21 10.87 30.66
N TYR A 188 12.32 11.39 31.50
CA TYR A 188 11.24 10.57 32.03
C TYR A 188 10.32 10.08 30.92
N ALA A 189 10.04 10.94 29.93
CA ALA A 189 9.20 10.53 28.82
C ALA A 189 9.87 9.44 27.99
N LEU A 190 11.17 9.56 27.75
CA LEU A 190 11.88 8.52 27.01
C LEU A 190 11.87 7.20 27.78
N ILE A 191 12.11 7.25 29.09
CA ILE A 191 12.09 6.05 29.90
C ILE A 191 10.70 5.42 29.90
N LYS A 192 9.67 6.25 30.03
CA LYS A 192 8.29 5.75 30.04
C LYS A 192 7.93 5.12 28.70
N LEU A 193 8.32 5.75 27.59
CA LEU A 193 8.09 5.17 26.28
C LEU A 193 8.76 3.80 26.17
N LEU A 194 10.05 3.73 26.49
CA LEU A 194 10.78 2.47 26.33
C LEU A 194 10.19 1.39 27.23
N ASN A 195 9.90 1.72 28.49
CA ASN A 195 9.37 0.73 29.42
C ASN A 195 7.97 0.27 29.03
N ARG A 196 7.12 1.20 28.59
CA ARG A 196 5.73 0.85 28.30
C ARG A 196 5.63 0.05 27.01
N ASP A 197 6.33 0.46 25.96
CA ASP A 197 6.14 -0.13 24.66
C ASP A 197 7.23 -1.14 24.28
N HIS A 198 8.26 -1.31 25.09
CA HIS A 198 9.30 -2.28 24.79
C HIS A 198 9.81 -3.05 26.00
N GLY A 199 9.35 -2.72 27.21
CA GLY A 199 9.68 -3.52 28.37
C GLY A 199 11.07 -3.37 28.93
N MET A 200 11.78 -2.29 28.61
CA MET A 200 13.08 -2.06 29.23
C MET A 200 12.92 -1.65 30.69
N THR A 201 13.84 -2.10 31.53
CA THR A 201 13.82 -1.76 32.93
C THR A 201 15.15 -1.27 33.49
N ARG A 202 16.25 -1.38 32.73
CA ARG A 202 17.56 -0.99 33.22
C ARG A 202 18.05 0.21 32.42
N PHE A 203 18.39 1.29 33.13
CA PHE A 203 18.86 2.52 32.50
C PHE A 203 20.03 3.10 33.30
N ARG A 204 21.02 3.60 32.58
CA ARG A 204 22.13 4.33 33.16
C ARG A 204 21.90 5.82 32.97
N VAL A 205 22.21 6.60 34.00
CA VAL A 205 21.96 8.04 34.01
C VAL A 205 23.27 8.76 34.29
N LEU A 206 23.60 9.72 33.43
CA LEU A 206 24.78 10.55 33.57
C LEU A 206 24.37 12.01 33.57
N ALA A 207 24.82 12.75 34.58
CA ALA A 207 24.50 14.17 34.70
C ALA A 207 25.54 15.01 33.97
N ASN A 208 25.09 16.02 33.25
CA ASN A 208 25.95 16.89 32.47
C ASN A 208 25.67 18.34 32.81
N MET A 209 26.70 19.17 32.71
CA MET A 209 26.63 20.60 33.03
C MET A 209 26.05 20.84 34.41
N ALA A 210 26.58 20.13 35.39
CA ALA A 210 26.23 20.34 36.79
C ALA A 210 27.31 21.15 37.46
N HIS A 211 26.89 22.11 38.28
CA HIS A 211 27.81 23.03 38.93
C HIS A 211 28.30 22.55 40.29
N SER A 212 27.89 21.35 40.72
CA SER A 212 28.36 20.74 41.96
C SER A 212 28.00 19.26 41.95
N PRO A 213 28.78 18.39 42.60
CA PRO A 213 28.39 16.98 42.68
C PRO A 213 27.05 16.78 43.38
N GLN A 214 26.74 17.62 44.37
CA GLN A 214 25.43 17.57 44.99
C GLN A 214 24.34 17.87 43.98
N GLU A 215 24.62 18.70 42.98
CA GLU A 215 23.64 18.97 41.94
C GLU A 215 23.32 17.70 41.15
N GLY A 216 24.36 16.92 40.80
CA GLY A 216 24.11 15.67 40.12
C GLY A 216 23.36 14.67 40.97
N ARG A 217 23.71 14.57 42.25
CA ARG A 217 23.01 13.67 43.14
C ARG A 217 21.54 14.06 43.28
N ASN A 218 21.27 15.36 43.42
CA ASN A 218 19.89 15.83 43.53
C ASN A 218 19.11 15.59 42.24
N LEU A 219 19.76 15.78 41.09
CA LEU A 219 19.11 15.54 39.81
C LEU A 219 18.72 14.07 39.68
N PHE A 220 19.63 13.17 40.05
CA PHE A 220 19.30 11.75 40.06
C PHE A 220 18.17 11.46 41.03
N ALA A 221 18.18 12.10 42.20
CA ALA A 221 17.11 11.89 43.16
C ALA A 221 15.76 12.29 42.59
N LYS A 222 15.70 13.43 41.89
CA LYS A 222 14.43 13.88 41.31
C LYS A 222 13.96 12.91 40.21
N LEU A 223 14.87 12.49 39.34
CA LEU A 223 14.49 11.58 38.26
C LEU A 223 14.00 10.25 38.82
N THR A 224 14.71 9.71 39.81
CA THR A 224 14.26 8.47 40.45
C THR A 224 12.96 8.66 41.18
N LYS A 225 12.72 9.84 41.77
CA LYS A 225 11.45 10.09 42.44
C LYS A 225 10.30 10.00 41.45
N VAL A 226 10.43 10.66 40.30
CA VAL A 226 9.36 10.61 39.30
C VAL A 226 9.15 9.19 38.80
N THR A 227 10.24 8.50 38.44
CA THR A 227 10.11 7.16 37.90
C THR A 227 9.51 6.20 38.92
N ASP A 228 9.94 6.30 40.19
CA ASP A 228 9.38 5.46 41.24
C ASP A 228 7.90 5.76 41.45
N ARG A 229 7.53 7.05 41.36
CA ARG A 229 6.13 7.42 41.56
C ARG A 229 5.24 6.85 40.46
N PHE A 230 5.76 6.69 39.24
CA PHE A 230 4.90 6.16 38.19
C PHE A 230 5.33 4.82 37.61
N LEU A 231 6.61 4.49 37.60
CA LEU A 231 7.08 3.30 36.90
C LEU A 231 7.82 2.37 37.87
N ASP A 232 8.20 1.20 37.35
CA ASP A 232 9.01 0.22 38.07
C ASP A 232 10.21 -0.13 37.20
N VAL A 233 11.24 0.72 37.23
CA VAL A 233 12.43 0.56 36.42
C VAL A 233 13.65 0.81 37.28
N ALA A 234 14.80 0.37 36.78
CA ALA A 234 16.07 0.41 37.52
C ALA A 234 16.97 1.47 36.93
N LEU A 235 17.20 2.54 37.69
CA LEU A 235 18.10 3.62 37.30
C LEU A 235 19.40 3.51 38.07
N GLN A 236 20.52 3.51 37.35
CA GLN A 236 21.84 3.41 37.95
C GLN A 236 22.61 4.70 37.67
N TYR A 237 23.08 5.34 38.74
CA TYR A 237 23.85 6.57 38.58
C TYR A 237 25.28 6.24 38.15
N VAL A 238 25.72 6.89 37.09
CA VAL A 238 27.05 6.67 36.53
C VAL A 238 28.05 7.71 37.02
N GLY A 239 27.67 8.98 36.98
CA GLY A 239 28.57 10.03 37.41
C GLY A 239 28.02 11.39 37.02
N VAL A 240 28.90 12.38 37.11
CA VAL A 240 28.56 13.76 36.79
C VAL A 240 29.70 14.37 35.98
N ILE A 241 29.35 15.13 34.95
CA ILE A 241 30.30 15.89 34.15
C ILE A 241 30.10 17.37 34.50
N PRO A 242 31.09 18.03 35.09
CA PRO A 242 30.90 19.41 35.54
C PRO A 242 30.75 20.38 34.37
N TYR A 243 30.09 21.50 34.65
CA TYR A 243 30.08 22.60 33.71
C TYR A 243 31.48 23.18 33.60
N ASP A 244 32.07 23.09 32.43
CA ASP A 244 33.45 23.50 32.22
C ASP A 244 33.55 24.26 30.92
N GLU A 245 34.16 25.45 30.97
CA GLU A 245 34.32 26.28 29.79
C GLU A 245 35.41 25.76 28.88
N SER A 246 36.25 24.85 29.36
CA SER A 246 37.20 24.19 28.47
C SER A 246 36.49 23.40 27.38
N VAL A 247 35.30 22.86 27.69
CA VAL A 247 34.50 22.21 26.66
C VAL A 247 34.09 23.21 25.60
N ARG A 248 33.67 24.41 26.02
CA ARG A 248 33.28 25.43 25.05
C ARG A 248 34.47 25.84 24.17
N LYS A 249 35.65 26.00 24.78
CA LYS A 249 36.83 26.29 23.96
C LYS A 249 37.13 25.17 22.98
N ALA A 250 36.96 23.92 23.42
CA ALA A 250 37.20 22.79 22.53
C ALA A 250 36.22 22.79 21.36
N VAL A 251 34.95 23.09 21.63
CA VAL A 251 33.96 23.17 20.56
C VAL A 251 34.30 24.29 19.59
N GLN A 252 34.74 25.44 20.11
CA GLN A 252 35.13 26.54 19.24
C GLN A 252 36.33 26.16 18.39
N LYS A 253 37.28 25.44 18.95
CA LYS A 253 38.46 25.00 18.22
C LYS A 253 38.19 23.81 17.31
N GLN A 254 36.98 23.25 17.35
CA GLN A 254 36.62 22.05 16.59
C GLN A 254 37.56 20.89 16.93
N ARG A 255 37.84 20.73 18.22
CA ARG A 255 38.56 19.58 18.73
C ARG A 255 37.88 19.13 20.02
N ALA A 256 38.30 17.97 20.52
CA ALA A 256 37.65 17.37 21.67
C ALA A 256 38.31 17.80 22.96
N VAL A 257 37.50 17.99 24.00
CA VAL A 257 38.01 18.48 25.28
C VAL A 257 38.97 17.47 25.90
N TYR A 258 38.80 16.18 25.60
CA TYR A 258 39.69 15.18 26.15
C TYR A 258 41.10 15.32 25.58
N GLU A 259 41.22 15.65 24.31
CA GLU A 259 42.54 15.81 23.68
C GLU A 259 43.02 17.25 23.67
N ALA A 260 42.13 18.23 23.56
CA ALA A 260 42.56 19.62 23.55
C ALA A 260 42.97 20.08 24.94
N PHE A 261 42.20 19.72 25.97
CA PHE A 261 42.46 20.10 27.35
C PHE A 261 42.41 18.85 28.20
N PRO A 262 43.43 18.00 28.14
CA PRO A 262 43.37 16.71 28.83
C PRO A 262 43.46 16.79 30.35
N ARG A 263 43.74 17.97 30.91
CA ARG A 263 43.87 18.13 32.35
C ARG A 263 42.74 18.94 32.96
N SER A 264 41.66 19.15 32.22
CA SER A 264 40.54 19.93 32.72
C SER A 264 39.64 19.06 33.60
N LYS A 265 38.70 19.72 34.30
CA LYS A 265 37.77 18.98 35.15
C LYS A 265 36.89 18.05 34.32
N ALA A 266 36.42 18.52 33.16
CA ALA A 266 35.59 17.69 32.30
C ALA A 266 36.34 16.47 31.80
N SER A 267 37.61 16.64 31.42
CA SER A 267 38.39 15.51 30.93
C SER A 267 38.59 14.47 32.02
N LEU A 268 38.88 14.90 33.25
CA LEU A 268 39.03 13.96 34.35
C LEU A 268 37.72 13.26 34.66
N ALA A 269 36.60 13.99 34.60
CA ALA A 269 35.30 13.35 34.81
C ALA A 269 35.02 12.31 33.75
N PHE A 270 35.36 12.60 32.49
CA PHE A 270 35.17 11.64 31.42
C PHE A 270 36.06 10.42 31.62
N LYS A 271 37.28 10.62 32.10
CA LYS A 271 38.16 9.48 32.38
C LYS A 271 37.58 8.61 33.49
N ALA A 272 37.07 9.22 34.55
CA ALA A 272 36.45 8.46 35.63
C ALA A 272 35.24 7.68 35.14
N VAL A 273 34.39 8.32 34.33
CA VAL A 273 33.20 7.65 33.81
C VAL A 273 33.61 6.49 32.90
N ALA A 274 34.63 6.70 32.07
CA ALA A 274 35.09 5.64 31.18
C ALA A 274 35.63 4.46 31.98
N GLN A 275 36.35 4.72 33.06
CA GLN A 275 36.78 3.64 33.94
C GLN A 275 35.58 2.91 34.52
N LYS A 276 34.55 3.65 34.92
CA LYS A 276 33.33 3.02 35.41
C LYS A 276 32.63 2.23 34.31
N VAL A 277 32.62 2.77 33.08
CA VAL A 277 31.94 2.08 31.98
C VAL A 277 32.67 0.80 31.60
N ASP A 278 34.01 0.81 31.63
CA ASP A 278 34.77 -0.38 31.30
C ASP A 278 34.50 -1.53 32.25
N SER A 279 34.01 -1.25 33.45
CA SER A 279 33.69 -2.27 34.43
C SER A 279 32.28 -2.82 34.28
N TRP A 280 31.51 -2.36 33.30
CA TRP A 280 30.18 -2.88 33.08
C TRP A 280 30.24 -4.32 32.59
N PRO A 281 29.26 -5.15 32.95
CA PRO A 281 29.27 -6.55 32.52
C PRO A 281 29.05 -6.65 31.01
N LEU A 282 29.85 -7.49 30.37
CA LEU A 282 29.73 -7.70 28.94
C LEU A 282 28.46 -8.49 28.62
N PRO A 283 27.87 -8.29 27.44
CA PRO A 283 26.72 -9.09 27.06
C PRO A 283 27.10 -10.54 26.86
N ALA A 284 26.15 -11.43 27.17
CA ALA A 284 26.40 -12.87 27.09
C ALA A 284 25.37 -13.63 26.29
N ASN A 285 24.12 -13.16 26.21
CA ASN A 285 23.07 -13.91 25.55
C ASN A 285 22.32 -12.97 24.60
N PRO A 286 22.00 -13.42 23.39
CA PRO A 286 21.18 -12.60 22.49
C PRO A 286 19.77 -12.47 23.01
N ARG A 287 19.15 -11.35 22.67
CA ARG A 287 17.73 -11.13 22.92
C ARG A 287 16.96 -11.29 21.63
N GLY A 288 15.64 -11.41 21.75
CA GLY A 288 14.83 -11.75 20.60
C GLY A 288 14.75 -10.68 19.52
N HIS A 289 14.93 -9.42 19.89
CA HIS A 289 14.78 -8.32 18.95
C HIS A 289 16.06 -8.08 18.16
N LEU A 290 16.01 -7.13 17.25
CA LEU A 290 17.17 -6.77 16.45
C LEU A 290 18.17 -5.98 17.30
N GLU A 291 19.44 -6.37 17.22
CA GLU A 291 20.47 -5.67 17.97
C GLU A 291 21.80 -5.79 17.23
N PHE A 292 22.72 -4.91 17.58
CA PHE A 292 24.04 -4.91 16.97
C PHE A 292 24.78 -6.21 17.27
N PHE A 293 25.39 -6.78 16.23
CA PHE A 293 26.31 -7.90 16.37
C PHE A 293 25.66 -9.10 17.06
N VAL A 294 24.54 -9.55 16.51
CA VAL A 294 23.91 -10.76 17.06
C VAL A 294 24.77 -11.99 16.73
N GLU A 295 25.59 -11.90 15.69
CA GLU A 295 26.44 -13.03 15.32
C GLU A 295 27.40 -13.38 16.46
N ARG A 296 28.04 -12.37 17.03
CA ARG A 296 28.99 -12.61 18.11
C ARG A 296 28.28 -13.06 19.38
N LEU A 297 27.03 -12.64 19.57
CA LEU A 297 26.26 -13.09 20.73
C LEU A 297 25.73 -14.51 20.57
N VAL A 298 25.63 -15.01 19.33
CA VAL A 298 25.18 -16.38 19.12
C VAL A 298 26.34 -17.36 19.11
N GLN A 299 27.33 -17.16 18.24
CA GLN A 299 28.37 -18.18 18.09
C GLN A 299 29.23 -18.32 19.34
N HIS A 300 29.59 -17.21 19.98
CA HIS A 300 30.53 -17.28 21.09
C HIS A 300 30.04 -18.14 22.25
N PRO A 301 28.78 -18.03 22.72
CA PRO A 301 28.36 -18.96 23.78
C PRO A 301 28.21 -20.39 23.29
N MET B 34 -11.46 41.59 10.96
CA MET B 34 -10.89 40.61 10.05
C MET B 34 -9.61 41.15 9.43
N HIS B 35 -8.56 40.32 9.44
CA HIS B 35 -7.25 40.71 8.95
C HIS B 35 -6.42 39.45 8.74
N PRO B 36 -5.39 39.52 7.92
CA PRO B 36 -4.43 38.40 7.84
C PRO B 36 -3.72 38.22 9.17
N VAL B 37 -3.33 36.97 9.45
CA VAL B 37 -2.69 36.60 10.71
C VAL B 37 -1.23 36.29 10.43
N GLN B 38 -0.33 36.96 11.15
CA GLN B 38 1.09 36.68 11.01
C GLN B 38 1.45 35.41 11.77
N VAL B 39 2.18 34.51 11.11
CA VAL B 39 2.59 33.25 11.69
C VAL B 39 4.12 33.22 11.70
N ILE B 40 4.69 32.95 12.87
CA ILE B 40 6.13 32.96 13.08
C ILE B 40 6.56 31.56 13.48
N ALA B 41 7.46 30.96 12.71
CA ALA B 41 8.00 29.65 13.02
C ALA B 41 9.40 29.81 13.61
N VAL B 42 9.55 29.39 14.85
CA VAL B 42 10.84 29.44 15.53
C VAL B 42 11.52 28.09 15.36
N THR B 43 12.72 28.10 14.80
CA THR B 43 13.39 26.88 14.37
C THR B 43 14.89 27.08 14.52
N GLY B 44 15.68 26.25 13.86
CA GLY B 44 17.12 26.34 13.96
C GLY B 44 17.86 25.01 13.86
N GLY B 45 17.13 23.91 13.88
CA GLY B 45 17.74 22.60 13.68
C GLY B 45 18.56 22.08 14.83
N LYS B 46 19.51 22.87 15.33
CA LYS B 46 20.30 22.49 16.49
C LYS B 46 19.44 22.51 17.74
N GLY B 47 19.52 21.43 18.51
CA GLY B 47 18.81 21.38 19.78
C GLY B 47 19.51 22.16 20.86
N GLY B 48 18.74 22.62 21.83
CA GLY B 48 19.31 23.33 22.96
C GLY B 48 19.80 24.72 22.65
N VAL B 49 19.33 25.33 21.57
CA VAL B 49 19.69 26.71 21.25
C VAL B 49 18.73 27.71 21.85
N GLY B 50 17.65 27.26 22.48
CA GLY B 50 16.72 28.16 23.10
C GLY B 50 15.53 28.51 22.23
N LYS B 51 15.08 27.55 21.41
CA LYS B 51 13.93 27.78 20.57
C LYS B 51 12.67 28.01 21.39
N THR B 52 12.46 27.18 22.43
CA THR B 52 11.26 27.30 23.25
C THR B 52 11.27 28.58 24.08
N ASN B 53 12.43 28.93 24.64
CA ASN B 53 12.52 30.18 25.39
C ASN B 53 12.23 31.38 24.50
N VAL B 54 12.81 31.40 23.30
CA VAL B 54 12.53 32.50 22.38
C VAL B 54 11.06 32.54 22.02
N SER B 55 10.46 31.37 21.75
CA SER B 55 9.04 31.33 21.40
C SER B 55 8.18 31.91 22.53
N VAL B 56 8.38 31.43 23.75
CA VAL B 56 7.54 31.83 24.87
C VAL B 56 7.74 33.31 25.17
N ASN B 57 8.99 33.75 25.25
CA ASN B 57 9.27 35.13 25.64
C ASN B 57 8.84 36.11 24.55
N LEU B 58 9.02 35.73 23.28
CA LEU B 58 8.51 36.56 22.20
C LEU B 58 6.99 36.65 22.24
N ALA B 59 6.33 35.54 22.57
CA ALA B 59 4.87 35.58 22.69
C ALA B 59 4.43 36.54 23.79
N LEU B 60 5.03 36.45 24.97
CA LEU B 60 4.66 37.34 26.05
C LEU B 60 5.01 38.79 25.74
N ALA B 61 6.14 39.04 25.09
CA ALA B 61 6.48 40.41 24.74
C ALA B 61 5.52 41.00 23.72
N LEU B 62 5.14 40.22 22.70
CA LEU B 62 4.19 40.72 21.72
C LEU B 62 2.82 40.93 22.33
N ALA B 63 2.44 40.10 23.30
CA ALA B 63 1.22 40.37 24.05
C ALA B 63 1.34 41.63 24.89
N ASP B 64 2.55 41.93 25.37
CA ASP B 64 2.77 43.15 26.13
C ASP B 64 2.57 44.38 25.24
N LEU B 65 3.07 44.33 24.00
CA LEU B 65 2.82 45.45 23.09
C LEU B 65 1.34 45.62 22.77
N GLY B 66 0.51 44.62 23.02
CA GLY B 66 -0.92 44.73 22.88
C GLY B 66 -1.58 43.89 21.80
N ARG B 67 -1.00 42.76 21.43
CA ARG B 67 -1.58 41.88 20.42
C ARG B 67 -2.16 40.65 21.10
N ARG B 68 -3.20 40.08 20.51
CA ARG B 68 -3.71 38.79 20.95
C ARG B 68 -2.84 37.70 20.32
N VAL B 69 -2.10 36.98 21.15
CA VAL B 69 -1.08 36.05 20.70
C VAL B 69 -1.49 34.64 21.07
N MET B 70 -1.34 33.73 20.12
CA MET B 70 -1.48 32.31 20.37
C MET B 70 -0.14 31.62 20.13
N LEU B 71 0.25 30.77 21.07
CA LEU B 71 1.50 30.03 20.99
C LEU B 71 1.19 28.55 20.82
N LEU B 72 1.77 27.93 19.80
CA LEU B 72 1.54 26.52 19.50
C LEU B 72 2.83 25.75 19.78
N ASP B 73 2.69 24.64 20.50
CA ASP B 73 3.84 23.78 20.81
C ASP B 73 3.90 22.71 19.72
N ALA B 74 4.64 23.01 18.65
CA ALA B 74 4.81 22.07 17.55
C ALA B 74 5.71 20.90 17.92
N ALA B 75 6.35 20.95 19.07
CA ALA B 75 7.08 19.79 19.59
C ALA B 75 6.02 18.78 20.04
N LEU B 76 5.46 18.07 19.06
CA LEU B 76 4.24 17.30 19.32
C LEU B 76 4.50 16.10 20.21
N GLY B 77 5.65 15.44 20.06
CA GLY B 77 5.94 14.29 20.90
C GLY B 77 6.38 14.63 22.30
N LEU B 78 7.01 15.79 22.47
CA LEU B 78 7.57 16.17 23.77
C LEU B 78 7.22 17.64 24.02
N ALA B 79 6.48 17.89 25.09
CA ALA B 79 5.99 19.23 25.39
C ALA B 79 6.92 19.93 26.37
N ASN B 80 7.36 21.13 26.01
CA ASN B 80 8.18 21.94 26.89
C ASN B 80 7.62 23.32 27.18
N VAL B 81 6.66 23.81 26.40
CA VAL B 81 6.05 25.11 26.68
C VAL B 81 5.33 25.07 28.02
N ASP B 82 4.54 24.03 28.24
CA ASP B 82 3.83 23.87 29.51
C ASP B 82 4.79 23.67 30.66
N VAL B 83 5.91 23.00 30.42
CA VAL B 83 6.91 22.82 31.49
C VAL B 83 7.54 24.14 31.89
N LEU B 84 7.95 24.95 30.90
CA LEU B 84 8.60 26.21 31.23
C LEU B 84 7.61 27.20 31.84
N LEU B 85 6.35 27.16 31.43
CA LEU B 85 5.37 28.08 31.97
C LEU B 85 4.69 27.55 33.22
N GLY B 86 4.99 26.32 33.65
CA GLY B 86 4.42 25.78 34.86
C GLY B 86 2.99 25.28 34.73
N LEU B 87 2.51 25.09 33.51
CA LEU B 87 1.13 24.68 33.27
C LEU B 87 1.01 23.16 33.31
N THR B 88 -0.17 22.69 33.74
CA THR B 88 -0.51 21.27 33.78
C THR B 88 -1.83 21.10 33.06
N PRO B 89 -1.81 21.02 31.73
CA PRO B 89 -3.06 20.97 30.97
C PRO B 89 -3.80 19.66 31.18
N LYS B 90 -5.12 19.77 31.33
CA LYS B 90 -5.96 18.58 31.43
C LYS B 90 -6.15 17.90 30.08
N ARG B 91 -6.34 18.67 29.02
CA ARG B 91 -6.43 18.14 27.67
C ARG B 91 -5.35 18.74 26.79
N THR B 92 -4.74 17.92 25.97
CA THR B 92 -3.67 18.31 25.06
C THR B 92 -4.06 17.96 23.63
N LEU B 93 -3.11 18.19 22.69
CA LEU B 93 -3.36 17.91 21.29
C LEU B 93 -3.49 16.42 21.01
N ALA B 94 -2.98 15.56 21.90
CA ALA B 94 -3.22 14.13 21.74
C ALA B 94 -4.70 13.81 21.80
N ASP B 95 -5.44 14.54 22.63
CA ASP B 95 -6.87 14.37 22.69
C ASP B 95 -7.55 14.87 21.42
N VAL B 96 -6.99 15.90 20.78
CA VAL B 96 -7.54 16.38 19.53
C VAL B 96 -7.34 15.37 18.41
N ILE B 97 -6.12 14.85 18.28
CA ILE B 97 -5.84 13.90 17.21
C ILE B 97 -6.56 12.58 17.45
N GLU B 98 -6.63 12.14 18.70
CA GLU B 98 -7.34 10.91 19.01
C GLU B 98 -8.86 11.09 18.98
N GLY B 99 -9.35 12.32 18.85
CA GLY B 99 -10.76 12.56 18.61
C GLY B 99 -11.62 12.70 19.84
N ARG B 100 -11.05 12.73 21.03
CA ARG B 100 -11.88 12.86 22.23
C ARG B 100 -12.43 14.27 22.38
N CYS B 101 -11.75 15.27 21.83
CA CYS B 101 -12.21 16.65 21.95
C CYS B 101 -11.79 17.43 20.72
N GLU B 102 -12.42 18.59 20.54
CA GLU B 102 -12.12 19.46 19.42
C GLU B 102 -10.89 20.30 19.76
N LEU B 103 -10.59 21.29 18.92
CA LEU B 103 -9.39 22.10 19.09
C LEU B 103 -9.61 23.29 20.00
N ARG B 104 -10.83 23.82 20.09
CA ARG B 104 -11.06 25.01 20.88
C ARG B 104 -10.93 24.75 22.37
N ASP B 105 -11.36 23.57 22.84
CA ASP B 105 -11.40 23.33 24.27
C ASP B 105 -10.07 22.88 24.86
N VAL B 106 -9.02 22.75 24.04
CA VAL B 106 -7.69 22.48 24.57
C VAL B 106 -6.88 23.76 24.76
N LEU B 107 -7.42 24.91 24.41
CA LEU B 107 -6.72 26.17 24.64
C LEU B 107 -6.57 26.42 26.14
N LEU B 108 -5.40 26.94 26.53
CA LEU B 108 -5.15 27.35 27.90
C LEU B 108 -4.78 28.83 27.91
N LEU B 109 -5.29 29.55 28.91
CA LEU B 109 -4.94 30.95 29.11
C LEU B 109 -3.62 30.99 29.89
N GLY B 110 -2.53 31.27 29.18
CA GLY B 110 -1.22 31.33 29.78
C GLY B 110 -0.90 32.71 30.32
N PRO B 111 0.36 32.90 30.73
CA PRO B 111 0.76 34.20 31.28
C PRO B 111 0.63 35.31 30.26
N GLY B 112 0.31 36.51 30.74
CA GLY B 112 0.22 37.67 29.89
C GLY B 112 -0.91 37.62 28.89
N GLY B 113 -1.90 36.76 29.10
CA GLY B 113 -3.02 36.64 28.19
C GLY B 113 -2.76 35.80 26.96
N VAL B 114 -1.59 35.20 26.85
CA VAL B 114 -1.26 34.39 25.68
C VAL B 114 -1.99 33.06 25.77
N ARG B 115 -2.66 32.68 24.68
CA ARG B 115 -3.39 31.42 24.63
C ARG B 115 -2.47 30.33 24.08
N ILE B 116 -2.36 29.25 24.83
CA ILE B 116 -1.39 28.18 24.56
C ILE B 116 -2.14 26.98 24.00
N VAL B 117 -1.59 26.39 22.93
CA VAL B 117 -2.03 25.09 22.44
C VAL B 117 -1.04 24.06 22.95
N PRO B 118 -1.41 23.20 23.89
CA PRO B 118 -0.44 22.28 24.48
C PRO B 118 -0.24 21.03 23.63
N ALA B 119 0.97 20.49 23.72
CA ALA B 119 1.35 19.27 23.02
C ALA B 119 1.46 18.12 24.01
N ALA B 120 1.57 16.91 23.47
CA ALA B 120 1.69 15.73 24.31
C ALA B 120 3.13 15.56 24.78
N SER B 121 3.29 14.75 25.82
CA SER B 121 4.59 14.42 26.39
C SER B 121 4.72 12.90 26.41
N GLY B 122 5.40 12.35 25.41
CA GLY B 122 5.60 10.91 25.34
C GLY B 122 4.35 10.10 25.15
N THR B 123 3.46 10.53 24.27
CA THR B 123 2.25 9.78 23.94
C THR B 123 2.49 9.02 22.64
N GLN B 124 2.10 7.74 22.63
CA GLN B 124 2.39 6.87 21.50
C GLN B 124 1.70 7.34 20.22
N SER B 125 0.65 8.14 20.32
CA SER B 125 -0.08 8.63 19.16
C SER B 125 0.48 9.94 18.63
N MET B 126 1.56 10.46 19.21
CA MET B 126 2.12 11.73 18.80
C MET B 126 3.60 11.68 18.49
N VAL B 127 4.25 10.51 18.64
CA VAL B 127 5.69 10.43 18.43
C VAL B 127 6.05 10.77 16.99
N HIS B 128 5.31 10.18 16.04
CA HIS B 128 5.51 10.45 14.63
C HIS B 128 4.15 10.44 13.94
N LEU B 129 3.85 11.49 13.21
CA LEU B 129 2.57 11.61 12.51
C LEU B 129 2.80 11.67 11.01
N SER B 130 1.81 11.15 10.27
CA SER B 130 1.86 11.19 8.83
C SER B 130 1.74 12.63 8.34
N PRO B 131 2.26 12.94 7.14
CA PRO B 131 2.02 14.28 6.58
C PRO B 131 0.56 14.63 6.47
N MET B 132 -0.32 13.63 6.29
CA MET B 132 -1.75 13.89 6.26
C MET B 132 -2.22 14.44 7.60
N GLN B 133 -1.67 13.91 8.70
CA GLN B 133 -2.07 14.38 10.02
C GLN B 133 -1.58 15.80 10.30
N HIS B 134 -0.34 16.11 9.89
CA HIS B 134 0.13 17.48 10.01
C HIS B 134 -0.72 18.43 9.19
N ALA B 135 -1.08 18.02 7.97
CA ALA B 135 -1.95 18.85 7.15
C ALA B 135 -3.29 19.07 7.81
N GLY B 136 -3.88 18.03 8.39
CA GLY B 136 -5.15 18.19 9.07
C GLY B 136 -5.06 19.11 10.28
N LEU B 137 -3.97 18.98 11.06
CA LEU B 137 -3.82 19.82 12.23
C LEU B 137 -3.62 21.28 11.85
N ILE B 138 -2.81 21.54 10.81
CA ILE B 138 -2.62 22.91 10.36
C ILE B 138 -3.93 23.49 9.83
N GLN B 139 -4.68 22.69 9.07
CA GLN B 139 -5.93 23.17 8.49
C GLN B 139 -6.98 23.41 9.56
N ALA B 140 -6.99 22.59 10.62
CA ALA B 140 -7.97 22.75 11.67
C ALA B 140 -7.79 24.03 12.47
N PHE B 141 -6.60 24.64 12.42
CA PHE B 141 -6.37 25.88 13.14
C PHE B 141 -7.20 27.03 12.59
N SER B 142 -7.75 26.89 11.39
CA SER B 142 -8.55 27.94 10.78
C SER B 142 -9.85 28.20 11.55
N ASP B 143 -10.22 27.32 12.48
CA ASP B 143 -11.40 27.54 13.30
C ASP B 143 -11.23 28.67 14.30
N ILE B 144 -10.02 29.20 14.46
CA ILE B 144 -9.73 30.23 15.45
C ILE B 144 -9.67 31.57 14.74
N SER B 145 -10.51 32.51 15.15
CA SER B 145 -10.68 33.78 14.47
C SER B 145 -10.73 34.93 15.47
N ASP B 146 -9.79 34.98 16.41
CA ASP B 146 -9.69 36.09 17.34
C ASP B 146 -8.29 36.62 17.53
N ASN B 147 -7.24 35.85 17.24
CA ASN B 147 -5.89 36.30 17.51
C ASN B 147 -5.50 37.47 16.62
N LEU B 148 -4.73 38.39 17.19
CA LEU B 148 -4.35 39.62 16.49
C LEU B 148 -3.04 39.36 15.76
N ASP B 149 -3.16 38.65 14.65
CA ASP B 149 -2.10 38.42 13.68
C ASP B 149 -0.76 38.03 14.31
N VAL B 150 -0.79 37.26 15.40
CA VAL B 150 0.43 36.62 15.90
C VAL B 150 0.10 35.17 16.22
N LEU B 151 0.80 34.25 15.58
CA LEU B 151 0.76 32.83 15.94
C LEU B 151 2.18 32.32 15.90
N VAL B 152 2.76 32.06 17.06
CA VAL B 152 4.14 31.61 17.18
C VAL B 152 4.15 30.09 17.23
N VAL B 153 4.94 29.49 16.36
CA VAL B 153 5.01 28.04 16.20
C VAL B 153 6.40 27.58 16.63
N ASP B 154 6.45 26.78 17.69
CA ASP B 154 7.71 26.30 18.24
C ASP B 154 8.04 24.93 17.65
N THR B 155 8.84 24.92 16.59
CA THR B 155 9.20 23.67 15.94
C THR B 155 10.18 22.87 16.79
N ALA B 156 10.24 21.58 16.52
CA ALA B 156 11.14 20.67 17.23
C ALA B 156 12.54 20.74 16.66
N ALA B 157 13.48 20.12 17.38
CA ALA B 157 14.85 20.05 16.91
C ALA B 157 14.96 19.14 15.70
N GLY B 158 15.92 19.45 14.84
CA GLY B 158 16.16 18.65 13.66
C GLY B 158 15.51 19.24 12.42
N ILE B 159 15.76 18.56 11.30
CA ILE B 159 15.26 19.00 10.00
C ILE B 159 14.24 18.01 9.48
N GLY B 160 13.52 17.37 10.40
CA GLY B 160 12.59 16.32 10.05
C GLY B 160 11.35 16.85 9.36
N ASP B 161 10.43 15.92 9.06
CA ASP B 161 9.26 16.25 8.27
C ASP B 161 8.34 17.21 9.00
N SER B 162 8.14 17.02 10.31
CA SER B 162 7.27 17.90 11.07
C SER B 162 7.81 19.33 11.09
N VAL B 163 9.12 19.47 11.30
CA VAL B 163 9.73 20.80 11.33
C VAL B 163 9.53 21.51 10.00
N VAL B 164 9.79 20.80 8.89
CA VAL B 164 9.66 21.42 7.57
C VAL B 164 8.21 21.77 7.29
N SER B 165 7.28 20.88 7.68
CA SER B 165 5.86 21.15 7.46
C SER B 165 5.41 22.40 8.20
N PHE B 166 5.85 22.57 9.44
CA PHE B 166 5.42 23.72 10.21
C PHE B 166 6.15 25.00 9.80
N VAL B 167 7.38 24.88 9.30
CA VAL B 167 8.09 26.06 8.81
C VAL B 167 7.51 26.55 7.48
N ARG B 168 7.22 25.63 6.56
CA ARG B 168 6.69 26.04 5.26
C ARG B 168 5.32 26.67 5.38
N ALA B 169 4.55 26.29 6.40
CA ALA B 169 3.21 26.82 6.59
C ALA B 169 3.20 28.20 7.24
N ALA B 170 4.36 28.71 7.65
CA ALA B 170 4.45 29.98 8.35
C ALA B 170 4.95 31.08 7.41
N GLN B 171 4.44 32.29 7.63
CA GLN B 171 4.87 33.42 6.82
C GLN B 171 6.32 33.81 7.11
N GLU B 172 6.68 33.89 8.38
CA GLU B 172 8.03 34.27 8.81
C GLU B 172 8.74 33.06 9.39
N VAL B 173 10.02 32.94 9.08
CA VAL B 173 10.87 31.87 9.59
C VAL B 173 12.01 32.49 10.37
N LEU B 174 11.99 32.32 11.68
CA LEU B 174 13.02 32.86 12.57
C LEU B 174 13.93 31.74 13.03
N LEU B 175 15.21 31.83 12.66
CA LEU B 175 16.19 30.81 12.99
C LEU B 175 16.99 31.27 14.20
N VAL B 176 17.00 30.46 15.26
CA VAL B 176 17.78 30.75 16.45
C VAL B 176 19.11 30.03 16.34
N VAL B 177 20.21 30.79 16.36
CA VAL B 177 21.54 30.27 16.14
C VAL B 177 22.44 30.71 17.29
N CYS B 178 23.35 29.84 17.69
CA CYS B 178 24.37 30.13 18.68
C CYS B 178 25.75 30.10 18.04
N ASP B 179 26.71 30.73 18.72
CA ASP B 179 28.05 30.92 18.18
C ASP B 179 28.88 29.66 18.42
N GLU B 180 28.47 28.58 17.76
CA GLU B 180 29.17 27.31 17.77
C GLU B 180 29.19 26.74 16.37
N PRO B 181 30.24 26.02 15.99
CA PRO B 181 30.27 25.42 14.64
C PRO B 181 29.12 24.47 14.37
N THR B 182 28.69 23.71 15.38
CA THR B 182 27.58 22.79 15.19
C THR B 182 26.28 23.54 14.91
N SER B 183 26.01 24.62 15.64
CA SER B 183 24.79 25.38 15.42
C SER B 183 24.79 26.04 14.05
N ILE B 184 25.93 26.60 13.63
CA ILE B 184 26.03 27.19 12.31
C ILE B 184 25.81 26.13 11.23
N THR B 185 26.42 24.96 11.41
CA THR B 185 26.25 23.89 10.43
C THR B 185 24.80 23.43 10.34
N ASP B 186 24.13 23.27 11.49
CA ASP B 186 22.74 22.83 11.48
C ASP B 186 21.82 23.88 10.86
N ALA B 187 22.03 25.16 11.18
CA ALA B 187 21.24 26.22 10.58
C ALA B 187 21.46 26.27 9.08
N TYR B 188 22.71 26.14 8.64
CA TYR B 188 23.00 26.12 7.21
C TYR B 188 22.35 24.92 6.54
N ALA B 189 22.34 23.77 7.22
CA ALA B 189 21.69 22.58 6.65
C ALA B 189 20.19 22.79 6.50
N LEU B 190 19.55 23.38 7.50
CA LEU B 190 18.12 23.65 7.40
C LEU B 190 17.82 24.64 6.29
N ILE B 191 18.63 25.69 6.17
CA ILE B 191 18.45 26.67 5.11
C ILE B 191 18.65 26.02 3.74
N LYS B 192 19.68 25.19 3.61
CA LYS B 192 19.95 24.52 2.35
C LYS B 192 18.83 23.56 1.97
N LEU B 193 18.32 22.81 2.96
CA LEU B 193 17.19 21.93 2.70
C LEU B 193 15.99 22.72 2.18
N LEU B 194 15.61 23.78 2.90
CA LEU B 194 14.44 24.55 2.51
C LEU B 194 14.62 25.18 1.15
N ASN B 195 15.78 25.77 0.89
CA ASN B 195 16.01 26.45 -0.38
C ASN B 195 16.07 25.46 -1.53
N ARG B 196 16.71 24.31 -1.34
CA ARG B 196 16.88 23.37 -2.43
C ARG B 196 15.58 22.66 -2.77
N ASP B 197 14.84 22.21 -1.76
CA ASP B 197 13.69 21.36 -1.99
C ASP B 197 12.36 22.10 -1.90
N HIS B 198 12.35 23.39 -1.55
CA HIS B 198 11.12 24.13 -1.47
C HIS B 198 11.22 25.55 -1.98
N GLY B 199 12.40 26.01 -2.40
CA GLY B 199 12.53 27.32 -3.00
C GLY B 199 12.42 28.49 -2.05
N MET B 200 12.55 28.26 -0.75
CA MET B 200 12.50 29.36 0.20
C MET B 200 13.79 30.16 0.14
N THR B 201 13.67 31.49 0.24
CA THR B 201 14.80 32.37 0.08
C THR B 201 14.91 33.45 1.15
N ARG B 202 13.91 33.66 1.99
CA ARG B 202 13.93 34.71 2.98
C ARG B 202 13.95 34.09 4.38
N PHE B 203 14.96 34.43 5.17
CA PHE B 203 15.13 33.88 6.50
C PHE B 203 15.52 34.97 7.48
N ARG B 204 14.93 34.90 8.67
CA ARG B 204 15.30 35.76 9.78
C ARG B 204 16.20 34.98 10.73
N VAL B 205 17.25 35.65 11.23
CA VAL B 205 18.24 35.00 12.08
C VAL B 205 18.32 35.76 13.39
N LEU B 206 18.20 35.04 14.49
CA LEU B 206 18.30 35.60 15.83
C LEU B 206 19.38 34.86 16.60
N ALA B 207 20.33 35.62 17.16
CA ALA B 207 21.42 35.04 17.93
C ALA B 207 21.02 34.88 19.39
N ASN B 208 21.35 33.73 19.96
CA ASN B 208 21.03 33.42 21.35
C ASN B 208 22.29 32.98 22.08
N MET B 209 22.31 33.23 23.39
CA MET B 209 23.44 32.92 24.25
C MET B 209 24.74 33.50 23.70
N ALA B 210 24.70 34.78 23.35
CA ALA B 210 25.88 35.51 22.93
C ALA B 210 26.36 36.39 24.06
N HIS B 211 27.68 36.38 24.29
CA HIS B 211 28.29 37.10 25.39
C HIS B 211 28.69 38.52 25.04
N SER B 212 28.39 38.99 23.83
CA SER B 212 28.64 40.36 23.42
C SER B 212 27.86 40.62 22.13
N PRO B 213 27.44 41.87 21.87
CA PRO B 213 26.78 42.15 20.58
C PRO B 213 27.68 41.87 19.39
N GLN B 214 28.98 42.11 19.54
CA GLN B 214 29.92 41.75 18.49
C GLN B 214 29.90 40.26 18.22
N GLU B 215 29.64 39.45 19.25
CA GLU B 215 29.52 38.01 19.04
C GLU B 215 28.35 37.68 18.11
N GLY B 216 27.21 38.32 18.33
CA GLY B 216 26.07 38.11 17.44
C GLY B 216 26.34 38.59 16.03
N ARG B 217 26.97 39.75 15.90
CA ARG B 217 27.31 40.25 14.56
C ARG B 217 28.25 39.30 13.84
N ASN B 218 29.27 38.80 14.55
CA ASN B 218 30.21 37.87 13.94
C ASN B 218 29.54 36.55 13.57
N LEU B 219 28.62 36.07 14.41
CA LEU B 219 27.90 34.84 14.11
C LEU B 219 27.08 35.01 12.84
N PHE B 220 26.38 36.13 12.72
CA PHE B 220 25.65 36.42 11.49
C PHE B 220 26.60 36.49 10.30
N ALA B 221 27.77 37.09 10.49
CA ALA B 221 28.73 37.20 9.39
C ALA B 221 29.17 35.82 8.91
N LYS B 222 29.44 34.90 9.85
CA LYS B 222 29.86 33.56 9.48
C LYS B 222 28.75 32.81 8.74
N LEU B 223 27.52 32.90 9.26
CA LEU B 223 26.41 32.21 8.62
C LEU B 223 26.17 32.75 7.21
N THR B 224 26.20 34.07 7.05
CA THR B 224 26.03 34.66 5.73
C THR B 224 27.18 34.32 4.81
N LYS B 225 28.41 34.20 5.35
CA LYS B 225 29.54 33.83 4.51
C LYS B 225 29.34 32.44 3.92
N VAL B 226 28.94 31.49 4.76
CA VAL B 226 28.70 30.13 4.25
C VAL B 226 27.57 30.13 3.22
N THR B 227 26.46 30.79 3.55
CA THR B 227 25.31 30.77 2.64
C THR B 227 25.65 31.42 1.30
N ASP B 228 26.34 32.56 1.32
CA ASP B 228 26.73 33.21 0.07
C ASP B 228 27.72 32.37 -0.71
N ARG B 229 28.61 31.65 0.00
CA ARG B 229 29.55 30.80 -0.70
C ARG B 229 28.85 29.67 -1.43
N PHE B 230 27.74 29.15 -0.89
CA PHE B 230 27.07 28.04 -1.58
C PHE B 230 25.68 28.36 -2.12
N LEU B 231 24.93 29.26 -1.51
CA LEU B 231 23.54 29.47 -1.87
C LEU B 231 23.29 30.92 -2.26
N ASP B 232 22.06 31.18 -2.71
CA ASP B 232 21.57 32.51 -3.04
C ASP B 232 20.27 32.76 -2.29
N VAL B 233 20.39 33.14 -1.01
CA VAL B 233 19.24 33.35 -0.15
C VAL B 233 19.44 34.65 0.62
N ALA B 234 18.35 35.14 1.22
CA ALA B 234 18.31 36.43 1.89
C ALA B 234 18.21 36.23 3.39
N LEU B 235 19.27 36.56 4.12
CA LEU B 235 19.31 36.48 5.57
C LEU B 235 19.19 37.87 6.17
N GLN B 236 18.23 38.04 7.08
CA GLN B 236 18.00 39.32 7.74
C GLN B 236 18.28 39.16 9.23
N TYR B 237 19.19 39.99 9.74
CA TYR B 237 19.53 39.96 11.16
C TYR B 237 18.44 40.64 11.98
N VAL B 238 17.95 39.93 13.00
CA VAL B 238 16.89 40.43 13.86
C VAL B 238 17.45 41.05 15.14
N GLY B 239 18.37 40.36 15.79
CA GLY B 239 18.93 40.88 17.03
C GLY B 239 19.73 39.80 17.73
N VAL B 240 20.01 40.06 19.00
CA VAL B 240 20.80 39.17 19.83
C VAL B 240 20.16 39.08 21.21
N ILE B 241 20.08 37.88 21.75
CA ILE B 241 19.63 37.64 23.12
C ILE B 241 20.85 37.26 23.95
N PRO B 242 21.25 38.06 24.93
CA PRO B 242 22.48 37.80 25.67
C PRO B 242 22.36 36.56 26.55
N TYR B 243 23.52 35.97 26.84
CA TYR B 243 23.58 34.92 27.84
C TYR B 243 23.29 35.52 29.21
N ASP B 244 22.20 35.08 29.82
CA ASP B 244 21.75 35.66 31.07
C ASP B 244 21.31 34.54 31.99
N GLU B 245 21.84 34.55 33.23
CA GLU B 245 21.50 33.52 34.19
C GLU B 245 20.11 33.70 34.77
N SER B 246 19.49 34.87 34.57
CA SER B 246 18.10 35.04 34.94
C SER B 246 17.20 34.09 34.16
N VAL B 247 17.57 33.77 32.92
CA VAL B 247 16.84 32.76 32.17
C VAL B 247 16.92 31.42 32.87
N ARG B 248 18.11 31.05 33.35
CA ARG B 248 18.26 29.79 34.05
C ARG B 248 17.44 29.76 35.34
N LYS B 249 17.43 30.87 36.09
CA LYS B 249 16.59 30.93 37.28
C LYS B 249 15.11 30.80 36.92
N ALA B 250 14.70 31.43 35.81
CA ALA B 250 13.30 31.33 35.40
C ALA B 250 12.93 29.91 35.03
N VAL B 251 13.82 29.21 34.32
CA VAL B 251 13.58 27.81 33.97
C VAL B 251 13.49 26.96 35.23
N GLN B 252 14.37 27.21 36.19
CA GLN B 252 14.32 26.46 37.45
C GLN B 252 13.02 26.72 38.20
N LYS B 253 12.54 27.95 38.17
CA LYS B 253 11.28 28.32 38.81
C LYS B 253 10.06 27.91 38.00
N GLN B 254 10.26 27.40 36.78
CA GLN B 254 9.16 27.05 35.87
C GLN B 254 8.27 28.25 35.59
N ARG B 255 8.90 29.39 35.32
CA ARG B 255 8.20 30.58 34.87
C ARG B 255 9.04 31.23 33.78
N ALA B 256 8.46 32.23 33.12
CA ALA B 256 9.11 32.87 31.97
C ALA B 256 9.98 34.03 32.44
N VAL B 257 11.14 34.17 31.79
CA VAL B 257 12.09 35.23 32.17
C VAL B 257 11.48 36.60 31.95
N TYR B 258 10.55 36.72 30.99
CA TYR B 258 9.92 38.02 30.76
C TYR B 258 9.05 38.43 31.93
N GLU B 259 8.35 37.49 32.55
CA GLU B 259 7.49 37.81 33.68
C GLU B 259 8.15 37.61 35.03
N ALA B 260 9.08 36.66 35.15
CA ALA B 260 9.75 36.45 36.43
C ALA B 260 10.78 37.54 36.69
N PHE B 261 11.55 37.92 35.69
CA PHE B 261 12.60 38.94 35.80
C PHE B 261 12.41 39.93 34.67
N PRO B 262 11.42 40.80 34.77
CA PRO B 262 11.09 41.69 33.64
C PRO B 262 12.12 42.78 33.38
N ARG B 263 13.10 42.96 34.26
CA ARG B 263 14.09 44.02 34.11
C ARG B 263 15.48 43.49 33.77
N SER B 264 15.58 42.22 33.39
CA SER B 264 16.87 41.62 33.09
C SER B 264 17.29 41.97 31.66
N LYS B 265 18.56 41.67 31.34
CA LYS B 265 19.06 41.94 30.01
C LYS B 265 18.31 41.11 28.96
N ALA B 266 18.04 39.84 29.27
CA ALA B 266 17.32 38.99 28.34
C ALA B 266 15.90 39.50 28.08
N SER B 267 15.22 39.96 29.14
CA SER B 267 13.87 40.48 28.97
C SER B 267 13.86 41.72 28.10
N LEU B 268 14.82 42.63 28.31
CA LEU B 268 14.90 43.83 27.48
C LEU B 268 15.23 43.47 26.03
N ALA B 269 16.10 42.49 25.82
CA ALA B 269 16.41 42.06 24.46
C ALA B 269 15.18 41.48 23.79
N PHE B 270 14.39 40.69 24.53
CA PHE B 270 13.16 40.14 23.97
C PHE B 270 12.17 41.24 23.64
N LYS B 271 12.08 42.27 24.48
CA LYS B 271 11.20 43.40 24.20
C LYS B 271 11.63 44.13 22.93
N ALA B 272 12.93 44.35 22.77
CA ALA B 272 13.43 45.01 21.56
C ALA B 272 13.15 44.17 20.32
N VAL B 273 13.37 42.86 20.41
CA VAL B 273 13.11 41.99 19.27
C VAL B 273 11.63 41.99 18.93
N ALA B 274 10.77 41.95 19.94
CA ALA B 274 9.33 41.96 19.71
C ALA B 274 8.89 43.25 19.05
N GLN B 275 9.46 44.39 19.47
CA GLN B 275 9.19 45.63 18.78
C GLN B 275 9.63 45.56 17.32
N LYS B 276 10.79 44.95 17.07
CA LYS B 276 11.23 44.76 15.70
C LYS B 276 10.31 43.81 14.94
N VAL B 277 9.83 42.76 15.60
CA VAL B 277 8.96 41.79 14.94
C VAL B 277 7.61 42.40 14.58
N ASP B 278 7.08 43.25 15.47
CA ASP B 278 5.79 43.89 15.20
C ASP B 278 5.85 44.78 13.96
N SER B 279 7.03 45.23 13.57
CA SER B 279 7.20 46.07 12.39
C SER B 279 7.35 45.26 11.10
N TRP B 280 7.29 43.94 11.17
CA TRP B 280 7.38 43.13 9.98
C TRP B 280 6.14 43.31 9.12
N PRO B 281 6.28 43.22 7.79
CA PRO B 281 5.12 43.38 6.92
C PRO B 281 4.15 42.22 7.05
N LEU B 282 2.87 42.54 7.16
CA LEU B 282 1.85 41.51 7.28
C LEU B 282 1.68 40.77 5.96
N PRO B 283 1.25 39.51 6.00
CA PRO B 283 0.99 38.79 4.75
C PRO B 283 -0.19 39.40 4.01
N ALA B 284 -0.13 39.33 2.69
CA ALA B 284 -1.17 39.92 1.84
C ALA B 284 -1.72 38.98 0.79
N ASN B 285 -0.96 37.99 0.32
CA ASN B 285 -1.41 37.12 -0.75
C ASN B 285 -1.14 35.67 -0.35
N PRO B 286 -2.07 34.76 -0.61
CA PRO B 286 -1.80 33.34 -0.36
C PRO B 286 -0.78 32.78 -1.33
N ARG B 287 -0.05 31.78 -0.87
CA ARG B 287 0.85 31.01 -1.71
C ARG B 287 0.21 29.66 -2.03
N GLY B 288 0.79 28.96 -3.00
CA GLY B 288 0.16 27.76 -3.51
C GLY B 288 0.13 26.59 -2.55
N HIS B 289 1.06 26.55 -1.59
CA HIS B 289 1.18 25.41 -0.70
C HIS B 289 0.26 25.56 0.51
N LEU B 290 0.26 24.55 1.37
CA LEU B 290 -0.53 24.58 2.59
C LEU B 290 0.11 25.54 3.60
N GLU B 291 -0.72 26.39 4.21
CA GLU B 291 -0.23 27.31 5.22
C GLU B 291 -1.35 27.69 6.16
N PHE B 292 -0.97 28.19 7.33
CA PHE B 292 -1.94 28.59 8.34
C PHE B 292 -2.85 29.70 7.83
N PHE B 293 -4.15 29.53 8.09
CA PHE B 293 -5.14 30.58 7.87
C PHE B 293 -5.15 31.07 6.42
N VAL B 294 -5.31 30.14 5.48
CA VAL B 294 -5.44 30.55 4.08
C VAL B 294 -6.77 31.26 3.86
N GLU B 295 -7.76 31.01 4.72
CA GLU B 295 -9.06 31.65 4.57
C GLU B 295 -8.95 33.16 4.68
N ARG B 296 -8.22 33.64 5.69
CA ARG B 296 -8.05 35.07 5.89
C ARG B 296 -7.20 35.68 4.80
N LEU B 297 -6.29 34.90 4.21
CA LEU B 297 -5.46 35.39 3.13
C LEU B 297 -6.21 35.41 1.79
N VAL B 298 -7.30 34.65 1.67
CA VAL B 298 -8.10 34.68 0.44
C VAL B 298 -9.20 35.73 0.52
N GLN B 299 -10.07 35.66 1.52
CA GLN B 299 -11.23 36.54 1.53
C GLN B 299 -10.86 38.01 1.70
N HIS B 300 -9.90 38.31 2.57
CA HIS B 300 -9.61 39.71 2.87
C HIS B 300 -9.17 40.51 1.65
N PRO B 301 -8.25 40.03 0.79
CA PRO B 301 -7.94 40.83 -0.40
C PRO B 301 -9.10 40.88 -1.40
N GLU C 6 13.47 -52.34 30.23
CA GLU C 6 13.74 -51.44 31.35
C GLU C 6 13.62 -52.16 32.68
N THR C 7 12.42 -52.61 33.00
CA THR C 7 12.12 -53.30 34.24
C THR C 7 11.68 -54.72 33.94
N LYS C 8 12.20 -55.68 34.70
CA LYS C 8 11.94 -57.08 34.47
C LYS C 8 10.75 -57.55 35.30
N LEU C 9 10.25 -58.73 34.95
CA LEU C 9 9.18 -59.39 35.69
C LEU C 9 9.65 -60.77 36.13
N LEU C 10 9.15 -61.20 37.29
CA LEU C 10 9.48 -62.50 37.86
C LEU C 10 8.19 -63.32 37.93
N LEU C 11 8.17 -64.45 37.24
CA LEU C 11 7.05 -65.39 37.36
C LEU C 11 7.55 -66.62 38.11
N ILE C 12 6.91 -66.92 39.23
CA ILE C 12 7.28 -68.05 40.08
C ILE C 12 6.19 -69.10 39.93
N ASP C 13 6.51 -70.19 39.24
CA ASP C 13 5.54 -71.25 39.02
C ASP C 13 6.27 -72.57 38.83
N ASP C 14 5.84 -73.60 39.56
CA ASP C 14 6.35 -74.95 39.37
C ASP C 14 5.52 -75.73 38.37
N ASN C 15 4.42 -75.17 37.88
CA ASN C 15 3.60 -75.78 36.84
C ASN C 15 4.15 -75.35 35.49
N LEU C 16 4.86 -76.25 34.82
CA LEU C 16 5.57 -75.88 33.60
C LEU C 16 4.61 -75.52 32.48
N ASP C 17 3.46 -76.21 32.40
CA ASP C 17 2.51 -75.91 31.33
C ASP C 17 1.98 -74.50 31.45
N ARG C 18 1.52 -74.12 32.64
CA ARG C 18 1.04 -72.76 32.87
C ARG C 18 2.18 -71.76 32.81
N SER C 19 3.39 -72.16 33.21
CA SER C 19 4.54 -71.27 33.13
C SER C 19 4.85 -70.90 31.68
N ARG C 20 4.81 -71.88 30.78
CA ARG C 20 5.01 -71.58 29.37
C ARG C 20 3.87 -70.75 28.80
N ASP C 21 2.65 -71.01 29.29
CA ASP C 21 1.50 -70.23 28.85
C ASP C 21 1.69 -68.74 29.12
N LEU C 22 2.05 -68.39 30.35
CA LEU C 22 2.27 -66.98 30.68
C LEU C 22 3.51 -66.45 29.98
N ALA C 23 4.54 -67.29 29.82
CA ALA C 23 5.79 -66.83 29.23
C ALA C 23 5.59 -66.33 27.80
N VAL C 24 4.81 -67.08 27.01
CA VAL C 24 4.53 -66.65 25.64
C VAL C 24 3.59 -65.45 25.62
N ILE C 25 2.67 -65.35 26.58
CA ILE C 25 1.73 -64.24 26.61
C ILE C 25 2.46 -62.93 26.87
N LEU C 26 3.31 -62.90 27.90
CA LEU C 26 4.07 -61.69 28.21
C LEU C 26 5.06 -61.36 27.09
N ASN C 27 5.65 -62.39 26.48
CA ASN C 27 6.52 -62.15 25.33
C ASN C 27 5.75 -61.52 24.18
N PHE C 28 4.53 -61.99 23.92
CA PHE C 28 3.67 -61.37 22.93
C PHE C 28 3.32 -59.95 23.33
N LEU C 29 3.00 -59.73 24.59
CA LEU C 29 2.53 -58.45 25.10
C LEU C 29 3.67 -57.45 25.26
N GLY C 30 4.90 -57.82 24.88
CA GLY C 30 6.03 -56.92 24.97
C GLY C 30 6.50 -56.63 26.38
N GLU C 31 6.48 -57.61 27.25
CA GLU C 31 6.92 -57.46 28.63
C GLU C 31 8.13 -58.36 28.87
N ASP C 32 9.18 -57.81 29.44
CA ASP C 32 10.39 -58.56 29.71
C ASP C 32 10.24 -59.34 31.01
N GLN C 33 10.60 -60.63 30.97
CA GLN C 33 10.45 -61.49 32.13
C GLN C 33 11.57 -62.51 32.14
N LEU C 34 11.79 -63.11 33.30
CA LEU C 34 12.76 -64.18 33.47
C LEU C 34 12.04 -65.38 34.07
N THR C 35 12.13 -66.52 33.38
CA THR C 35 11.48 -67.73 33.86
C THR C 35 12.18 -68.25 35.12
N CYS C 36 11.40 -68.55 36.14
CA CYS C 36 11.94 -69.00 37.42
C CYS C 36 11.10 -70.13 37.97
N ASN C 37 11.72 -70.92 38.85
CA ASN C 37 11.04 -71.94 39.62
C ASN C 37 11.40 -71.78 41.09
N SER C 38 10.73 -72.55 41.93
CA SER C 38 10.81 -72.34 43.37
C SER C 38 12.18 -72.67 43.96
N GLU C 39 13.06 -73.33 43.21
CA GLU C 39 14.37 -73.71 43.74
C GLU C 39 15.54 -72.98 43.10
N ASP C 40 15.35 -72.38 41.93
CA ASP C 40 16.43 -71.66 41.25
C ASP C 40 16.16 -70.17 41.14
N TRP C 41 15.10 -69.66 41.77
CA TRP C 41 14.80 -68.25 41.69
C TRP C 41 15.80 -67.38 42.44
N ARG C 42 16.49 -67.95 43.44
CA ARG C 42 17.51 -67.19 44.14
C ARG C 42 18.64 -66.81 43.20
N GLU C 43 19.05 -67.74 42.32
CA GLU C 43 20.08 -67.43 41.34
C GLU C 43 19.61 -66.36 40.37
N VAL C 44 18.36 -66.42 39.96
CA VAL C 44 17.80 -65.37 39.11
C VAL C 44 17.77 -64.04 39.86
N ALA C 45 17.38 -64.08 41.14
CA ALA C 45 17.39 -62.86 41.94
C ALA C 45 18.80 -62.29 42.06
N ALA C 46 19.79 -63.16 42.23
CA ALA C 46 21.17 -62.71 42.23
C ALA C 46 21.56 -62.11 40.90
N GLY C 47 20.95 -62.55 39.81
CA GLY C 47 21.19 -61.97 38.51
C GLY C 47 20.55 -60.62 38.31
N LEU C 48 19.57 -60.27 39.16
CA LEU C 48 18.95 -58.96 39.09
C LEU C 48 19.88 -57.89 39.63
N SER C 49 19.85 -56.71 39.01
CA SER C 49 20.70 -55.61 39.45
C SER C 49 20.31 -55.15 40.85
N ASN C 50 19.02 -55.08 41.15
CA ASN C 50 18.54 -54.63 42.44
C ASN C 50 17.10 -55.10 42.62
N SER C 51 16.56 -54.82 43.81
CA SER C 51 15.15 -55.12 44.06
C SER C 51 14.21 -54.21 43.28
N ARG C 52 14.68 -53.03 42.88
CA ARG C 52 13.85 -52.11 42.11
C ARG C 52 13.51 -52.66 40.73
N GLU C 53 14.42 -53.43 40.14
CA GLU C 53 14.22 -53.95 38.79
C GLU C 53 13.10 -54.99 38.72
N ALA C 54 12.61 -55.47 39.86
CA ALA C 54 11.52 -56.43 39.90
C ALA C 54 10.21 -55.66 40.09
N LEU C 55 9.44 -55.53 39.00
CA LEU C 55 8.17 -54.82 39.08
C LEU C 55 7.17 -55.55 39.97
N CYS C 56 7.03 -56.85 39.78
CA CYS C 56 6.08 -57.66 40.53
C CYS C 56 6.46 -59.11 40.34
N VAL C 57 5.79 -59.98 41.09
CA VAL C 57 5.99 -61.42 40.96
C VAL C 57 4.66 -62.09 40.71
N LEU C 58 4.63 -63.00 39.75
CA LEU C 58 3.43 -63.76 39.41
C LEU C 58 3.56 -65.13 40.05
N LEU C 59 2.81 -65.36 41.12
CA LEU C 59 2.93 -66.58 41.90
C LEU C 59 1.97 -67.63 41.38
N GLY C 60 2.50 -68.83 41.13
CA GLY C 60 1.70 -69.95 40.68
C GLY C 60 1.77 -71.12 41.63
N SER C 61 1.57 -72.33 41.11
CA SER C 61 1.66 -73.52 41.94
C SER C 61 3.09 -73.70 42.44
N VAL C 62 3.22 -74.02 43.72
CA VAL C 62 4.51 -74.23 44.37
C VAL C 62 4.54 -75.61 44.99
N GLU C 63 5.63 -76.33 44.78
CA GLU C 63 5.81 -77.67 45.35
C GLU C 63 6.98 -77.72 46.34
N SER C 64 7.62 -76.59 46.62
CA SER C 64 8.70 -76.57 47.59
C SER C 64 8.14 -76.77 49.00
N LYS C 65 9.00 -77.26 49.89
CA LYS C 65 8.57 -77.60 51.24
C LYS C 65 8.09 -76.36 51.98
N GLY C 66 6.94 -76.50 52.64
CA GLY C 66 6.37 -75.42 53.42
C GLY C 66 5.10 -74.84 52.82
N GLY C 67 5.07 -74.69 51.51
CA GLY C 67 3.89 -74.17 50.83
C GLY C 67 4.05 -72.74 50.37
N ALA C 68 2.94 -72.21 49.85
CA ALA C 68 2.92 -70.83 49.37
C ALA C 68 3.06 -69.83 50.51
N VAL C 69 2.56 -70.18 51.71
CA VAL C 69 2.61 -69.26 52.84
C VAL C 69 4.06 -68.94 53.21
N GLU C 70 4.90 -69.97 53.31
CA GLU C 70 6.30 -69.72 53.61
C GLU C 70 7.03 -69.10 52.42
N LEU C 71 6.62 -69.45 51.20
CA LEU C 71 7.28 -68.92 50.02
C LEU C 71 7.18 -67.39 49.98
N LEU C 72 6.02 -66.86 50.35
CA LEU C 72 5.88 -65.42 50.43
C LEU C 72 6.77 -64.84 51.53
N LYS C 73 7.16 -65.65 52.52
CA LYS C 73 8.01 -65.15 53.60
C LYS C 73 9.38 -64.71 53.09
N GLN C 74 10.09 -65.58 52.35
CA GLN C 74 11.44 -65.17 51.98
C GLN C 74 11.46 -64.19 50.81
N LEU C 75 10.42 -64.16 49.97
CA LEU C 75 10.24 -63.01 49.09
C LEU C 75 9.96 -61.75 49.90
N ALA C 76 9.20 -61.87 50.98
CA ALA C 76 9.02 -60.72 51.88
C ALA C 76 10.35 -60.32 52.50
N SER C 77 11.15 -61.29 52.94
CA SER C 77 12.50 -60.97 53.41
C SER C 77 13.35 -60.42 52.27
N TRP C 78 13.12 -60.89 51.05
CA TRP C 78 13.80 -60.30 49.89
C TRP C 78 13.41 -58.84 49.71
N ASP C 79 12.11 -58.54 49.81
CA ASP C 79 11.64 -57.17 49.72
C ASP C 79 10.21 -57.11 50.23
N GLU C 80 9.93 -56.09 51.05
CA GLU C 80 8.56 -55.86 51.51
C GLU C 80 7.75 -55.03 50.51
N TYR C 81 8.42 -54.26 49.66
CA TYR C 81 7.75 -53.38 48.70
C TYR C 81 7.48 -54.07 47.37
N LEU C 82 7.83 -55.35 47.23
CA LEU C 82 7.64 -56.06 45.97
C LEU C 82 6.25 -56.66 45.93
N PRO C 83 5.38 -56.24 45.01
CA PRO C 83 4.00 -56.71 45.01
C PRO C 83 3.90 -58.14 44.48
N ILE C 84 2.78 -58.77 44.81
CA ILE C 84 2.51 -60.16 44.47
C ILE C 84 1.12 -60.27 43.86
N LEU C 85 1.01 -61.05 42.79
CA LEU C 85 -0.29 -61.40 42.22
C LEU C 85 -0.32 -62.89 41.92
N LEU C 86 -1.45 -63.53 42.24
CA LEU C 86 -1.60 -64.96 42.03
C LEU C 86 -2.03 -65.25 40.59
N ILE C 87 -1.44 -66.29 40.01
CA ILE C 87 -1.74 -66.71 38.65
C ILE C 87 -2.45 -68.05 38.73
N GLY C 88 -3.68 -68.09 38.22
CA GLY C 88 -4.45 -69.34 38.21
C GLY C 88 -4.74 -69.89 39.58
N GLU C 89 -4.94 -69.03 40.58
CA GLU C 89 -5.26 -69.46 41.93
C GLU C 89 -6.37 -68.55 42.46
N PRO C 90 -7.40 -69.12 43.08
CA PRO C 90 -8.49 -68.28 43.59
C PRO C 90 -8.03 -67.36 44.70
N ALA C 91 -8.86 -66.35 44.97
CA ALA C 91 -8.55 -65.39 46.02
C ALA C 91 -8.49 -66.09 47.37
N PRO C 92 -7.47 -65.84 48.18
CA PRO C 92 -7.37 -66.55 49.46
C PRO C 92 -8.45 -66.12 50.45
N ALA C 93 -8.78 -67.04 51.35
CA ALA C 93 -9.75 -66.78 52.40
C ALA C 93 -9.25 -67.19 53.78
N ASP C 94 -8.08 -67.81 53.88
CA ASP C 94 -7.52 -68.23 55.15
C ASP C 94 -6.05 -67.89 55.32
N TRP C 95 -5.40 -67.29 54.32
CA TRP C 95 -4.00 -66.90 54.46
C TRP C 95 -3.87 -65.76 55.47
N PRO C 96 -2.69 -65.57 56.05
CA PRO C 96 -2.52 -64.55 57.09
C PRO C 96 -2.85 -63.16 56.59
N GLU C 97 -3.42 -62.35 57.49
CA GLU C 97 -3.84 -60.99 57.13
C GLU C 97 -2.66 -60.06 56.91
N GLU C 98 -1.51 -60.38 57.50
CA GLU C 98 -0.35 -59.49 57.40
C GLU C 98 0.11 -59.33 55.96
N LEU C 99 -0.19 -60.30 55.10
CA LEU C 99 0.27 -60.32 53.73
C LEU C 99 -0.78 -59.83 52.74
N ARG C 100 -1.95 -59.39 53.21
CA ARG C 100 -3.03 -59.01 52.31
C ARG C 100 -3.00 -57.54 51.91
N ARG C 101 -2.00 -56.78 52.36
CA ARG C 101 -1.76 -55.46 51.80
C ARG C 101 -0.86 -55.51 50.56
N ARG C 102 -0.45 -56.70 50.14
CA ARG C 102 0.38 -56.85 48.95
C ARG C 102 -0.24 -57.70 47.85
N VAL C 103 -1.34 -58.40 48.12
CA VAL C 103 -2.09 -59.09 47.07
C VAL C 103 -2.91 -58.04 46.31
N LEU C 104 -2.40 -57.64 45.15
CA LEU C 104 -3.08 -56.60 44.38
C LEU C 104 -4.33 -57.15 43.68
N ALA C 105 -4.22 -58.32 43.08
CA ALA C 105 -5.34 -58.95 42.40
C ALA C 105 -5.06 -60.43 42.25
N SER C 106 -6.11 -61.19 41.99
CA SER C 106 -6.03 -62.63 41.77
C SER C 106 -6.48 -62.93 40.35
N LEU C 107 -5.53 -63.28 39.49
CA LEU C 107 -5.81 -63.58 38.09
C LEU C 107 -6.01 -65.08 37.92
N GLU C 108 -6.77 -65.44 36.89
CA GLU C 108 -7.07 -66.84 36.59
C GLU C 108 -6.57 -67.19 35.20
N MET C 109 -6.03 -68.39 35.05
CA MET C 109 -5.54 -68.87 33.77
C MET C 109 -6.70 -69.49 32.99
N PRO C 110 -6.86 -69.16 31.70
CA PRO C 110 -6.07 -68.21 30.91
C PRO C 110 -6.41 -66.77 31.25
N PRO C 111 -5.43 -65.88 31.32
CA PRO C 111 -5.70 -64.50 31.69
C PRO C 111 -6.34 -63.73 30.54
N SER C 112 -6.92 -62.59 30.89
CA SER C 112 -7.53 -61.70 29.93
C SER C 112 -6.67 -60.46 29.74
N TYR C 113 -6.79 -59.85 28.56
CA TYR C 113 -5.97 -58.68 28.26
C TYR C 113 -6.29 -57.53 29.20
N ASN C 114 -7.57 -57.29 29.47
CA ASN C 114 -7.93 -56.11 30.27
C ASN C 114 -7.38 -56.21 31.68
N LYS C 115 -7.72 -57.28 32.40
CA LYS C 115 -7.33 -57.37 33.80
C LYS C 115 -5.84 -57.60 33.98
N LEU C 116 -5.14 -58.09 32.96
CA LEU C 116 -3.68 -58.19 33.05
C LEU C 116 -3.04 -56.81 33.08
N LEU C 117 -3.46 -55.91 32.20
CA LEU C 117 -2.91 -54.56 32.21
C LEU C 117 -3.42 -53.74 33.38
N ASP C 118 -4.68 -53.94 33.79
CA ASP C 118 -5.14 -53.29 35.02
C ASP C 118 -4.35 -53.80 36.21
N SER C 119 -4.00 -55.08 36.22
CA SER C 119 -3.10 -55.59 37.25
C SER C 119 -1.72 -54.97 37.14
N LEU C 120 -1.19 -54.88 35.92
CA LEU C 120 0.12 -54.27 35.74
C LEU C 120 0.10 -52.78 36.09
N HIS C 121 -0.98 -52.09 35.75
CA HIS C 121 -1.09 -50.68 36.11
C HIS C 121 -1.13 -50.51 37.62
N ARG C 122 -1.88 -51.37 38.31
CA ARG C 122 -1.95 -51.28 39.76
C ARG C 122 -0.59 -51.57 40.39
N ALA C 123 0.17 -52.50 39.80
CA ALA C 123 1.52 -52.77 40.28
C ALA C 123 2.41 -51.53 40.13
N GLN C 124 2.30 -50.84 38.99
CA GLN C 124 3.10 -49.64 38.78
C GLN C 124 2.73 -48.54 39.76
N VAL C 125 1.44 -48.41 40.09
CA VAL C 125 1.00 -47.40 41.03
C VAL C 125 1.58 -47.66 42.42
N TYR C 126 1.51 -48.91 42.90
CA TYR C 126 2.02 -49.24 44.21
C TYR C 126 3.53 -49.06 44.29
N ARG C 127 4.25 -49.46 43.25
CA ARG C 127 5.70 -49.26 43.23
C ARG C 127 6.04 -47.78 43.27
N GLU C 128 5.28 -46.95 42.54
CA GLU C 128 5.49 -45.51 42.61
C GLU C 128 5.18 -44.97 43.99
N MET C 129 4.10 -45.45 44.62
CA MET C 129 3.76 -44.98 45.96
C MET C 129 4.81 -45.39 46.99
N TYR C 130 5.29 -46.63 46.89
CA TYR C 130 6.30 -47.11 47.85
C TYR C 130 7.60 -46.33 47.70
N ASP C 131 8.05 -46.13 46.46
CA ASP C 131 9.30 -45.43 46.22
C ASP C 131 9.27 -44.69 44.89
N LEU C 144 19.13 -33.14 35.58
CA LEU C 144 19.82 -32.27 36.54
C LEU C 144 19.69 -30.81 36.13
N PHE C 145 18.47 -30.30 36.10
CA PHE C 145 18.19 -28.92 35.73
C PHE C 145 18.35 -28.05 36.98
N ARG C 146 19.59 -27.62 37.23
CA ARG C 146 19.86 -26.80 38.41
C ARG C 146 19.28 -25.40 38.25
N SER C 147 19.13 -24.92 37.02
CA SER C 147 18.65 -23.56 36.80
C SER C 147 17.24 -23.38 37.33
N LEU C 148 16.38 -24.38 37.14
CA LEU C 148 15.02 -24.35 37.65
C LEU C 148 15.02 -24.89 39.08
N VAL C 149 14.75 -24.02 40.04
CA VAL C 149 14.77 -24.38 41.44
C VAL C 149 13.35 -24.36 41.98
N GLY C 150 13.15 -25.13 43.04
CA GLY C 150 11.85 -25.16 43.70
C GLY C 150 11.59 -26.53 44.28
N THR C 151 10.46 -26.61 44.98
CA THR C 151 10.03 -27.87 45.59
C THR C 151 8.55 -28.15 45.39
N SER C 152 7.82 -27.31 44.66
CA SER C 152 6.40 -27.54 44.45
C SER C 152 6.19 -28.71 43.50
N ARG C 153 4.95 -29.20 43.48
CA ARG C 153 4.61 -30.30 42.58
C ARG C 153 4.72 -29.86 41.12
N ALA C 154 4.32 -28.63 40.82
CA ALA C 154 4.36 -28.15 39.45
C ALA C 154 5.78 -28.11 38.92
N ILE C 155 6.73 -27.63 39.72
CA ILE C 155 8.10 -27.48 39.24
C ILE C 155 8.74 -28.84 39.01
N GLN C 156 8.45 -29.83 39.85
CA GLN C 156 9.04 -31.14 39.63
C GLN C 156 8.36 -31.86 38.48
N GLN C 157 7.07 -31.64 38.27
CA GLN C 157 6.43 -32.16 37.06
C GLN C 157 7.06 -31.57 35.81
N VAL C 158 7.33 -30.27 35.82
CA VAL C 158 8.01 -29.63 34.70
C VAL C 158 9.39 -30.23 34.50
N ARG C 159 10.13 -30.45 35.58
CA ARG C 159 11.46 -31.02 35.47
C ARG C 159 11.41 -32.44 34.89
N GLN C 160 10.44 -33.24 35.32
CA GLN C 160 10.31 -34.58 34.77
C GLN C 160 9.96 -34.55 33.29
N MET C 161 9.06 -33.66 32.89
CA MET C 161 8.71 -33.56 31.48
C MET C 161 9.91 -33.14 30.64
N MET C 162 10.71 -32.20 31.17
CA MET C 162 11.93 -31.80 30.48
C MET C 162 12.91 -32.94 30.36
N GLN C 163 13.07 -33.73 31.43
CA GLN C 163 13.95 -34.89 31.37
C GLN C 163 13.48 -35.87 30.31
N GLN C 164 12.16 -36.00 30.16
CA GLN C 164 11.62 -36.93 29.17
C GLN C 164 11.83 -36.43 27.74
N VAL C 165 11.73 -35.11 27.52
CA VAL C 165 11.73 -34.59 26.16
C VAL C 165 13.09 -34.10 25.70
N ALA C 166 14.03 -33.84 26.62
CA ALA C 166 15.28 -33.19 26.24
C ALA C 166 16.16 -34.06 25.36
N ASP C 167 16.02 -35.38 25.43
CA ASP C 167 16.92 -36.28 24.71
C ASP C 167 16.43 -36.61 23.31
N THR C 168 15.32 -36.03 22.87
CA THR C 168 14.73 -36.34 21.58
C THR C 168 14.56 -35.05 20.78
N ASP C 169 14.45 -35.22 19.46
CA ASP C 169 14.27 -34.10 18.54
C ASP C 169 12.78 -33.95 18.28
N ALA C 170 12.15 -33.04 19.01
CA ALA C 170 10.72 -32.80 18.86
C ALA C 170 10.44 -31.33 19.13
N SER C 171 9.34 -30.86 18.56
CA SER C 171 8.94 -29.46 18.73
C SER C 171 8.30 -29.29 20.10
N VAL C 172 8.88 -28.42 20.92
CA VAL C 172 8.39 -28.15 22.26
C VAL C 172 7.67 -26.81 22.26
N LEU C 173 6.52 -26.76 22.92
CA LEU C 173 5.76 -25.52 23.11
C LEU C 173 5.62 -25.28 24.60
N ILE C 174 6.10 -24.14 25.07
CA ILE C 174 6.13 -23.82 26.49
C ILE C 174 4.98 -22.85 26.76
N LEU C 175 3.99 -23.28 27.52
CA LEU C 175 2.79 -22.51 27.77
C LEU C 175 2.78 -22.02 29.21
N GLY C 176 2.32 -20.80 29.40
CA GLY C 176 2.24 -20.21 30.73
C GLY C 176 1.74 -18.78 30.69
N GLU C 177 2.35 -17.91 31.47
CA GLU C 177 2.02 -16.50 31.49
C GLU C 177 3.26 -15.68 31.20
N SER C 178 3.09 -14.37 31.18
CA SER C 178 4.21 -13.46 30.92
C SER C 178 5.21 -13.52 32.06
N GLY C 179 6.49 -13.63 31.73
CA GLY C 179 7.54 -13.62 32.73
C GLY C 179 7.53 -14.81 33.65
N THR C 180 7.32 -16.01 33.11
CA THR C 180 7.25 -17.22 33.93
C THR C 180 8.54 -18.03 33.84
N GLY C 181 9.49 -17.62 33.01
CA GLY C 181 10.76 -18.31 32.92
C GLY C 181 10.83 -19.34 31.81
N LYS C 182 10.34 -19.00 30.63
CA LYS C 182 10.33 -19.94 29.51
C LYS C 182 11.70 -20.06 28.85
N GLU C 183 12.45 -18.97 28.78
CA GLU C 183 13.76 -19.01 28.15
C GLU C 183 14.72 -19.91 28.93
N VAL C 184 14.61 -19.91 30.26
CA VAL C 184 15.44 -20.79 31.07
C VAL C 184 15.14 -22.25 30.75
N VAL C 185 13.85 -22.59 30.63
CA VAL C 185 13.46 -23.96 30.29
C VAL C 185 13.99 -24.33 28.91
N ALA C 186 13.88 -23.41 27.95
CA ALA C 186 14.37 -23.70 26.60
C ALA C 186 15.89 -23.91 26.59
N ARG C 187 16.63 -23.09 27.32
CA ARG C 187 18.08 -23.26 27.37
C ARG C 187 18.46 -24.56 28.06
N ASN C 188 17.75 -24.94 29.11
CA ASN C 188 18.04 -26.21 29.76
C ASN C 188 17.74 -27.38 28.82
N LEU C 189 16.66 -27.27 28.04
CA LEU C 189 16.37 -28.31 27.06
C LEU C 189 17.46 -28.41 26.02
N HIS C 190 17.97 -27.28 25.55
CA HIS C 190 19.02 -27.28 24.54
C HIS C 190 20.33 -27.84 25.08
N TYR C 191 20.66 -27.50 26.33
CA TYR C 191 21.95 -27.89 26.87
C TYR C 191 22.01 -29.38 27.20
N HIS C 192 20.86 -30.01 27.46
CA HIS C 192 20.81 -31.43 27.75
C HIS C 192 20.32 -32.25 26.55
N SER C 193 20.67 -31.83 25.35
CA SER C 193 20.28 -32.52 24.12
C SER C 193 21.53 -32.91 23.33
N LYS C 194 21.31 -33.51 22.17
CA LYS C 194 22.41 -33.84 21.28
C LYS C 194 23.00 -32.60 20.63
N ARG C 195 22.28 -31.49 20.67
CA ARG C 195 22.68 -30.24 20.05
C ARG C 195 23.39 -29.30 21.02
N ARG C 196 24.00 -29.85 22.07
CA ARG C 196 24.61 -29.02 23.10
C ARG C 196 25.69 -28.11 22.53
N GLU C 197 26.46 -28.60 21.56
CA GLU C 197 27.54 -27.85 20.98
C GLU C 197 27.08 -26.86 19.91
N GLY C 198 25.80 -26.85 19.57
CA GLY C 198 25.28 -25.96 18.57
C GLY C 198 24.86 -24.63 19.16
N PRO C 199 24.35 -23.74 18.31
CA PRO C 199 23.92 -22.42 18.78
C PRO C 199 22.50 -22.43 19.34
N PHE C 200 22.23 -21.40 20.14
CA PHE C 200 20.90 -21.12 20.68
C PHE C 200 20.49 -19.73 20.18
N VAL C 201 19.54 -19.69 19.26
CA VAL C 201 19.13 -18.45 18.61
C VAL C 201 17.71 -18.12 19.07
N PRO C 202 17.51 -17.08 19.87
CA PRO C 202 16.15 -16.69 20.26
C PRO C 202 15.54 -15.67 19.31
N VAL C 203 14.24 -15.82 19.08
CA VAL C 203 13.49 -14.91 18.21
C VAL C 203 12.22 -14.52 18.95
N ASN C 204 12.05 -13.22 19.17
CA ASN C 204 10.86 -12.69 19.82
C ASN C 204 9.97 -12.04 18.76
N CYS C 205 8.80 -12.62 18.55
CA CYS C 205 7.89 -12.13 17.53
C CYS C 205 7.11 -10.91 17.98
N GLY C 206 7.10 -10.60 19.27
CA GLY C 206 6.47 -9.41 19.79
C GLY C 206 7.41 -8.25 20.00
N ALA C 207 8.70 -8.42 19.67
CA ALA C 207 9.67 -7.35 19.76
C ALA C 207 10.23 -6.98 18.39
N ILE C 208 9.64 -7.50 17.33
CA ILE C 208 10.06 -7.20 15.96
C ILE C 208 8.82 -6.77 15.20
N PRO C 209 8.87 -5.67 14.45
CA PRO C 209 7.70 -5.26 13.66
C PRO C 209 7.33 -6.33 12.65
N ALA C 210 6.04 -6.32 12.27
CA ALA C 210 5.53 -7.35 11.38
C ALA C 210 6.27 -7.36 10.04
N GLU C 211 6.63 -6.17 9.54
CA GLU C 211 7.32 -6.09 8.26
C GLU C 211 8.77 -6.52 8.34
N LEU C 212 9.35 -6.62 9.54
CA LEU C 212 10.74 -6.98 9.70
C LEU C 212 10.95 -8.45 10.03
N LEU C 213 9.89 -9.16 10.42
CA LEU C 213 10.03 -10.53 10.92
C LEU C 213 10.54 -11.47 9.82
N GLU C 214 10.00 -11.32 8.61
CA GLU C 214 10.42 -12.19 7.51
C GLU C 214 11.90 -12.01 7.20
N SER C 215 12.34 -10.76 7.10
CA SER C 215 13.74 -10.48 6.80
C SER C 215 14.63 -10.92 7.95
N GLU C 216 14.13 -10.88 9.18
CA GLU C 216 14.97 -11.24 10.32
C GLU C 216 15.13 -12.76 10.41
N LEU C 217 14.05 -13.50 10.14
CA LEU C 217 14.12 -14.96 10.24
C LEU C 217 14.78 -15.60 9.03
N PHE C 218 14.49 -15.11 7.82
CA PHE C 218 14.97 -15.76 6.61
C PHE C 218 16.22 -15.15 6.01
N GLY C 219 16.56 -13.91 6.35
CA GLY C 219 17.64 -13.23 5.68
C GLY C 219 17.19 -12.56 4.39
N HIS C 220 18.15 -11.93 3.72
CA HIS C 220 17.87 -11.23 2.47
C HIS C 220 19.16 -11.14 1.67
N GLU C 221 19.02 -10.77 0.41
CA GLU C 221 20.16 -10.61 -0.48
C GLU C 221 20.65 -9.16 -0.48
N LYS C 222 21.49 -8.83 -1.45
CA LYS C 222 22.02 -7.47 -1.55
C LYS C 222 20.90 -6.46 -1.78
N GLY C 223 19.95 -6.79 -2.66
CA GLY C 223 18.77 -5.96 -2.82
C GLY C 223 17.51 -6.79 -2.85
N ALA C 224 16.64 -6.56 -1.87
CA ALA C 224 15.38 -7.28 -1.79
C ALA C 224 14.24 -6.31 -1.51
N PHE C 225 14.58 -5.17 -0.92
CA PHE C 225 13.61 -4.15 -0.56
C PHE C 225 14.35 -2.82 -0.46
N THR C 226 13.63 -1.77 -0.05
CA THR C 226 14.15 -0.41 -0.12
C THR C 226 15.15 -0.10 0.98
N GLY C 227 15.58 -1.09 1.76
CA GLY C 227 16.53 -0.86 2.81
C GLY C 227 17.66 -1.87 2.85
N ALA C 228 17.55 -2.93 2.06
CA ALA C 228 18.56 -3.98 2.05
C ALA C 228 19.81 -3.46 1.34
N ILE C 229 20.90 -3.36 2.08
CA ILE C 229 22.17 -2.86 1.57
C ILE C 229 23.27 -3.90 1.61
N THR C 230 22.98 -5.10 2.11
CA THR C 230 23.96 -6.16 2.17
C THR C 230 23.22 -7.49 2.25
N SER C 231 23.96 -8.57 2.01
CA SER C 231 23.42 -9.91 2.10
C SER C 231 23.84 -10.51 3.43
N ARG C 232 22.85 -10.93 4.23
CA ARG C 232 23.10 -11.47 5.55
C ARG C 232 22.31 -12.76 5.74
N ALA C 233 22.77 -13.57 6.70
CA ALA C 233 22.11 -14.82 7.04
C ALA C 233 21.03 -14.58 8.08
N GLY C 234 19.88 -15.21 7.88
CA GLY C 234 18.79 -15.14 8.83
C GLY C 234 19.03 -16.02 10.04
N ARG C 235 18.06 -16.01 10.94
CA ARG C 235 18.18 -16.77 12.19
C ARG C 235 17.90 -18.26 12.02
N PHE C 236 17.24 -18.69 10.95
CA PHE C 236 17.23 -20.12 10.63
C PHE C 236 18.63 -20.62 10.27
N GLU C 237 19.36 -19.85 9.47
CA GLU C 237 20.72 -20.26 9.13
C GLU C 237 21.64 -20.11 10.33
N LEU C 238 21.39 -19.12 11.18
CA LEU C 238 22.16 -18.98 12.41
C LEU C 238 21.95 -20.17 13.34
N ALA C 239 20.78 -20.79 13.29
CA ALA C 239 20.46 -21.90 14.17
C ALA C 239 20.80 -23.25 13.57
N ASN C 240 21.44 -23.28 12.40
CA ASN C 240 21.85 -24.52 11.77
C ASN C 240 22.74 -25.31 12.70
N GLY C 241 22.31 -26.51 13.05
CA GLY C 241 23.01 -27.32 14.03
C GLY C 241 22.65 -27.03 15.46
N GLY C 242 21.60 -26.25 15.71
CA GLY C 242 21.18 -25.94 17.06
C GLY C 242 19.67 -25.84 17.17
N THR C 243 19.17 -25.00 18.07
CA THR C 243 17.75 -24.84 18.28
C THR C 243 17.35 -23.39 18.12
N LEU C 244 16.16 -23.18 17.56
CA LEU C 244 15.60 -21.84 17.34
C LEU C 244 14.44 -21.67 18.31
N PHE C 245 14.57 -20.71 19.23
CA PHE C 245 13.56 -20.46 20.26
C PHE C 245 12.70 -19.28 19.83
N LEU C 246 11.49 -19.57 19.38
CA LEU C 246 10.54 -18.53 18.98
C LEU C 246 9.66 -18.19 20.18
N ASP C 247 9.97 -17.07 20.83
CA ASP C 247 9.17 -16.60 21.94
C ASP C 247 8.03 -15.72 21.43
N GLU C 248 6.91 -15.76 22.16
CA GLU C 248 5.71 -15.01 21.79
C GLU C 248 5.27 -15.35 20.37
N ILE C 249 5.00 -16.64 20.15
CA ILE C 249 4.58 -17.09 18.83
C ILE C 249 3.18 -16.63 18.51
N GLY C 250 2.40 -16.22 19.51
CA GLY C 250 1.00 -15.89 19.29
C GLY C 250 0.79 -14.60 18.54
N ASP C 251 1.73 -13.66 18.64
CA ASP C 251 1.60 -12.38 17.95
C ASP C 251 2.28 -12.39 16.59
N MET C 252 2.71 -13.55 16.11
CA MET C 252 3.21 -13.63 14.75
C MET C 252 2.07 -13.37 13.76
N PRO C 253 2.32 -12.59 12.71
CA PRO C 253 1.29 -12.38 11.69
C PRO C 253 0.97 -13.67 10.95
N LEU C 254 -0.26 -13.73 10.44
CA LEU C 254 -0.74 -14.94 9.78
C LEU C 254 0.08 -15.32 8.55
N PRO C 255 0.45 -14.41 7.63
CA PRO C 255 1.30 -14.83 6.51
C PRO C 255 2.61 -15.42 6.95
N MET C 256 3.22 -14.84 7.99
CA MET C 256 4.46 -15.39 8.51
C MET C 256 4.23 -16.75 9.15
N GLN C 257 3.04 -16.95 9.74
CA GLN C 257 2.68 -18.28 10.22
C GLN C 257 2.66 -19.28 9.08
N VAL C 258 2.07 -18.92 7.95
CA VAL C 258 2.00 -19.82 6.80
C VAL C 258 3.41 -20.16 6.32
N LYS C 259 4.26 -19.15 6.19
CA LYS C 259 5.61 -19.38 5.70
C LYS C 259 6.42 -20.23 6.68
N LEU C 260 6.24 -20.00 7.98
CA LEU C 260 6.93 -20.83 8.98
C LEU C 260 6.48 -22.27 8.90
N LEU C 261 5.18 -22.50 8.71
CA LEU C 261 4.70 -23.86 8.53
C LEU C 261 5.33 -24.50 7.30
N ARG C 262 5.41 -23.75 6.20
CA ARG C 262 6.00 -24.31 4.99
C ARG C 262 7.46 -24.68 5.21
N VAL C 263 8.21 -23.81 5.90
CA VAL C 263 9.61 -24.08 6.18
C VAL C 263 9.75 -25.31 7.07
N LEU C 264 8.92 -25.42 8.11
CA LEU C 264 9.02 -26.55 9.00
C LEU C 264 8.65 -27.85 8.30
N GLN C 265 7.69 -27.81 7.38
CA GLN C 265 7.26 -29.02 6.67
C GLN C 265 8.31 -29.45 5.67
N GLU C 266 8.71 -28.56 4.77
CA GLU C 266 9.62 -28.93 3.69
C GLU C 266 11.07 -28.96 4.13
N ARG C 267 11.38 -28.43 5.31
CA ARG C 267 12.73 -28.33 5.85
C ARG C 267 13.64 -27.45 5.00
N THR C 268 13.07 -26.64 4.10
CA THR C 268 13.84 -25.76 3.25
C THR C 268 13.23 -24.36 3.29
N PHE C 269 14.09 -23.36 3.08
CA PHE C 269 13.65 -21.97 3.07
C PHE C 269 14.49 -21.20 2.07
N GLU C 270 14.00 -20.02 1.72
CA GLU C 270 14.66 -19.15 0.76
C GLU C 270 14.79 -17.76 1.35
N ARG C 271 15.93 -17.12 1.11
CA ARG C 271 16.12 -15.74 1.54
C ARG C 271 15.17 -14.82 0.78
N VAL C 272 14.78 -13.73 1.42
CA VAL C 272 13.91 -12.76 0.76
C VAL C 272 14.66 -12.12 -0.40
N GLY C 273 14.02 -12.08 -1.57
CA GLY C 273 14.67 -11.58 -2.75
C GLY C 273 15.66 -12.53 -3.38
N SER C 274 15.50 -13.83 -3.16
CA SER C 274 16.39 -14.82 -3.72
C SER C 274 15.57 -16.05 -4.15
N ASN C 275 16.15 -16.82 -5.06
CA ASN C 275 15.50 -18.02 -5.58
C ASN C 275 16.31 -19.28 -5.30
N LYS C 276 17.30 -19.21 -4.41
CA LYS C 276 18.10 -20.36 -4.02
C LYS C 276 17.53 -20.96 -2.75
N THR C 277 17.26 -22.26 -2.77
CA THR C 277 16.69 -22.96 -1.64
C THR C 277 17.79 -23.52 -0.76
N GLN C 278 17.68 -23.29 0.55
CA GLN C 278 18.65 -23.77 1.51
C GLN C 278 17.96 -24.69 2.51
N ASN C 279 18.69 -25.69 2.98
CA ASN C 279 18.19 -26.65 3.94
C ASN C 279 18.86 -26.41 5.29
N VAL C 280 18.06 -26.36 6.35
CA VAL C 280 18.57 -26.19 7.71
C VAL C 280 17.87 -27.19 8.62
N ASP C 281 18.66 -27.83 9.48
CA ASP C 281 18.15 -28.76 10.48
C ASP C 281 18.22 -28.07 11.83
N VAL C 282 17.06 -27.66 12.34
CA VAL C 282 16.98 -26.93 13.60
C VAL C 282 15.91 -27.61 14.46
N ARG C 283 16.02 -27.38 15.76
CA ARG C 283 14.99 -27.80 16.71
C ARG C 283 14.18 -26.58 17.11
N ILE C 284 12.87 -26.69 17.02
CA ILE C 284 11.97 -25.58 17.30
C ILE C 284 11.47 -25.70 18.73
N ILE C 285 11.67 -24.65 19.51
CA ILE C 285 11.10 -24.50 20.83
C ILE C 285 10.34 -23.19 20.85
N ALA C 286 9.02 -23.27 20.86
CA ALA C 286 8.18 -22.09 20.87
C ALA C 286 7.62 -21.84 22.27
N ALA C 287 7.29 -20.59 22.54
CA ALA C 287 6.77 -20.16 23.82
C ALA C 287 5.53 -19.31 23.61
N THR C 288 4.58 -19.41 24.53
CA THR C 288 3.31 -18.71 24.40
C THR C 288 2.77 -18.39 25.78
N HIS C 289 2.12 -17.24 25.90
CA HIS C 289 1.30 -16.95 27.06
C HIS C 289 -0.17 -16.78 26.72
N LYS C 290 -0.52 -16.73 25.44
CA LYS C 290 -1.91 -16.61 25.03
C LYS C 290 -2.54 -18.00 24.88
N ASN C 291 -3.85 -18.06 25.08
CA ASN C 291 -4.59 -19.32 24.95
C ASN C 291 -4.73 -19.58 23.45
N LEU C 292 -3.89 -20.47 22.93
CA LEU C 292 -3.87 -20.70 21.49
C LEU C 292 -5.19 -21.26 20.99
N GLU C 293 -5.75 -22.25 21.69
CA GLU C 293 -6.98 -22.89 21.23
C GLU C 293 -8.09 -21.87 20.99
N LYS C 294 -8.23 -20.92 21.89
CA LYS C 294 -9.19 -19.83 21.68
C LYS C 294 -8.86 -19.05 20.41
N MET C 295 -7.57 -18.89 20.12
CA MET C 295 -7.16 -18.13 18.94
C MET C 295 -7.50 -18.89 17.66
N ILE C 296 -7.31 -20.21 17.64
CA ILE C 296 -7.79 -20.98 16.49
C ILE C 296 -9.31 -20.87 16.40
N GLU C 297 -10.00 -20.84 17.54
CA GLU C 297 -11.45 -20.70 17.51
C GLU C 297 -11.87 -19.38 16.86
N ASP C 298 -11.16 -18.30 17.15
CA ASP C 298 -11.43 -17.03 16.48
C ASP C 298 -10.71 -16.87 15.15
N GLY C 299 -9.91 -17.85 14.75
CA GLY C 299 -9.26 -17.78 13.45
C GLY C 299 -8.09 -16.84 13.35
N THR C 300 -7.53 -16.40 14.49
CA THR C 300 -6.35 -15.54 14.49
C THR C 300 -5.06 -16.33 14.56
N PHE C 301 -5.14 -17.66 14.64
CA PHE C 301 -3.98 -18.53 14.62
C PHE C 301 -4.30 -19.76 13.78
N ARG C 302 -3.26 -20.36 13.21
CA ARG C 302 -3.44 -21.49 12.32
C ARG C 302 -3.39 -22.79 13.11
N GLU C 303 -4.37 -23.65 12.89
CA GLU C 303 -4.47 -24.90 13.64
C GLU C 303 -3.39 -25.88 13.20
N ASP C 304 -3.06 -25.88 11.91
CA ASP C 304 -2.02 -26.77 11.38
C ASP C 304 -0.65 -26.43 11.97
N LEU C 305 -0.29 -25.15 11.99
CA LEU C 305 0.95 -24.75 12.65
C LEU C 305 0.89 -25.08 14.14
N TYR C 306 -0.27 -24.92 14.75
CA TYR C 306 -0.44 -25.25 16.16
C TYR C 306 -0.09 -26.71 16.42
N TYR C 307 -0.62 -27.61 15.60
CA TYR C 307 -0.39 -29.03 15.84
C TYR C 307 0.98 -29.47 15.37
N ARG C 308 1.65 -28.68 14.53
CA ARG C 308 3.05 -28.96 14.26
C ARG C 308 3.94 -28.52 15.41
N LEU C 309 3.58 -27.44 16.11
CA LEU C 309 4.38 -26.97 17.23
C LEU C 309 4.04 -27.63 18.55
N ASN C 310 2.88 -28.27 18.66
CA ASN C 310 2.40 -28.81 19.94
C ASN C 310 2.67 -30.30 20.07
N VAL C 311 3.80 -30.80 19.56
CA VAL C 311 4.14 -32.20 19.75
C VAL C 311 4.35 -32.51 21.22
N PHE C 312 4.97 -31.60 21.96
CA PHE C 312 5.17 -31.75 23.38
C PHE C 312 4.96 -30.42 24.09
N PRO C 313 3.82 -30.23 24.76
CA PRO C 313 3.60 -29.00 25.52
C PRO C 313 4.10 -29.10 26.96
N ILE C 314 4.72 -28.02 27.42
CA ILE C 314 5.15 -27.90 28.81
C ILE C 314 4.46 -26.68 29.40
N GLU C 315 3.67 -26.90 30.45
CA GLU C 315 2.89 -25.85 31.07
C GLU C 315 3.59 -25.39 32.35
N MET C 316 3.93 -24.12 32.41
CA MET C 316 4.56 -23.52 33.58
C MET C 316 3.50 -22.94 34.50
N ALA C 317 3.80 -22.96 35.80
CA ALA C 317 2.81 -22.55 36.76
C ALA C 317 3.13 -21.18 37.34
N PRO C 318 2.13 -20.36 37.62
CA PRO C 318 2.39 -19.02 38.16
C PRO C 318 3.03 -19.08 39.54
N LEU C 319 3.79 -18.03 39.86
CA LEU C 319 4.45 -17.95 41.16
C LEU C 319 3.46 -17.83 42.30
N ARG C 320 2.26 -17.30 42.04
CA ARG C 320 1.22 -17.27 43.06
C ARG C 320 0.68 -18.66 43.37
N GLU C 321 0.91 -19.62 42.48
CA GLU C 321 0.51 -21.01 42.69
C GLU C 321 1.67 -21.87 43.17
N ARG C 322 2.87 -21.33 43.30
CA ARG C 322 4.03 -22.03 43.82
C ARG C 322 4.76 -21.14 44.82
N VAL C 323 3.99 -20.61 45.78
CA VAL C 323 4.46 -19.61 46.72
C VAL C 323 5.59 -20.15 47.61
N GLU C 324 5.59 -21.46 47.90
CA GLU C 324 6.63 -22.00 48.76
C GLU C 324 8.01 -22.02 48.11
N ASP C 325 8.11 -21.75 46.82
CA ASP C 325 9.39 -21.75 46.13
C ASP C 325 10.02 -20.36 46.05
N ILE C 326 9.35 -19.33 46.56
CA ILE C 326 9.82 -17.95 46.36
C ILE C 326 11.19 -17.75 47.00
N ALA C 327 11.38 -18.26 48.21
CA ALA C 327 12.68 -18.07 48.88
C ALA C 327 13.82 -18.70 48.10
N LEU C 328 13.59 -19.89 47.54
CA LEU C 328 14.63 -20.55 46.75
C LEU C 328 14.92 -19.77 45.47
N LEU C 329 13.87 -19.22 44.84
CA LEU C 329 14.07 -18.37 43.69
C LEU C 329 14.87 -17.13 44.06
N LEU C 330 14.59 -16.54 45.22
CA LEU C 330 15.33 -15.37 45.67
C LEU C 330 16.81 -15.70 45.82
N ASN C 331 17.11 -16.82 46.48
CA ASN C 331 18.49 -17.23 46.65
C ASN C 331 19.15 -17.53 45.31
N GLU C 332 18.39 -18.07 44.35
CA GLU C 332 18.97 -18.37 43.04
C GLU C 332 19.26 -17.09 42.26
N LEU C 333 18.34 -16.13 42.32
CA LEU C 333 18.53 -14.85 41.63
C LEU C 333 19.69 -14.08 42.22
N ILE C 334 19.78 -14.02 43.55
CA ILE C 334 20.94 -13.42 44.20
C ILE C 334 22.21 -14.17 43.80
N SER C 335 22.11 -15.49 43.66
CA SER C 335 23.27 -16.29 43.30
C SER C 335 23.83 -15.88 41.93
N ARG C 336 22.96 -15.71 40.94
CA ARG C 336 23.46 -15.40 39.60
C ARG C 336 24.06 -14.01 39.53
N MET C 337 23.61 -13.09 40.39
CA MET C 337 24.24 -11.78 40.45
C MET C 337 25.69 -11.87 40.91
N GLU C 338 26.04 -12.93 41.64
CA GLU C 338 27.45 -13.12 41.99
C GLU C 338 28.29 -13.35 40.74
N HIS C 339 27.70 -13.90 39.68
CA HIS C 339 28.45 -14.19 38.47
C HIS C 339 28.42 -13.02 37.47
N GLU C 340 27.35 -12.25 37.45
CA GLU C 340 27.20 -11.13 36.52
C GLU C 340 27.56 -9.78 37.15
N LYS C 341 28.07 -9.80 38.38
CA LYS C 341 28.79 -8.69 39.02
C LYS C 341 28.05 -7.36 38.93
N ARG C 342 26.90 -7.29 39.60
CA ARG C 342 26.25 -6.02 39.93
C ARG C 342 25.95 -5.87 41.41
N GLY C 343 26.50 -6.72 42.26
CA GLY C 343 26.37 -6.58 43.69
C GLY C 343 25.67 -7.77 44.32
N SER C 344 25.24 -7.57 45.56
CA SER C 344 24.58 -8.62 46.33
C SER C 344 23.69 -7.95 47.37
N ILE C 345 22.76 -8.75 47.91
CA ILE C 345 21.80 -8.23 48.88
C ILE C 345 21.19 -9.42 49.61
N ARG C 346 20.73 -9.19 50.83
CA ARG C 346 20.13 -10.23 51.65
C ARG C 346 18.75 -9.79 52.11
N PHE C 347 17.94 -10.76 52.52
CA PHE C 347 16.55 -10.55 52.84
C PHE C 347 16.27 -10.91 54.30
N ASN C 348 15.15 -10.39 54.79
CA ASN C 348 14.65 -10.69 56.13
C ASN C 348 13.45 -11.63 56.03
N SER C 349 13.23 -12.39 57.12
CA SER C 349 12.15 -13.36 57.12
C SER C 349 10.79 -12.69 56.97
N ALA C 350 10.58 -11.55 57.64
CA ALA C 350 9.33 -10.83 57.49
C ALA C 350 9.17 -10.31 56.06
N ALA C 351 10.26 -9.84 55.46
CA ALA C 351 10.20 -9.40 54.06
C ALA C 351 9.89 -10.55 53.13
N ILE C 352 10.48 -11.72 53.38
CA ILE C 352 10.19 -12.89 52.55
C ILE C 352 8.73 -13.28 52.68
N MET C 353 8.20 -13.28 53.91
CA MET C 353 6.79 -13.62 54.10
C MET C 353 5.89 -12.61 53.39
N SER C 354 6.25 -11.32 53.47
CA SER C 354 5.46 -10.30 52.78
C SER C 354 5.48 -10.50 51.28
N LEU C 355 6.64 -10.83 50.72
CA LEU C 355 6.72 -11.11 49.29
C LEU C 355 5.88 -12.34 48.93
N CYS C 356 5.87 -13.35 49.80
CA CYS C 356 5.08 -14.54 49.53
C CYS C 356 3.59 -14.24 49.49
N ARG C 357 3.16 -13.17 50.14
CA ARG C 357 1.74 -12.82 50.20
C ARG C 357 1.34 -11.87 49.08
N HIS C 358 2.02 -11.91 47.93
CA HIS C 358 1.79 -10.98 46.83
C HIS C 358 1.19 -11.73 45.65
N ASP C 359 0.40 -10.99 44.85
CA ASP C 359 -0.27 -11.60 43.71
C ASP C 359 0.73 -12.03 42.63
N TRP C 360 1.73 -11.18 42.35
CA TRP C 360 2.79 -11.42 41.39
C TRP C 360 2.29 -11.65 39.97
N PRO C 361 1.79 -10.62 39.28
CA PRO C 361 1.60 -10.75 37.83
C PRO C 361 2.91 -10.44 37.11
N GLY C 362 3.29 -11.31 36.18
CA GLY C 362 4.63 -11.20 35.62
C GLY C 362 5.64 -11.73 36.63
N ASN C 363 5.45 -12.99 36.99
CA ASN C 363 6.03 -13.64 38.16
C ASN C 363 7.55 -13.47 38.32
N VAL C 364 8.30 -14.12 37.44
CA VAL C 364 9.75 -14.13 37.58
C VAL C 364 10.32 -12.82 37.06
N ARG C 365 9.69 -12.22 36.06
CA ARG C 365 10.14 -10.92 35.60
C ARG C 365 10.04 -9.88 36.71
N GLU C 366 8.92 -9.83 37.43
CA GLU C 366 8.86 -8.87 38.54
C GLU C 366 9.77 -9.27 39.70
N LEU C 367 9.92 -10.56 39.97
CA LEU C 367 10.83 -10.93 41.05
C LEU C 367 12.26 -10.48 40.75
N ALA C 368 12.73 -10.76 39.53
CA ALA C 368 14.07 -10.32 39.13
C ALA C 368 14.16 -8.81 39.08
N ASN C 369 13.11 -8.14 38.59
CA ASN C 369 13.13 -6.69 38.52
C ASN C 369 13.23 -6.06 39.91
N LEU C 370 12.46 -6.59 40.86
CA LEU C 370 12.50 -6.09 42.23
C LEU C 370 13.87 -6.33 42.85
N VAL C 371 14.46 -7.50 42.59
CA VAL C 371 15.76 -7.81 43.19
C VAL C 371 16.84 -6.91 42.59
N GLU C 372 16.82 -6.72 41.27
CA GLU C 372 17.74 -5.77 40.63
C GLU C 372 17.57 -4.37 41.20
N ARG C 373 16.32 -3.93 41.34
CA ARG C 373 16.03 -2.58 41.81
C ARG C 373 16.53 -2.37 43.23
N LEU C 374 16.28 -3.34 44.12
CA LEU C 374 16.72 -3.21 45.50
C LEU C 374 18.22 -3.38 45.63
N ALA C 375 18.86 -4.14 44.72
CA ALA C 375 20.30 -4.27 44.76
C ALA C 375 20.99 -2.99 44.32
N ILE C 376 20.50 -2.37 43.25
CA ILE C 376 21.11 -1.11 42.80
C ILE C 376 20.77 0.02 43.77
N MET C 377 19.58 -0.02 44.37
CA MET C 377 19.17 1.08 45.25
C MET C 377 19.91 1.03 46.58
N HIS C 378 19.95 -0.14 47.21
CA HIS C 378 20.59 -0.33 48.52
C HIS C 378 21.56 -1.49 48.44
N PRO C 379 22.80 -1.26 48.04
CA PRO C 379 23.74 -2.38 47.81
C PRO C 379 24.29 -2.93 49.12
N TYR C 380 24.41 -4.26 49.15
CA TYR C 380 24.94 -4.98 50.31
C TYR C 380 24.18 -4.63 51.58
N GLY C 381 22.86 -4.50 51.45
CA GLY C 381 22.00 -4.18 52.57
C GLY C 381 21.07 -5.32 52.91
N VAL C 382 20.21 -5.05 53.89
CA VAL C 382 19.20 -6.01 54.35
C VAL C 382 17.83 -5.37 54.17
N ILE C 383 16.87 -6.17 53.72
CA ILE C 383 15.55 -5.66 53.35
C ILE C 383 14.54 -6.05 54.42
N GLY C 384 13.94 -5.04 55.05
CA GLY C 384 12.84 -5.26 55.98
C GLY C 384 11.50 -5.00 55.32
N VAL C 385 10.45 -5.00 56.15
CA VAL C 385 9.11 -4.76 55.63
C VAL C 385 8.99 -3.35 55.06
N GLY C 386 9.54 -2.36 55.76
CA GLY C 386 9.51 -1.00 55.25
C GLY C 386 10.53 -0.70 54.18
N GLU C 387 11.46 -1.63 53.95
CA GLU C 387 12.49 -1.43 52.93
C GLU C 387 11.93 -1.60 51.52
N LEU C 388 10.88 -2.40 51.39
CA LEU C 388 10.28 -2.63 50.09
C LEU C 388 9.72 -1.34 49.52
N PRO C 389 9.77 -1.14 48.19
CA PRO C 389 9.41 0.17 47.62
C PRO C 389 7.93 0.52 47.72
N LYS C 390 7.06 -0.35 47.22
CA LYS C 390 5.63 -0.03 47.14
C LYS C 390 4.85 -1.27 46.77
N LYS C 391 3.60 -1.32 47.25
CA LYS C 391 2.61 -2.37 46.95
C LYS C 391 3.16 -3.78 47.09
N PHE C 392 4.17 -3.97 47.95
CA PHE C 392 4.68 -5.30 48.24
C PHE C 392 4.47 -5.72 49.68
N ARG C 393 4.02 -4.82 50.55
CA ARG C 393 3.68 -5.15 51.92
C ARG C 393 2.25 -5.64 51.99
N HIS C 394 2.01 -6.68 52.79
CA HIS C 394 0.69 -7.25 52.95
C HIS C 394 0.46 -7.54 54.43
N VAL C 395 -0.61 -6.99 54.98
CA VAL C 395 -0.91 -7.14 56.40
C VAL C 395 -1.36 -8.57 56.69
N GLU D 6 -18.06 47.52 -35.48
CA GLU D 6 -16.87 48.17 -34.93
C GLU D 6 -16.38 49.29 -35.85
N THR D 7 -15.95 48.91 -37.04
CA THR D 7 -15.41 49.85 -38.03
C THR D 7 -16.30 49.83 -39.27
N LYS D 8 -16.61 51.02 -39.76
CA LYS D 8 -17.52 51.17 -40.89
C LYS D 8 -16.75 51.18 -42.21
N LEU D 9 -17.49 50.98 -43.29
CA LEU D 9 -16.95 51.06 -44.63
C LEU D 9 -17.71 52.12 -45.43
N LEU D 10 -17.00 52.77 -46.34
CA LEU D 10 -17.56 53.81 -47.20
C LEU D 10 -17.49 53.34 -48.64
N LEU D 11 -18.63 53.23 -49.29
CA LEU D 11 -18.68 52.95 -50.73
C LEU D 11 -19.16 54.21 -51.44
N ILE D 12 -18.34 54.73 -52.34
CA ILE D 12 -18.65 55.94 -53.09
C ILE D 12 -18.91 55.52 -54.53
N ASP D 13 -20.17 55.59 -54.96
CA ASP D 13 -20.54 55.19 -56.30
C ASP D 13 -21.79 55.94 -56.72
N ASP D 14 -21.74 56.54 -57.91
CA ASP D 14 -22.92 57.17 -58.49
C ASP D 14 -23.73 56.21 -59.36
N ASN D 15 -23.25 54.99 -59.56
CA ASN D 15 -23.99 53.97 -60.28
C ASN D 15 -24.84 53.20 -59.28
N LEU D 16 -26.15 53.47 -59.28
CA LEU D 16 -27.03 52.91 -58.24
C LEU D 16 -27.13 51.39 -58.35
N ASP D 17 -27.11 50.86 -59.58
CA ASP D 17 -27.22 49.41 -59.75
C ASP D 17 -26.03 48.69 -59.13
N ARG D 18 -24.81 49.13 -59.45
CA ARG D 18 -23.63 48.52 -58.84
C ARG D 18 -23.53 48.87 -57.36
N SER D 19 -24.03 50.03 -56.95
CA SER D 19 -24.02 50.39 -55.54
C SER D 19 -24.87 49.43 -54.72
N ARG D 20 -26.07 49.10 -55.21
CA ARG D 20 -26.91 48.13 -54.52
C ARG D 20 -26.28 46.74 -54.57
N ASP D 21 -25.60 46.41 -55.67
CA ASP D 21 -24.93 45.12 -55.78
C ASP D 21 -23.91 44.93 -54.66
N LEU D 22 -23.01 45.90 -54.48
CA LEU D 22 -22.02 45.80 -53.42
C LEU D 22 -22.69 45.89 -52.05
N ALA D 23 -23.74 46.71 -51.93
CA ALA D 23 -24.36 46.92 -50.64
C ALA D 23 -24.93 45.62 -50.07
N VAL D 24 -25.59 44.82 -50.92
CA VAL D 24 -26.12 43.53 -50.46
C VAL D 24 -24.99 42.53 -50.23
N ILE D 25 -23.91 42.61 -51.00
CA ILE D 25 -22.80 41.67 -50.85
C ILE D 25 -22.12 41.85 -49.49
N LEU D 26 -21.78 43.10 -49.15
CA LEU D 26 -21.16 43.38 -47.87
C LEU D 26 -22.12 43.07 -46.72
N ASN D 27 -23.40 43.36 -46.90
CA ASN D 27 -24.40 43.01 -45.89
C ASN D 27 -24.44 41.50 -45.68
N PHE D 28 -24.38 40.73 -46.77
CA PHE D 28 -24.30 39.28 -46.66
C PHE D 28 -23.01 38.86 -45.98
N LEU D 29 -21.91 39.51 -46.33
CA LEU D 29 -20.59 39.14 -45.84
C LEU D 29 -20.34 39.62 -44.41
N GLY D 30 -21.34 40.23 -43.78
CA GLY D 30 -21.23 40.70 -42.41
C GLY D 30 -20.29 41.88 -42.23
N GLU D 31 -20.31 42.83 -43.17
CA GLU D 31 -19.49 44.02 -43.10
C GLU D 31 -20.40 45.24 -43.00
N ASP D 32 -20.12 46.11 -42.05
CA ASP D 32 -20.93 47.30 -41.86
C ASP D 32 -20.49 48.39 -42.82
N GLN D 33 -21.45 49.03 -43.47
CA GLN D 33 -21.15 50.05 -44.47
C GLN D 33 -22.26 51.10 -44.45
N LEU D 34 -21.94 52.27 -45.01
CA LEU D 34 -22.90 53.35 -45.17
C LEU D 34 -22.94 53.73 -46.64
N THR D 35 -24.13 53.70 -47.23
CA THR D 35 -24.29 54.03 -48.64
C THR D 35 -24.06 55.53 -48.84
N CYS D 36 -23.22 55.87 -49.82
CA CYS D 36 -22.87 57.26 -50.09
C CYS D 36 -22.85 57.51 -51.58
N ASN D 37 -23.01 58.78 -51.94
CA ASN D 37 -22.86 59.25 -53.30
C ASN D 37 -21.94 60.46 -53.31
N SER D 38 -21.58 60.91 -54.51
CA SER D 38 -20.53 61.92 -54.66
C SER D 38 -20.93 63.28 -54.10
N GLU D 39 -22.21 63.53 -53.82
CA GLU D 39 -22.64 64.83 -53.36
C GLU D 39 -23.12 64.85 -51.91
N ASP D 40 -23.45 63.70 -51.32
CA ASP D 40 -23.92 63.65 -49.94
C ASP D 40 -22.95 62.90 -49.03
N TRP D 41 -21.77 62.53 -49.52
CA TRP D 41 -20.82 61.80 -48.70
C TRP D 41 -20.22 62.67 -47.60
N ARG D 42 -20.21 63.99 -47.78
CA ARG D 42 -19.70 64.87 -46.72
C ARG D 42 -20.57 64.77 -45.48
N GLU D 43 -21.89 64.72 -45.66
CA GLU D 43 -22.79 64.56 -44.52
C GLU D 43 -22.58 63.21 -43.84
N VAL D 44 -22.34 62.16 -44.62
CA VAL D 44 -22.01 60.86 -44.05
C VAL D 44 -20.69 60.94 -43.29
N ALA D 45 -19.70 61.61 -43.88
CA ALA D 45 -18.41 61.78 -43.21
C ALA D 45 -18.58 62.55 -41.90
N ALA D 46 -19.43 63.58 -41.91
CA ALA D 46 -19.73 64.30 -40.68
C ALA D 46 -20.41 63.39 -39.66
N GLY D 47 -21.15 62.39 -40.13
CA GLY D 47 -21.76 61.43 -39.23
C GLY D 47 -20.78 60.43 -38.66
N LEU D 48 -19.59 60.31 -39.25
CA LEU D 48 -18.57 59.43 -38.72
C LEU D 48 -17.93 60.02 -37.48
N SER D 49 -17.61 59.16 -36.52
CA SER D 49 -16.99 59.63 -35.28
C SER D 49 -15.62 60.24 -35.54
N ASN D 50 -14.84 59.62 -36.43
CA ASN D 50 -13.50 60.11 -36.73
C ASN D 50 -13.05 59.49 -38.06
N SER D 51 -11.86 59.90 -38.50
CA SER D 51 -11.26 59.30 -39.70
C SER D 51 -10.84 57.85 -39.48
N ARG D 52 -10.59 57.46 -38.23
CA ARG D 52 -10.17 56.09 -37.94
C ARG D 52 -11.29 55.10 -38.23
N GLU D 53 -12.55 55.49 -38.02
CA GLU D 53 -13.68 54.58 -38.21
C GLU D 53 -13.89 54.19 -39.66
N ALA D 54 -13.25 54.86 -40.61
CA ALA D 54 -13.34 54.54 -42.02
C ALA D 54 -12.19 53.62 -42.39
N LEU D 55 -12.48 52.33 -42.54
CA LEU D 55 -11.44 51.36 -42.87
C LEU D 55 -10.89 51.60 -44.27
N CYS D 56 -11.77 51.82 -45.24
CA CYS D 56 -11.37 52.02 -46.62
C CYS D 56 -12.56 52.61 -47.37
N VAL D 57 -12.32 53.00 -48.61
CA VAL D 57 -13.37 53.52 -49.48
C VAL D 57 -13.40 52.70 -50.77
N LEU D 58 -14.59 52.33 -51.20
CA LEU D 58 -14.79 51.60 -52.44
C LEU D 58 -15.26 52.61 -53.49
N LEU D 59 -14.37 52.97 -54.39
CA LEU D 59 -14.65 54.01 -55.38
C LEU D 59 -15.24 53.41 -56.64
N GLY D 60 -16.37 53.97 -57.09
CA GLY D 60 -17.01 53.53 -58.31
C GLY D 60 -17.14 54.65 -59.32
N SER D 61 -18.14 54.57 -60.18
CA SER D 61 -18.37 55.61 -61.17
C SER D 61 -18.74 56.92 -60.49
N VAL D 62 -18.14 58.01 -60.95
CA VAL D 62 -18.37 59.33 -60.39
C VAL D 62 -18.83 60.26 -61.51
N GLU D 63 -19.88 61.03 -61.25
CA GLU D 63 -20.41 62.00 -62.21
C GLU D 63 -20.28 63.43 -61.73
N SER D 64 -19.66 63.65 -60.56
CA SER D 64 -19.46 65.01 -60.07
C SER D 64 -18.43 65.73 -60.93
N LYS D 65 -18.50 67.05 -60.92
CA LYS D 65 -17.64 67.87 -61.76
C LYS D 65 -16.17 67.68 -61.39
N GLY D 66 -15.34 67.49 -62.39
CA GLY D 66 -13.91 67.31 -62.20
C GLY D 66 -13.41 65.91 -62.47
N GLY D 67 -14.18 64.91 -62.05
CA GLY D 67 -13.82 63.52 -62.31
C GLY D 67 -13.29 62.81 -61.08
N ALA D 68 -12.84 61.57 -61.30
CA ALA D 68 -12.30 60.77 -60.21
C ALA D 68 -10.98 61.34 -59.71
N VAL D 69 -10.21 61.99 -60.58
CA VAL D 69 -8.90 62.51 -60.16
C VAL D 69 -9.07 63.57 -59.07
N GLU D 70 -10.01 64.50 -59.27
CA GLU D 70 -10.24 65.51 -58.24
C GLU D 70 -10.95 64.90 -57.03
N LEU D 71 -11.79 63.89 -57.25
CA LEU D 71 -12.52 63.29 -56.15
C LEU D 71 -11.57 62.69 -55.12
N LEU D 72 -10.51 62.05 -55.59
CA LEU D 72 -9.50 61.54 -54.68
C LEU D 72 -8.79 62.68 -53.95
N LYS D 73 -8.79 63.88 -54.52
CA LYS D 73 -8.13 65.01 -53.86
C LYS D 73 -8.78 65.35 -52.52
N GLN D 74 -10.11 65.55 -52.49
CA GLN D 74 -10.69 65.98 -51.22
C GLN D 74 -10.86 64.85 -50.22
N LEU D 75 -10.95 63.59 -50.70
CA LEU D 75 -10.75 62.47 -49.77
C LEU D 75 -9.30 62.45 -49.26
N ALA D 76 -8.34 62.80 -50.12
CA ALA D 76 -6.97 62.95 -49.64
C ALA D 76 -6.87 64.08 -48.62
N SER D 77 -7.54 65.20 -48.89
CA SER D 77 -7.59 66.26 -47.89
C SER D 77 -8.36 65.80 -46.65
N TRP D 78 -9.35 64.93 -46.83
CA TRP D 78 -10.04 64.35 -45.69
C TRP D 78 -9.08 63.50 -44.86
N ASP D 79 -8.29 62.65 -45.52
CA ASP D 79 -7.31 61.84 -44.83
C ASP D 79 -6.33 61.29 -45.85
N GLU D 80 -5.04 61.33 -45.51
CA GLU D 80 -4.02 60.73 -46.35
C GLU D 80 -3.83 59.25 -46.07
N TYR D 81 -4.21 58.79 -44.87
CA TYR D 81 -4.02 57.41 -44.47
C TYR D 81 -5.21 56.52 -44.81
N LEU D 82 -6.24 57.06 -45.44
CA LEU D 82 -7.44 56.29 -45.77
C LEU D 82 -7.23 55.60 -47.12
N PRO D 83 -7.23 54.28 -47.17
CA PRO D 83 -6.94 53.59 -48.43
C PRO D 83 -8.12 53.62 -49.38
N ILE D 84 -7.82 53.37 -50.65
CA ILE D 84 -8.80 53.43 -51.73
C ILE D 84 -8.68 52.19 -52.58
N LEU D 85 -9.83 51.62 -52.95
CA LEU D 85 -9.88 50.53 -53.92
C LEU D 85 -10.99 50.79 -54.93
N LEU D 86 -10.68 50.55 -56.20
CA LEU D 86 -11.65 50.79 -57.27
C LEU D 86 -12.60 49.61 -57.42
N ILE D 87 -13.88 49.91 -57.63
CA ILE D 87 -14.92 48.91 -57.81
C ILE D 87 -15.41 48.98 -59.24
N GLY D 88 -15.27 47.87 -59.97
CA GLY D 88 -15.72 47.82 -61.35
C GLY D 88 -15.00 48.78 -62.27
N GLU D 89 -13.72 49.04 -62.03
CA GLU D 89 -12.94 49.93 -62.87
C GLU D 89 -11.57 49.31 -63.08
N PRO D 90 -11.05 49.31 -64.31
CA PRO D 90 -9.74 48.72 -64.56
C PRO D 90 -8.62 49.48 -63.86
N ALA D 91 -7.48 48.82 -63.76
CA ALA D 91 -6.32 49.43 -63.13
C ALA D 91 -5.87 50.65 -63.91
N PRO D 92 -5.60 51.78 -63.26
CA PRO D 92 -5.23 52.99 -64.00
C PRO D 92 -3.86 52.87 -64.64
N ALA D 93 -3.69 53.62 -65.74
CA ALA D 93 -2.41 53.68 -66.43
C ALA D 93 -1.96 55.10 -66.74
N ASP D 94 -2.79 56.10 -66.42
CA ASP D 94 -2.43 57.50 -66.66
C ASP D 94 -2.73 58.43 -65.49
N TRP D 95 -3.31 57.92 -64.41
CA TRP D 95 -3.57 58.75 -63.23
C TRP D 95 -2.25 59.17 -62.58
N PRO D 96 -2.24 60.26 -61.82
CA PRO D 96 -0.99 60.76 -61.24
C PRO D 96 -0.32 59.72 -60.33
N GLU D 97 1.02 59.73 -60.34
CA GLU D 97 1.78 58.76 -59.58
C GLU D 97 1.71 59.01 -58.08
N GLU D 98 1.43 60.26 -57.67
CA GLU D 98 1.41 60.60 -56.26
C GLU D 98 0.36 59.81 -55.49
N LEU D 99 -0.68 59.34 -56.18
CA LEU D 99 -1.80 58.64 -55.54
C LEU D 99 -1.71 57.13 -55.67
N ARG D 100 -0.64 56.58 -56.23
CA ARG D 100 -0.53 55.16 -56.45
C ARG D 100 0.09 54.40 -55.29
N ARG D 101 0.43 55.08 -54.21
CA ARG D 101 0.78 54.40 -52.96
C ARG D 101 -0.45 54.09 -52.11
N ARG D 102 -1.64 54.44 -52.58
CA ARG D 102 -2.87 54.16 -51.85
C ARG D 102 -3.86 53.28 -52.62
N VAL D 103 -3.64 53.02 -53.89
CA VAL D 103 -4.45 52.05 -54.63
C VAL D 103 -3.98 50.65 -54.26
N LEU D 104 -4.71 50.02 -53.34
CA LEU D 104 -4.30 48.70 -52.86
C LEU D 104 -4.57 47.63 -53.90
N ALA D 105 -5.76 47.65 -54.51
CA ALA D 105 -6.11 46.68 -55.54
C ALA D 105 -7.25 47.24 -56.36
N SER D 106 -7.43 46.65 -57.54
CA SER D 106 -8.51 47.04 -58.45
C SER D 106 -9.44 45.84 -58.62
N LEU D 107 -10.63 45.94 -58.03
CA LEU D 107 -11.61 44.88 -58.10
C LEU D 107 -12.57 45.13 -59.25
N GLU D 108 -13.15 44.05 -59.76
CA GLU D 108 -14.09 44.12 -60.88
C GLU D 108 -15.44 43.56 -60.46
N MET D 109 -16.50 44.20 -60.92
CA MET D 109 -17.88 43.82 -60.68
C MET D 109 -18.30 42.76 -61.69
N PRO D 110 -18.82 41.60 -61.26
CA PRO D 110 -19.06 41.19 -59.87
C PRO D 110 -17.78 40.77 -59.17
N PRO D 111 -17.63 41.12 -57.89
CA PRO D 111 -16.42 40.74 -57.17
C PRO D 111 -16.46 39.27 -56.76
N SER D 112 -15.28 38.77 -56.42
CA SER D 112 -15.12 37.40 -55.97
C SER D 112 -14.86 37.38 -54.46
N TYR D 113 -15.22 36.27 -53.82
CA TYR D 113 -15.04 36.17 -52.38
C TYR D 113 -13.57 36.24 -51.99
N ASN D 114 -12.71 35.57 -52.73
CA ASN D 114 -11.30 35.51 -52.35
C ASN D 114 -10.67 36.89 -52.37
N LYS D 115 -10.68 37.55 -53.52
CA LYS D 115 -9.98 38.82 -53.67
C LYS D 115 -10.65 39.96 -52.90
N LEU D 116 -11.93 39.83 -52.55
CA LEU D 116 -12.55 40.82 -51.68
C LEU D 116 -11.94 40.79 -50.28
N LEU D 117 -11.77 39.60 -49.72
CA LEU D 117 -11.16 39.50 -48.39
C LEU D 117 -9.66 39.72 -48.43
N ASP D 118 -8.99 39.32 -49.51
CA ASP D 118 -7.58 39.69 -49.66
C ASP D 118 -7.43 41.20 -49.76
N SER D 119 -8.36 41.85 -50.45
CA SER D 119 -8.38 43.31 -50.46
C SER D 119 -8.66 43.87 -49.08
N LEU D 120 -9.63 43.29 -48.37
CA LEU D 120 -9.94 43.76 -47.02
C LEU D 120 -8.79 43.50 -46.06
N HIS D 121 -8.12 42.36 -46.20
CA HIS D 121 -6.97 42.07 -45.36
C HIS D 121 -5.84 43.06 -45.61
N ARG D 122 -5.58 43.37 -46.88
CA ARG D 122 -4.53 44.33 -47.21
C ARG D 122 -4.86 45.71 -46.65
N ALA D 123 -6.14 46.09 -46.67
CA ALA D 123 -6.56 47.35 -46.09
C ALA D 123 -6.29 47.40 -44.60
N GLN D 124 -6.57 46.30 -43.90
CA GLN D 124 -6.29 46.24 -42.46
C GLN D 124 -4.80 46.35 -42.18
N VAL D 125 -3.97 45.74 -43.03
CA VAL D 125 -2.53 45.78 -42.82
C VAL D 125 -2.01 47.21 -42.96
N TYR D 126 -2.45 47.93 -44.01
CA TYR D 126 -2.00 49.30 -44.21
C TYR D 126 -2.48 50.23 -43.12
N ARG D 127 -3.72 50.06 -42.67
CA ARG D 127 -4.22 50.88 -41.57
C ARG D 127 -3.43 50.62 -40.30
N GLU D 128 -3.09 49.36 -40.03
CA GLU D 128 -2.25 49.04 -38.88
C GLU D 128 -0.86 49.65 -39.04
N MET D 129 -0.29 49.58 -40.25
CA MET D 129 1.03 50.16 -40.48
C MET D 129 1.01 51.68 -40.33
N TYR D 130 -0.01 52.33 -40.86
CA TYR D 130 -0.09 53.79 -40.76
C TYR D 130 -0.26 54.24 -39.31
N ASP D 131 -1.15 53.58 -38.57
CA ASP D 131 -1.41 53.95 -37.19
C ASP D 131 -1.81 52.73 -36.37
N LEU D 144 -5.01 48.29 -19.40
CA LEU D 144 -4.12 49.10 -18.58
C LEU D 144 -3.43 48.24 -17.51
N PHE D 145 -2.62 47.30 -17.97
CA PHE D 145 -1.88 46.39 -17.07
C PHE D 145 -0.59 47.08 -16.65
N ARG D 146 -0.69 47.89 -15.59
CA ARG D 146 0.47 48.61 -15.10
C ARG D 146 1.48 47.67 -14.44
N SER D 147 1.00 46.55 -13.89
CA SER D 147 1.89 45.63 -13.19
C SER D 147 2.94 45.05 -14.14
N LEU D 148 2.54 44.72 -15.36
CA LEU D 148 3.47 44.25 -16.38
C LEU D 148 4.06 45.47 -17.09
N VAL D 149 5.33 45.74 -16.84
CA VAL D 149 6.00 46.89 -17.41
C VAL D 149 6.97 46.39 -18.47
N GLY D 150 7.28 47.27 -19.41
CA GLY D 150 8.27 46.97 -20.41
C GLY D 150 7.93 47.60 -21.74
N THR D 151 8.84 47.41 -22.69
CA THR D 151 8.65 47.96 -24.03
C THR D 151 9.00 46.99 -25.15
N SER D 152 9.30 45.73 -24.85
CA SER D 152 9.62 44.78 -25.91
C SER D 152 8.38 44.43 -26.71
N ARG D 153 8.61 43.84 -27.88
CA ARG D 153 7.49 43.35 -28.69
C ARG D 153 6.76 42.22 -27.99
N ALA D 154 7.51 41.34 -27.32
CA ALA D 154 6.88 40.22 -26.62
C ALA D 154 5.96 40.70 -25.51
N ILE D 155 6.40 41.71 -24.74
CA ILE D 155 5.61 42.16 -23.61
C ILE D 155 4.33 42.84 -24.07
N GLN D 156 4.39 43.60 -25.17
CA GLN D 156 3.17 44.25 -25.65
C GLN D 156 2.25 43.25 -26.34
N GLN D 157 2.80 42.23 -26.98
CA GLN D 157 1.96 41.15 -27.50
C GLN D 157 1.23 40.45 -26.36
N VAL D 158 1.93 40.19 -25.26
CA VAL D 158 1.29 39.58 -24.09
C VAL D 158 0.20 40.49 -23.54
N ARG D 159 0.49 41.79 -23.45
CA ARG D 159 -0.51 42.74 -22.95
C ARG D 159 -1.74 42.78 -23.84
N GLN D 160 -1.55 42.74 -25.16
CA GLN D 160 -2.69 42.73 -26.08
C GLN D 160 -3.51 41.45 -25.92
N MET D 161 -2.83 40.31 -25.79
CA MET D 161 -3.56 39.06 -25.62
C MET D 161 -4.35 39.07 -24.32
N MET D 162 -3.77 39.62 -23.26
CA MET D 162 -4.49 39.75 -21.99
C MET D 162 -5.70 40.65 -22.13
N GLN D 163 -5.55 41.78 -22.84
CA GLN D 163 -6.67 42.67 -23.07
C GLN D 163 -7.78 41.95 -23.83
N GLN D 164 -7.40 41.08 -24.75
CA GLN D 164 -8.39 40.34 -25.53
C GLN D 164 -9.12 39.29 -24.71
N VAL D 165 -8.41 38.64 -23.77
CA VAL D 165 -9.00 37.50 -23.06
C VAL D 165 -9.58 37.87 -21.70
N ALA D 166 -9.20 39.01 -21.13
CA ALA D 166 -9.58 39.32 -19.75
C ALA D 166 -11.08 39.54 -19.58
N ASP D 167 -11.78 39.94 -20.63
CA ASP D 167 -13.20 40.27 -20.53
C ASP D 167 -14.11 39.09 -20.74
N THR D 168 -13.57 37.90 -20.98
CA THR D 168 -14.36 36.72 -21.27
C THR D 168 -14.02 35.62 -20.27
N ASP D 169 -14.94 34.67 -20.14
CA ASP D 169 -14.79 33.54 -19.22
C ASP D 169 -14.23 32.40 -20.06
N ALA D 170 -12.92 32.20 -19.99
CA ALA D 170 -12.26 31.14 -20.73
C ALA D 170 -11.08 30.63 -19.92
N SER D 171 -10.69 29.40 -20.20
CA SER D 171 -9.57 28.78 -19.51
C SER D 171 -8.27 29.29 -20.13
N VAL D 172 -7.45 29.95 -19.32
CA VAL D 172 -6.18 30.51 -19.78
C VAL D 172 -5.05 29.61 -19.31
N LEU D 173 -4.09 29.36 -20.19
CA LEU D 173 -2.89 28.61 -19.87
C LEU D 173 -1.68 29.48 -20.15
N ILE D 174 -0.88 29.73 -19.12
CA ILE D 174 0.26 30.64 -19.22
C ILE D 174 1.52 29.79 -19.36
N LEU D 175 2.16 29.88 -20.51
CA LEU D 175 3.31 29.05 -20.84
C LEU D 175 4.57 29.88 -20.85
N GLY D 176 5.66 29.30 -20.32
CA GLY D 176 6.93 29.99 -20.28
C GLY D 176 8.00 29.18 -19.59
N GLU D 177 8.78 29.83 -18.74
CA GLU D 177 9.82 29.16 -17.97
C GLU D 177 9.61 29.46 -16.49
N SER D 178 10.48 28.89 -15.66
CA SER D 178 10.39 29.11 -14.23
C SER D 178 10.69 30.56 -13.88
N GLY D 179 9.86 31.14 -13.02
CA GLY D 179 10.07 32.50 -12.56
C GLY D 179 9.95 33.56 -13.64
N THR D 180 8.93 33.46 -14.49
CA THR D 180 8.76 34.40 -15.58
C THR D 180 7.65 35.41 -15.30
N GLY D 181 6.96 35.27 -14.16
CA GLY D 181 5.93 36.22 -13.80
C GLY D 181 4.54 35.82 -14.21
N LYS D 182 4.19 34.55 -14.02
CA LYS D 182 2.88 34.07 -14.44
C LYS D 182 1.78 34.45 -13.46
N GLU D 183 2.08 34.50 -12.17
CA GLU D 183 1.08 34.87 -11.17
C GLU D 183 0.64 36.32 -11.36
N VAL D 184 1.57 37.21 -11.75
CA VAL D 184 1.20 38.60 -12.00
C VAL D 184 0.23 38.69 -13.17
N VAL D 185 0.49 37.95 -14.24
CA VAL D 185 -0.41 37.94 -15.38
C VAL D 185 -1.79 37.41 -14.97
N ALA D 186 -1.81 36.35 -14.17
CA ALA D 186 -3.09 35.79 -13.72
C ALA D 186 -3.87 36.80 -12.87
N ARG D 187 -3.18 37.52 -11.98
CA ARG D 187 -3.86 38.50 -11.15
C ARG D 187 -4.39 39.66 -11.98
N ASN D 188 -3.63 40.12 -12.97
CA ASN D 188 -4.13 41.18 -13.84
C ASN D 188 -5.33 40.70 -14.64
N LEU D 189 -5.32 39.44 -15.08
CA LEU D 189 -6.49 38.90 -15.76
C LEU D 189 -7.70 38.87 -14.85
N HIS D 190 -7.51 38.47 -13.60
CA HIS D 190 -8.63 38.41 -12.66
C HIS D 190 -9.17 39.79 -12.33
N TYR D 191 -8.28 40.77 -12.17
CA TYR D 191 -8.71 42.09 -11.73
C TYR D 191 -9.45 42.85 -12.83
N HIS D 192 -9.18 42.54 -14.09
CA HIS D 192 -9.84 43.18 -15.22
C HIS D 192 -10.93 42.32 -15.83
N SER D 193 -11.63 41.53 -15.01
CA SER D 193 -12.69 40.66 -15.46
C SER D 193 -13.97 40.99 -14.69
N LYS D 194 -15.03 40.25 -15.01
CA LYS D 194 -16.29 40.40 -14.30
C LYS D 194 -16.21 39.88 -12.88
N ARG D 195 -15.17 39.09 -12.57
CA ARG D 195 -14.97 38.48 -11.27
C ARG D 195 -14.05 39.30 -10.38
N ARG D 196 -13.98 40.61 -10.61
CA ARG D 196 -13.04 41.45 -9.85
C ARG D 196 -13.33 41.39 -8.36
N GLU D 197 -14.60 41.35 -7.98
CA GLU D 197 -14.99 41.34 -6.58
C GLU D 197 -14.89 39.97 -5.93
N GLY D 198 -14.54 38.94 -6.71
CA GLY D 198 -14.42 37.61 -6.17
C GLY D 198 -13.03 37.33 -5.64
N PRO D 199 -12.83 36.12 -5.13
CA PRO D 199 -11.52 35.75 -4.59
C PRO D 199 -10.55 35.27 -5.66
N PHE D 200 -9.27 35.31 -5.30
CA PHE D 200 -8.19 34.76 -6.10
C PHE D 200 -7.49 33.70 -5.28
N VAL D 201 -7.67 32.43 -5.66
CA VAL D 201 -7.16 31.31 -4.90
C VAL D 201 -6.05 30.64 -5.71
N PRO D 202 -4.79 30.75 -5.31
CA PRO D 202 -3.71 30.05 -6.02
C PRO D 202 -3.46 28.66 -5.47
N VAL D 203 -3.15 27.74 -6.37
CA VAL D 203 -2.85 26.35 -6.03
C VAL D 203 -1.57 25.95 -6.76
N ASN D 204 -0.56 25.55 -6.00
CA ASN D 204 0.70 25.08 -6.58
C ASN D 204 0.75 23.57 -6.46
N CYS D 205 0.77 22.89 -7.61
CA CYS D 205 0.79 21.44 -7.62
C CYS D 205 2.17 20.86 -7.38
N GLY D 206 3.21 21.67 -7.47
CA GLY D 206 4.56 21.25 -7.15
C GLY D 206 5.02 21.60 -5.76
N ALA D 207 4.15 22.20 -4.95
CA ALA D 207 4.45 22.51 -3.56
C ALA D 207 3.54 21.76 -2.61
N ILE D 208 2.75 20.82 -3.12
CA ILE D 208 1.86 20.01 -2.30
C ILE D 208 2.15 18.54 -2.64
N PRO D 209 2.32 17.68 -1.65
CA PRO D 209 2.54 16.25 -1.94
C PRO D 209 1.37 15.66 -2.70
N ALA D 210 1.66 14.61 -3.47
CA ALA D 210 0.65 14.01 -4.32
C ALA D 210 -0.55 13.51 -3.51
N GLU D 211 -0.30 12.98 -2.32
CA GLU D 211 -1.38 12.47 -1.49
C GLU D 211 -2.21 13.57 -0.84
N LEU D 212 -1.72 14.81 -0.82
CA LEU D 212 -2.43 15.91 -0.19
C LEU D 212 -3.20 16.77 -1.18
N LEU D 213 -2.93 16.63 -2.48
CA LEU D 213 -3.50 17.54 -3.46
C LEU D 213 -5.02 17.39 -3.55
N GLU D 214 -5.52 16.16 -3.52
CA GLU D 214 -6.95 15.93 -3.62
C GLU D 214 -7.68 16.54 -2.43
N SER D 215 -7.17 16.30 -1.23
CA SER D 215 -7.79 16.87 -0.03
C SER D 215 -7.67 18.39 -0.01
N GLU D 216 -6.61 18.94 -0.59
CA GLU D 216 -6.45 20.39 -0.56
C GLU D 216 -7.38 21.06 -1.55
N LEU D 217 -7.57 20.47 -2.74
CA LEU D 217 -8.43 21.07 -3.76
C LEU D 217 -9.92 20.84 -3.47
N PHE D 218 -10.29 19.63 -3.04
CA PHE D 218 -11.69 19.28 -2.88
C PHE D 218 -12.24 19.43 -1.48
N GLY D 219 -11.39 19.46 -0.45
CA GLY D 219 -11.85 19.43 0.91
C GLY D 219 -12.11 18.03 1.39
N HIS D 220 -12.57 17.93 2.63
CA HIS D 220 -12.85 16.64 3.25
C HIS D 220 -13.86 16.84 4.35
N GLU D 221 -14.42 15.72 4.82
CA GLU D 221 -15.40 15.74 5.90
C GLU D 221 -14.71 15.55 7.25
N LYS D 222 -15.51 15.28 8.29
CA LYS D 222 -14.95 15.07 9.62
C LYS D 222 -14.01 13.88 9.64
N GLY D 223 -14.40 12.78 8.99
CA GLY D 223 -13.50 11.65 8.84
C GLY D 223 -13.49 11.12 7.43
N ALA D 224 -12.33 11.21 6.77
CA ALA D 224 -12.19 10.72 5.40
C ALA D 224 -10.92 9.89 5.29
N PHE D 225 -9.96 10.15 6.17
CA PHE D 225 -8.69 9.46 6.17
C PHE D 225 -8.11 9.54 7.58
N THR D 226 -6.90 9.02 7.75
CA THR D 226 -6.31 8.83 9.07
C THR D 226 -5.81 10.13 9.69
N GLY D 227 -6.09 11.28 9.09
CA GLY D 227 -5.65 12.54 9.63
C GLY D 227 -6.73 13.61 9.66
N ALA D 228 -7.86 13.32 9.04
CA ALA D 228 -8.95 14.28 8.96
C ALA D 228 -9.63 14.39 10.32
N ILE D 229 -9.52 15.56 10.94
CA ILE D 229 -10.08 15.81 12.26
C ILE D 229 -11.17 16.86 12.23
N THR D 230 -11.47 17.44 11.08
CA THR D 230 -12.51 18.45 10.95
C THR D 230 -12.96 18.50 9.50
N SER D 231 -14.09 19.14 9.28
CA SER D 231 -14.64 19.33 7.94
C SER D 231 -14.30 20.73 7.47
N ARG D 232 -13.62 20.83 6.33
CA ARG D 232 -13.19 22.10 5.79
C ARG D 232 -13.52 22.19 4.30
N ALA D 233 -13.57 23.42 3.82
CA ALA D 233 -13.82 23.68 2.41
C ALA D 233 -12.52 23.66 1.61
N GLY D 234 -12.57 23.02 0.44
CA GLY D 234 -11.44 23.01 -0.47
C GLY D 234 -11.29 24.31 -1.22
N ARG D 235 -10.27 24.34 -2.08
CA ARG D 235 -9.96 25.56 -2.81
C ARG D 235 -10.87 25.78 -4.03
N PHE D 236 -11.58 24.76 -4.51
CA PHE D 236 -12.66 25.02 -5.46
C PHE D 236 -13.80 25.79 -4.80
N GLU D 237 -14.17 25.42 -3.58
CA GLU D 237 -15.22 26.17 -2.89
C GLU D 237 -14.72 27.54 -2.45
N LEU D 238 -13.44 27.64 -2.12
CA LEU D 238 -12.85 28.94 -1.81
C LEU D 238 -12.87 29.87 -3.01
N ALA D 239 -12.82 29.32 -4.22
CA ALA D 239 -12.79 30.12 -5.43
C ALA D 239 -14.18 30.38 -6.01
N ASN D 240 -15.23 29.95 -5.31
CA ASN D 240 -16.59 30.17 -5.77
C ASN D 240 -16.84 31.66 -5.95
N GLY D 241 -17.16 32.04 -7.18
CA GLY D 241 -17.30 33.44 -7.54
C GLY D 241 -16.02 34.14 -7.92
N GLY D 242 -14.93 33.41 -8.11
CA GLY D 242 -13.67 34.00 -8.50
C GLY D 242 -12.91 33.12 -9.46
N THR D 243 -11.58 33.16 -9.41
CA THR D 243 -10.75 32.36 -10.29
C THR D 243 -9.78 31.51 -9.48
N LEU D 244 -9.52 30.31 -9.98
CA LEU D 244 -8.60 29.36 -9.36
C LEU D 244 -7.36 29.26 -10.23
N PHE D 245 -6.22 29.66 -9.68
CA PHE D 245 -4.95 29.69 -10.42
C PHE D 245 -4.15 28.46 -10.05
N LEU D 246 -4.10 27.50 -10.96
CA LEU D 246 -3.33 26.27 -10.76
C LEU D 246 -1.95 26.45 -11.37
N ASP D 247 -0.96 26.69 -10.52
CA ASP D 247 0.41 26.83 -10.98
C ASP D 247 1.10 25.48 -10.99
N GLU D 248 2.04 25.32 -11.93
CA GLU D 248 2.77 24.07 -12.12
C GLU D 248 1.81 22.90 -12.31
N ILE D 249 0.97 23.02 -13.34
CA ILE D 249 -0.01 21.97 -13.64
C ILE D 249 0.66 20.71 -14.16
N GLY D 250 1.90 20.83 -14.64
CA GLY D 250 2.55 19.70 -15.29
C GLY D 250 2.96 18.60 -14.34
N ASP D 251 3.18 18.92 -13.07
CA ASP D 251 3.57 17.94 -12.08
C ASP D 251 2.38 17.38 -11.31
N MET D 252 1.16 17.71 -11.73
CA MET D 252 -0.01 17.08 -11.13
C MET D 252 -0.02 15.59 -11.45
N PRO D 253 -0.33 14.73 -10.48
CA PRO D 253 -0.44 13.30 -10.76
C PRO D 253 -1.58 13.00 -11.71
N LEU D 254 -1.44 11.90 -12.44
CA LEU D 254 -2.43 11.53 -13.46
C LEU D 254 -3.82 11.28 -12.89
N PRO D 255 -4.01 10.56 -11.79
CA PRO D 255 -5.37 10.41 -11.24
C PRO D 255 -6.02 11.75 -10.89
N MET D 256 -5.22 12.66 -10.33
CA MET D 256 -5.75 13.98 -10.02
C MET D 256 -6.06 14.75 -11.29
N GLN D 257 -5.29 14.52 -12.36
CA GLN D 257 -5.63 15.09 -13.66
C GLN D 257 -7.00 14.61 -14.11
N VAL D 258 -7.27 13.31 -13.98
CA VAL D 258 -8.57 12.76 -14.39
C VAL D 258 -9.69 13.39 -13.58
N LYS D 259 -9.51 13.48 -12.27
CA LYS D 259 -10.56 14.05 -11.43
C LYS D 259 -10.78 15.52 -11.73
N LEU D 260 -9.70 16.27 -12.00
CA LEU D 260 -9.85 17.67 -12.37
C LEU D 260 -10.60 17.82 -13.68
N LEU D 261 -10.31 16.95 -14.66
CA LEU D 261 -11.06 16.97 -15.90
C LEU D 261 -12.54 16.70 -15.64
N ARG D 262 -12.84 15.72 -14.80
CA ARG D 262 -14.25 15.42 -14.51
C ARG D 262 -14.94 16.61 -13.87
N VAL D 263 -14.28 17.26 -12.91
CA VAL D 263 -14.86 18.43 -12.26
C VAL D 263 -15.08 19.56 -13.26
N LEU D 264 -14.08 19.81 -14.11
CA LEU D 264 -14.21 20.88 -15.10
C LEU D 264 -15.34 20.61 -16.08
N GLN D 265 -15.48 19.35 -16.51
CA GLN D 265 -16.53 19.01 -17.46
C GLN D 265 -17.91 19.11 -16.84
N GLU D 266 -18.09 18.52 -15.65
CA GLU D 266 -19.41 18.43 -15.06
C GLU D 266 -19.79 19.64 -14.22
N ARG D 267 -18.86 20.55 -13.93
CA ARG D 267 -19.08 21.70 -13.06
C ARG D 267 -19.44 21.31 -11.63
N THR D 268 -19.27 20.04 -11.27
CA THR D 268 -19.61 19.56 -9.93
C THR D 268 -18.45 18.75 -9.37
N PHE D 269 -18.33 18.78 -8.04
CA PHE D 269 -17.29 18.04 -7.35
C PHE D 269 -17.83 17.57 -6.00
N GLU D 270 -17.12 16.63 -5.39
CA GLU D 270 -17.50 16.08 -4.10
C GLU D 270 -16.31 16.12 -3.16
N ARG D 271 -16.57 16.43 -1.90
CA ARG D 271 -15.52 16.39 -0.89
C ARG D 271 -15.06 14.96 -0.69
N VAL D 272 -13.80 14.80 -0.30
CA VAL D 272 -13.26 13.47 -0.03
C VAL D 272 -13.97 12.89 1.19
N GLY D 273 -14.43 11.64 1.06
CA GLY D 273 -15.18 11.02 2.12
C GLY D 273 -16.61 11.50 2.25
N SER D 274 -17.19 12.02 1.17
CA SER D 274 -18.56 12.50 1.18
C SER D 274 -19.24 12.11 -0.12
N ASN D 275 -20.57 12.08 -0.08
CA ASN D 275 -21.39 11.73 -1.24
C ASN D 275 -22.32 12.85 -1.65
N LYS D 276 -22.11 14.06 -1.16
CA LYS D 276 -22.91 15.22 -1.53
C LYS D 276 -22.20 15.98 -2.64
N THR D 277 -22.93 16.23 -3.73
CA THR D 277 -22.37 16.93 -4.88
C THR D 277 -22.62 18.43 -4.74
N GLN D 278 -21.56 19.22 -4.95
CA GLN D 278 -21.63 20.66 -4.88
C GLN D 278 -21.24 21.26 -6.22
N ASN D 279 -21.84 22.38 -6.57
CA ASN D 279 -21.54 23.08 -7.81
C ASN D 279 -20.78 24.37 -7.52
N VAL D 280 -19.75 24.64 -8.32
CA VAL D 280 -18.95 25.85 -8.19
C VAL D 280 -18.68 26.41 -9.58
N ASP D 281 -18.82 27.73 -9.72
CA ASP D 281 -18.52 28.43 -10.96
C ASP D 281 -17.22 29.21 -10.74
N VAL D 282 -16.15 28.71 -11.33
CA VAL D 282 -14.82 29.29 -11.18
C VAL D 282 -14.20 29.45 -12.55
N ARG D 283 -13.22 30.35 -12.63
CA ARG D 283 -12.42 30.53 -13.83
C ARG D 283 -11.05 29.91 -13.60
N ILE D 284 -10.63 29.07 -14.54
CA ILE D 284 -9.38 28.34 -14.41
C ILE D 284 -8.30 29.08 -15.18
N ILE D 285 -7.22 29.42 -14.47
CA ILE D 285 -6.01 29.97 -15.06
C ILE D 285 -4.86 29.07 -14.66
N ALA D 286 -4.34 28.30 -15.60
CA ALA D 286 -3.26 27.37 -15.34
C ALA D 286 -1.94 27.93 -15.84
N ALA D 287 -0.86 27.47 -15.22
CA ALA D 287 0.48 27.92 -15.56
C ALA D 287 1.39 26.71 -15.72
N THR D 288 2.34 26.81 -16.65
CA THR D 288 3.22 25.70 -16.95
C THR D 288 4.57 26.25 -17.41
N HIS D 289 5.63 25.52 -17.08
CA HIS D 289 6.92 25.74 -17.70
C HIS D 289 7.42 24.54 -18.49
N LYS D 290 6.74 23.40 -18.37
CA LYS D 290 7.12 22.21 -19.10
C LYS D 290 6.45 22.18 -20.46
N ASN D 291 7.11 21.54 -21.43
CA ASN D 291 6.55 21.38 -22.77
C ASN D 291 5.46 20.32 -22.70
N LEU D 292 4.21 20.77 -22.65
CA LEU D 292 3.11 19.84 -22.45
C LEU D 292 3.00 18.86 -23.61
N GLU D 293 3.11 19.35 -24.84
CA GLU D 293 2.94 18.48 -26.01
C GLU D 293 3.85 17.27 -25.95
N LYS D 294 5.10 17.48 -25.54
CA LYS D 294 6.00 16.35 -25.35
C LYS D 294 5.50 15.43 -24.25
N MET D 295 4.82 15.97 -23.24
CA MET D 295 4.32 15.14 -22.16
C MET D 295 3.14 14.28 -22.60
N ILE D 296 2.26 14.82 -23.44
CA ILE D 296 1.23 13.99 -24.06
C ILE D 296 1.87 12.95 -24.97
N GLU D 297 2.95 13.32 -25.67
CA GLU D 297 3.63 12.36 -26.54
C GLU D 297 4.20 11.20 -25.73
N ASP D 298 4.76 11.49 -24.56
CA ASP D 298 5.31 10.47 -23.67
C ASP D 298 4.27 9.87 -22.73
N GLY D 299 3.02 10.35 -22.78
CA GLY D 299 1.97 9.77 -21.98
C GLY D 299 1.97 10.15 -20.52
N THR D 300 2.70 11.20 -20.14
CA THR D 300 2.73 11.66 -18.76
C THR D 300 1.72 12.76 -18.48
N PHE D 301 0.99 13.22 -19.49
CA PHE D 301 -0.06 14.21 -19.33
C PHE D 301 -1.23 13.82 -20.21
N ARG D 302 -2.42 14.25 -19.81
CA ARG D 302 -3.63 13.89 -20.52
C ARG D 302 -3.94 14.92 -21.60
N GLU D 303 -4.19 14.44 -22.81
CA GLU D 303 -4.44 15.33 -23.94
C GLU D 303 -5.80 16.01 -23.82
N ASP D 304 -6.79 15.30 -23.29
CA ASP D 304 -8.12 15.87 -23.11
C ASP D 304 -8.12 17.02 -22.11
N LEU D 305 -7.46 16.83 -20.96
CA LEU D 305 -7.30 17.93 -20.02
C LEU D 305 -6.50 19.06 -20.64
N TYR D 306 -5.50 18.72 -21.46
CA TYR D 306 -4.71 19.73 -22.13
C TYR D 306 -5.57 20.63 -23.01
N TYR D 307 -6.44 20.03 -23.81
CA TYR D 307 -7.27 20.83 -24.71
C TYR D 307 -8.43 21.49 -23.98
N ARG D 308 -8.78 21.01 -22.79
CA ARG D 308 -9.73 21.77 -21.98
C ARG D 308 -9.07 22.99 -21.35
N LEU D 309 -7.79 22.91 -21.01
CA LEU D 309 -7.09 24.05 -20.42
C LEU D 309 -6.49 25.00 -21.43
N ASN D 310 -6.33 24.59 -22.69
CA ASN D 310 -5.63 25.40 -23.69
C ASN D 310 -6.59 26.15 -24.60
N VAL D 311 -7.71 26.66 -24.07
CA VAL D 311 -8.60 27.47 -24.86
C VAL D 311 -7.90 28.76 -25.30
N PHE D 312 -7.10 29.34 -24.41
CA PHE D 312 -6.33 30.55 -24.73
C PHE D 312 -4.95 30.48 -24.10
N PRO D 313 -3.91 30.18 -24.88
CA PRO D 313 -2.56 30.17 -24.32
C PRO D 313 -1.87 31.52 -24.43
N ILE D 314 -1.15 31.87 -23.37
CA ILE D 314 -0.33 33.08 -23.34
C ILE D 314 1.10 32.65 -23.08
N GLU D 315 2.00 32.98 -24.01
CA GLU D 315 3.39 32.59 -23.92
C GLU D 315 4.21 33.79 -23.44
N MET D 316 4.91 33.62 -22.32
CA MET D 316 5.77 34.64 -21.76
C MET D 316 7.19 34.44 -22.27
N ALA D 317 7.91 35.56 -22.40
CA ALA D 317 9.23 35.49 -23.00
C ALA D 317 10.32 35.64 -21.95
N PRO D 318 11.43 34.92 -22.10
CA PRO D 318 12.49 35.01 -21.10
C PRO D 318 13.12 36.40 -21.06
N LEU D 319 13.67 36.74 -19.89
CA LEU D 319 14.29 38.04 -19.71
C LEU D 319 15.55 38.19 -20.55
N ARG D 320 16.19 37.09 -20.93
CA ARG D 320 17.33 37.18 -21.83
C ARG D 320 16.92 37.54 -23.25
N GLU D 321 15.65 37.35 -23.60
CA GLU D 321 15.12 37.75 -24.89
C GLU D 321 14.40 39.09 -24.85
N ARG D 322 14.32 39.71 -23.68
CA ARG D 322 13.75 41.05 -23.53
C ARG D 322 14.66 41.90 -22.66
N VAL D 323 15.95 41.90 -23.04
CA VAL D 323 17.01 42.51 -22.24
C VAL D 323 16.84 44.02 -22.11
N GLU D 324 16.32 44.69 -23.13
CA GLU D 324 16.16 46.14 -23.02
C GLU D 324 15.14 46.54 -21.96
N ASP D 325 14.43 45.58 -21.38
CA ASP D 325 13.36 45.85 -20.44
C ASP D 325 13.81 45.78 -18.99
N ILE D 326 15.07 45.39 -18.74
CA ILE D 326 15.51 45.07 -17.39
C ILE D 326 15.44 46.30 -16.48
N ALA D 327 15.86 47.46 -16.99
CA ALA D 327 15.87 48.66 -16.15
C ALA D 327 14.47 49.02 -15.67
N LEU D 328 13.46 48.89 -16.53
CA LEU D 328 12.09 49.19 -16.13
C LEU D 328 11.61 48.20 -15.08
N LEU D 329 11.97 46.92 -15.24
CA LEU D 329 11.66 45.93 -14.21
C LEU D 329 12.32 46.27 -12.89
N LEU D 330 13.57 46.72 -12.93
CA LEU D 330 14.28 47.10 -11.71
C LEU D 330 13.54 48.23 -11.02
N ASN D 331 13.16 49.26 -11.77
CA ASN D 331 12.43 50.37 -11.19
C ASN D 331 11.08 49.94 -10.64
N GLU D 332 10.43 48.97 -11.30
CA GLU D 332 9.14 48.50 -10.82
C GLU D 332 9.29 47.70 -9.53
N LEU D 333 10.30 46.84 -9.47
CA LEU D 333 10.56 46.04 -8.28
C LEU D 333 10.94 46.92 -7.10
N ILE D 334 11.83 47.88 -7.32
CA ILE D 334 12.14 48.85 -6.27
C ILE D 334 10.90 49.62 -5.87
N SER D 335 10.02 49.91 -6.84
CA SER D 335 8.78 50.64 -6.56
C SER D 335 7.91 49.88 -5.57
N ARG D 336 7.73 48.57 -5.78
CA ARG D 336 6.81 47.83 -4.92
C ARG D 336 7.37 47.68 -3.51
N MET D 337 8.70 47.67 -3.35
CA MET D 337 9.27 47.66 -2.02
C MET D 337 8.98 48.95 -1.25
N GLU D 338 8.64 50.02 -1.96
CA GLU D 338 8.13 51.21 -1.27
C GLU D 338 6.81 50.93 -0.58
N HIS D 339 6.02 49.99 -1.09
CA HIS D 339 4.72 49.69 -0.50
C HIS D 339 4.78 48.58 0.54
N GLU D 340 5.71 47.64 0.40
CA GLU D 340 5.83 46.51 1.32
C GLU D 340 6.93 46.73 2.37
N LYS D 341 7.52 47.92 2.41
CA LYS D 341 8.33 48.45 3.51
C LYS D 341 9.41 47.46 3.99
N ARG D 342 10.38 47.22 3.11
CA ARG D 342 11.65 46.62 3.52
C ARG D 342 12.85 47.44 3.08
N GLY D 343 12.66 48.67 2.63
CA GLY D 343 13.75 49.56 2.28
C GLY D 343 13.72 49.96 0.82
N SER D 344 14.84 50.52 0.38
CA SER D 344 14.98 51.01 -0.98
C SER D 344 16.46 50.97 -1.35
N ILE D 345 16.73 51.05 -2.65
CA ILE D 345 18.09 50.97 -3.15
C ILE D 345 18.10 51.51 -4.58
N ARG D 346 19.25 52.01 -5.02
CA ARG D 346 19.40 52.57 -6.35
C ARG D 346 20.55 51.89 -7.07
N PHE D 347 20.57 52.02 -8.39
CA PHE D 347 21.49 51.30 -9.25
C PHE D 347 22.35 52.28 -10.04
N ASN D 348 23.48 51.77 -10.52
CA ASN D 348 24.39 52.52 -11.38
C ASN D 348 24.26 52.03 -12.82
N SER D 349 24.61 52.92 -13.76
CA SER D 349 24.47 52.59 -15.18
C SER D 349 25.36 51.41 -15.57
N ALA D 350 26.59 51.38 -15.06
CA ALA D 350 27.47 50.24 -15.33
C ALA D 350 26.89 48.96 -14.72
N ALA D 351 26.33 49.05 -13.52
CA ALA D 351 25.71 47.88 -12.91
C ALA D 351 24.51 47.40 -13.72
N ILE D 352 23.70 48.34 -14.21
CA ILE D 352 22.55 47.96 -15.03
C ILE D 352 23.01 47.29 -16.31
N MET D 353 24.04 47.84 -16.96
CA MET D 353 24.56 47.22 -18.18
C MET D 353 25.09 45.82 -17.89
N SER D 354 25.78 45.65 -16.77
CA SER D 354 26.30 44.34 -16.40
C SER D 354 25.17 43.35 -16.16
N LEU D 355 24.10 43.79 -15.49
CA LEU D 355 22.95 42.91 -15.29
C LEU D 355 22.31 42.54 -16.62
N CYS D 356 22.26 43.49 -17.55
CA CYS D 356 21.68 43.21 -18.86
C CYS D 356 22.48 42.16 -19.62
N ARG D 357 23.77 42.01 -19.31
CA ARG D 357 24.63 41.07 -20.01
C ARG D 357 24.65 39.70 -19.34
N HIS D 358 23.58 39.32 -18.65
CA HIS D 358 23.52 38.07 -17.90
C HIS D 358 22.53 37.11 -18.55
N ASP D 359 22.79 35.82 -18.36
CA ASP D 359 21.92 34.78 -18.95
C ASP D 359 20.53 34.80 -18.32
N TRP D 360 20.47 34.93 -16.99
CA TRP D 360 19.22 34.98 -16.23
C TRP D 360 18.36 33.74 -16.39
N PRO D 361 18.74 32.59 -15.84
CA PRO D 361 17.79 31.49 -15.71
C PRO D 361 16.95 31.66 -14.45
N GLY D 362 15.64 31.52 -14.59
CA GLY D 362 14.77 31.92 -13.48
C GLY D 362 14.68 33.42 -13.42
N ASN D 363 14.22 34.01 -14.52
CA ASN D 363 14.34 35.42 -14.87
C ASN D 363 13.91 36.40 -13.79
N VAL D 364 12.60 36.46 -13.52
CA VAL D 364 12.08 37.46 -12.61
C VAL D 364 12.28 37.02 -11.18
N ARG D 365 12.26 35.71 -10.93
CA ARG D 365 12.58 35.23 -9.59
C ARG D 365 13.99 35.61 -9.18
N GLU D 366 14.98 35.41 -10.06
CA GLU D 366 16.33 35.84 -9.69
C GLU D 366 16.45 37.35 -9.66
N LEU D 367 15.76 38.08 -10.53
CA LEU D 367 15.86 39.53 -10.46
C LEU D 367 15.34 40.05 -9.12
N ALA D 368 14.17 39.56 -8.70
CA ALA D 368 13.61 39.95 -7.42
C ALA D 368 14.46 39.48 -6.25
N ASN D 369 15.01 38.27 -6.35
CA ASN D 369 15.88 37.76 -5.29
C ASN D 369 17.14 38.61 -5.16
N LEU D 370 17.74 38.98 -6.30
CA LEU D 370 18.91 39.85 -6.28
C LEU D 370 18.60 41.20 -5.68
N VAL D 371 17.47 41.80 -6.06
CA VAL D 371 17.10 43.11 -5.52
C VAL D 371 16.86 43.00 -4.02
N GLU D 372 16.14 41.99 -3.57
CA GLU D 372 15.87 41.82 -2.15
C GLU D 372 17.16 41.59 -1.37
N ARG D 373 18.05 40.77 -1.93
CA ARG D 373 19.32 40.45 -1.27
C ARG D 373 20.18 41.70 -1.10
N LEU D 374 20.31 42.51 -2.16
CA LEU D 374 21.13 43.71 -2.04
C LEU D 374 20.42 44.80 -1.23
N ALA D 375 19.09 44.78 -1.17
CA ALA D 375 18.38 45.74 -0.34
C ALA D 375 18.58 45.44 1.13
N ILE D 376 18.50 44.17 1.52
CA ILE D 376 18.73 43.81 2.91
C ILE D 376 20.22 43.92 3.25
N MET D 377 21.09 43.65 2.29
CA MET D 377 22.52 43.64 2.57
C MET D 377 23.08 45.06 2.71
N HIS D 378 22.76 45.93 1.75
CA HIS D 378 23.25 47.31 1.72
C HIS D 378 22.06 48.25 1.55
N PRO D 379 21.43 48.67 2.64
CA PRO D 379 20.19 49.46 2.52
C PRO D 379 20.47 50.91 2.18
N TYR D 380 19.61 51.46 1.31
CA TYR D 380 19.70 52.85 0.87
C TYR D 380 21.08 53.17 0.30
N GLY D 381 21.64 52.22 -0.46
CA GLY D 381 22.94 52.36 -1.07
C GLY D 381 22.87 52.40 -2.59
N VAL D 382 24.06 52.46 -3.18
CA VAL D 382 24.21 52.48 -4.64
C VAL D 382 25.07 51.29 -5.04
N ILE D 383 24.70 50.64 -6.14
CA ILE D 383 25.29 49.38 -6.55
C ILE D 383 26.20 49.62 -7.75
N GLY D 384 27.48 49.28 -7.60
CA GLY D 384 28.42 49.31 -8.70
C GLY D 384 28.70 47.92 -9.24
N VAL D 385 29.68 47.86 -10.16
CA VAL D 385 30.03 46.59 -10.78
C VAL D 385 30.60 45.63 -9.76
N GLY D 386 31.43 46.12 -8.83
CA GLY D 386 31.95 45.28 -7.77
C GLY D 386 31.00 45.09 -6.61
N GLU D 387 29.94 45.89 -6.56
CA GLU D 387 28.94 45.75 -5.49
C GLU D 387 28.10 44.49 -5.69
N LEU D 388 27.95 44.04 -6.93
CA LEU D 388 27.22 42.81 -7.19
C LEU D 388 27.93 41.64 -6.53
N PRO D 389 27.20 40.65 -6.04
CA PRO D 389 27.82 39.59 -5.23
C PRO D 389 28.75 38.67 -6.00
N LYS D 390 28.27 38.09 -7.10
CA LYS D 390 28.99 37.03 -7.77
C LYS D 390 28.29 36.69 -9.08
N LYS D 391 29.08 36.26 -10.06
CA LYS D 391 28.61 35.76 -11.37
C LYS D 391 27.56 36.66 -12.01
N PHE D 392 27.53 37.95 -11.64
CA PHE D 392 26.64 38.90 -12.27
C PHE D 392 27.39 39.98 -13.05
N ARG D 393 28.70 40.07 -12.88
CA ARG D 393 29.54 40.99 -13.63
C ARG D 393 30.67 40.21 -14.30
N HIS D 394 30.89 40.50 -15.58
CA HIS D 394 31.92 39.82 -16.36
C HIS D 394 32.18 40.54 -17.67
N GLU E 6 -20.04 20.14 -62.32
CA GLU E 6 -21.27 20.68 -62.87
C GLU E 6 -22.47 20.31 -62.01
N THR E 7 -23.08 21.32 -61.39
CA THR E 7 -24.27 21.13 -60.58
C THR E 7 -24.99 22.47 -60.48
N LYS E 8 -26.31 22.43 -60.40
CA LYS E 8 -27.13 23.63 -60.46
C LYS E 8 -28.15 23.63 -59.34
N LEU E 9 -28.53 24.83 -58.90
CA LEU E 9 -29.56 25.03 -57.90
C LEU E 9 -30.83 25.59 -58.52
N LEU E 10 -31.89 25.60 -57.72
CA LEU E 10 -33.18 26.16 -58.13
C LEU E 10 -33.67 27.07 -57.03
N LEU E 11 -33.80 28.36 -57.32
CA LEU E 11 -34.34 29.34 -56.38
C LEU E 11 -35.79 29.60 -56.74
N ILE E 12 -36.71 29.12 -55.92
CA ILE E 12 -38.14 29.29 -56.14
C ILE E 12 -38.69 30.15 -55.02
N ASP E 13 -38.99 31.41 -55.34
CA ASP E 13 -39.56 32.35 -54.38
C ASP E 13 -40.29 33.42 -55.17
N ASP E 14 -41.49 33.78 -54.71
CA ASP E 14 -42.35 34.72 -55.42
C ASP E 14 -42.06 36.17 -55.08
N ASN E 15 -41.14 36.45 -54.16
CA ASN E 15 -40.73 37.80 -53.85
C ASN E 15 -39.55 38.16 -54.76
N LEU E 16 -39.75 39.15 -55.64
CA LEU E 16 -38.76 39.45 -56.66
C LEU E 16 -37.46 39.94 -56.07
N ASP E 17 -37.52 40.80 -55.05
CA ASP E 17 -36.31 41.34 -54.46
C ASP E 17 -35.48 40.27 -53.77
N ARG E 18 -36.12 39.39 -53.00
CA ARG E 18 -35.40 38.29 -52.37
C ARG E 18 -34.79 37.37 -53.42
N SER E 19 -35.53 37.08 -54.49
CA SER E 19 -34.97 36.27 -55.56
C SER E 19 -33.73 36.93 -56.14
N ARG E 20 -33.80 38.25 -56.38
CA ARG E 20 -32.69 38.94 -57.02
C ARG E 20 -31.46 39.00 -56.12
N ASP E 21 -31.64 39.34 -54.84
CA ASP E 21 -30.45 39.49 -54.01
C ASP E 21 -29.86 38.13 -53.64
N LEU E 22 -30.69 37.10 -53.44
CA LEU E 22 -30.12 35.76 -53.32
C LEU E 22 -29.37 35.36 -54.59
N ALA E 23 -29.92 35.69 -55.77
CA ALA E 23 -29.25 35.33 -57.00
C ALA E 23 -27.88 36.00 -57.09
N VAL E 24 -27.81 37.28 -56.75
CA VAL E 24 -26.53 37.97 -56.86
C VAL E 24 -25.56 37.48 -55.79
N ILE E 25 -26.06 37.07 -54.62
CA ILE E 25 -25.18 36.47 -53.62
C ILE E 25 -24.57 35.19 -54.16
N LEU E 26 -25.39 34.31 -54.74
CA LEU E 26 -24.87 33.07 -55.29
C LEU E 26 -23.89 33.32 -56.44
N ASN E 27 -24.13 34.35 -57.26
CA ASN E 27 -23.14 34.69 -58.27
C ASN E 27 -21.85 35.19 -57.63
N PHE E 28 -21.96 35.92 -56.51
CA PHE E 28 -20.77 36.38 -55.81
C PHE E 28 -19.96 35.22 -55.27
N LEU E 29 -20.63 34.20 -54.73
CA LEU E 29 -19.95 32.99 -54.30
C LEU E 29 -19.53 32.10 -55.47
N GLY E 30 -19.95 32.43 -56.68
CA GLY E 30 -19.63 31.61 -57.83
C GLY E 30 -20.39 30.29 -57.86
N GLU E 31 -21.69 30.33 -57.57
CA GLU E 31 -22.52 29.13 -57.54
C GLU E 31 -23.57 29.25 -58.63
N ASP E 32 -23.65 28.23 -59.49
CA ASP E 32 -24.62 28.25 -60.58
C ASP E 32 -26.04 28.17 -60.04
N GLN E 33 -26.98 28.73 -60.81
CA GLN E 33 -28.35 28.85 -60.35
C GLN E 33 -29.27 29.08 -61.54
N LEU E 34 -30.52 28.65 -61.39
CA LEU E 34 -31.61 29.00 -62.30
C LEU E 34 -32.73 29.61 -61.48
N THR E 35 -32.94 30.92 -61.64
CA THR E 35 -34.00 31.59 -60.91
C THR E 35 -35.35 31.13 -61.41
N CYS E 36 -36.29 30.94 -60.48
CA CYS E 36 -37.60 30.40 -60.79
C CYS E 36 -38.63 31.05 -59.90
N ASN E 37 -39.90 30.83 -60.26
CA ASN E 37 -41.03 31.25 -59.46
C ASN E 37 -41.94 30.05 -59.20
N SER E 38 -43.03 30.29 -58.49
CA SER E 38 -43.96 29.22 -58.15
C SER E 38 -44.92 28.90 -59.29
N GLU E 39 -44.66 29.40 -60.50
CA GLU E 39 -45.56 29.17 -61.61
C GLU E 39 -44.87 28.76 -62.90
N ASP E 40 -43.58 29.05 -63.08
CA ASP E 40 -42.88 28.75 -64.33
C ASP E 40 -41.57 28.01 -64.09
N TRP E 41 -41.47 27.30 -62.96
CA TRP E 41 -40.21 26.62 -62.66
C TRP E 41 -39.97 25.44 -63.58
N ARG E 42 -41.04 24.71 -63.93
CA ARG E 42 -40.88 23.53 -64.79
C ARG E 42 -40.35 23.91 -66.16
N GLU E 43 -40.82 25.04 -66.71
CA GLU E 43 -40.44 25.43 -68.07
C GLU E 43 -38.94 25.64 -68.18
N VAL E 44 -38.33 26.29 -67.19
CA VAL E 44 -36.89 26.50 -67.20
C VAL E 44 -36.13 25.30 -66.63
N ALA E 45 -36.76 24.53 -65.73
CA ALA E 45 -36.10 23.35 -65.18
C ALA E 45 -35.88 22.28 -66.23
N ALA E 46 -36.66 22.28 -67.32
CA ALA E 46 -36.47 21.28 -68.37
C ALA E 46 -35.20 21.50 -69.17
N GLY E 47 -34.60 22.69 -69.12
CA GLY E 47 -33.42 22.95 -69.92
C GLY E 47 -32.22 22.11 -69.50
N LEU E 48 -32.09 21.87 -68.21
CA LEU E 48 -31.03 21.02 -67.70
C LEU E 48 -31.26 19.56 -68.06
N SER E 49 -30.16 18.79 -68.07
CA SER E 49 -30.18 17.47 -68.67
C SER E 49 -31.13 16.52 -67.94
N ASN E 50 -30.99 16.41 -66.62
CA ASN E 50 -31.78 15.46 -65.86
C ASN E 50 -31.86 15.93 -64.42
N SER E 51 -32.73 15.27 -63.66
CA SER E 51 -33.04 15.75 -62.31
C SER E 51 -31.84 15.71 -61.38
N ARG E 52 -30.76 15.01 -61.74
CA ARG E 52 -29.61 14.91 -60.86
C ARG E 52 -28.88 16.24 -60.69
N GLU E 53 -28.75 17.04 -61.77
CA GLU E 53 -28.05 18.31 -61.63
C GLU E 53 -28.77 19.32 -60.77
N ALA E 54 -30.01 19.04 -60.36
CA ALA E 54 -30.72 19.90 -59.40
C ALA E 54 -30.25 19.52 -58.00
N LEU E 55 -29.29 20.27 -57.47
CA LEU E 55 -28.74 19.96 -56.15
C LEU E 55 -29.79 20.13 -55.06
N CYS E 56 -30.45 21.28 -55.04
CA CYS E 56 -31.43 21.58 -54.00
C CYS E 56 -32.28 22.74 -54.47
N VAL E 57 -33.35 23.00 -53.73
CA VAL E 57 -34.24 24.12 -54.00
C VAL E 57 -34.28 25.02 -52.77
N LEU E 58 -34.29 26.33 -53.02
CA LEU E 58 -34.41 27.34 -51.97
C LEU E 58 -35.81 27.93 -52.06
N LEU E 59 -36.68 27.53 -51.14
CA LEU E 59 -38.09 27.88 -51.18
C LEU E 59 -38.38 28.89 -50.08
N GLY E 60 -38.93 30.04 -50.45
CA GLY E 60 -39.22 31.08 -49.49
C GLY E 60 -40.69 31.12 -49.09
N SER E 61 -41.32 32.27 -49.27
CA SER E 61 -42.74 32.43 -48.95
C SER E 61 -43.60 32.10 -50.16
N VAL E 62 -44.79 31.57 -49.88
CA VAL E 62 -45.76 31.20 -50.91
C VAL E 62 -47.02 32.03 -50.72
N GLU E 63 -47.37 32.80 -51.75
CA GLU E 63 -48.60 33.58 -51.79
C GLU E 63 -49.34 33.32 -53.09
N SER E 64 -49.31 32.07 -53.56
CA SER E 64 -49.99 31.64 -54.77
C SER E 64 -51.11 30.68 -54.37
N LYS E 65 -51.77 30.10 -55.37
CA LYS E 65 -52.90 29.22 -55.12
C LYS E 65 -52.45 27.97 -54.36
N GLY E 66 -53.28 27.54 -53.41
CA GLY E 66 -52.97 26.38 -52.61
C GLY E 66 -51.91 26.69 -51.56
N GLY E 67 -51.53 25.64 -50.83
CA GLY E 67 -50.50 25.74 -49.82
C GLY E 67 -49.16 25.24 -50.31
N ALA E 68 -48.20 25.19 -49.39
CA ALA E 68 -46.88 24.68 -49.71
C ALA E 68 -46.88 23.17 -49.86
N VAL E 69 -47.91 22.48 -49.36
CA VAL E 69 -47.93 21.02 -49.42
C VAL E 69 -47.99 20.53 -50.85
N GLU E 70 -48.82 21.16 -51.68
CA GLU E 70 -48.94 20.72 -53.07
C GLU E 70 -47.64 20.98 -53.82
N LEU E 71 -46.99 22.12 -53.56
CA LEU E 71 -45.72 22.40 -54.22
C LEU E 71 -44.65 21.40 -53.78
N LEU E 72 -44.64 21.05 -52.49
CA LEU E 72 -43.71 20.02 -52.01
C LEU E 72 -43.96 18.68 -52.69
N LYS E 73 -45.24 18.30 -52.83
CA LYS E 73 -45.56 17.03 -53.48
C LYS E 73 -45.15 17.05 -54.94
N GLN E 74 -45.38 18.18 -55.63
CA GLN E 74 -45.01 18.26 -57.04
C GLN E 74 -43.50 18.22 -57.20
N LEU E 75 -42.76 18.88 -56.31
CA LEU E 75 -41.31 18.81 -56.34
C LEU E 75 -40.82 17.39 -56.09
N ALA E 76 -41.43 16.69 -55.14
CA ALA E 76 -41.08 15.31 -54.88
C ALA E 76 -41.36 14.44 -56.10
N SER E 77 -42.45 14.73 -56.81
CA SER E 77 -42.72 14.03 -58.06
C SER E 77 -41.64 14.31 -59.09
N TRP E 78 -41.16 15.56 -59.15
CA TRP E 78 -40.09 15.89 -60.08
C TRP E 78 -38.86 15.02 -59.81
N ASP E 79 -38.45 14.93 -58.55
CA ASP E 79 -37.45 13.97 -58.11
C ASP E 79 -37.63 13.76 -56.62
N GLU E 80 -37.72 12.49 -56.22
CA GLU E 80 -37.95 12.18 -54.81
C GLU E 80 -36.78 12.59 -53.93
N TYR E 81 -35.56 12.53 -54.45
CA TYR E 81 -34.35 12.87 -53.71
C TYR E 81 -33.86 14.26 -54.12
N LEU E 82 -34.52 15.28 -53.58
CA LEU E 82 -34.16 16.68 -53.85
C LEU E 82 -34.27 17.43 -52.53
N PRO E 83 -33.15 17.74 -51.89
CA PRO E 83 -33.20 18.45 -50.62
C PRO E 83 -33.74 19.86 -50.80
N ILE E 84 -34.37 20.37 -49.74
CA ILE E 84 -35.01 21.68 -49.76
C ILE E 84 -34.42 22.52 -48.64
N LEU E 85 -34.09 23.77 -48.96
CA LEU E 85 -33.57 24.73 -47.98
C LEU E 85 -34.55 25.88 -47.85
N LEU E 86 -35.02 26.13 -46.63
CA LEU E 86 -35.90 27.27 -46.38
C LEU E 86 -35.07 28.53 -46.18
N ILE E 87 -35.51 29.62 -46.81
CA ILE E 87 -34.82 30.90 -46.72
C ILE E 87 -35.73 31.87 -45.96
N GLY E 88 -35.30 32.26 -44.77
CA GLY E 88 -36.02 33.24 -43.98
C GLY E 88 -37.43 32.83 -43.60
N GLU E 89 -37.66 31.55 -43.33
CA GLU E 89 -38.99 31.08 -42.97
C GLU E 89 -38.90 29.84 -42.09
N PRO E 90 -39.15 29.96 -40.80
CA PRO E 90 -39.14 28.77 -39.93
C PRO E 90 -40.17 27.74 -40.37
N ALA E 91 -39.81 26.47 -40.22
CA ALA E 91 -40.68 25.40 -40.66
C ALA E 91 -41.98 25.42 -39.85
N PRO E 92 -43.14 25.29 -40.50
CA PRO E 92 -44.41 25.33 -39.78
C PRO E 92 -44.76 23.98 -39.18
N ALA E 93 -45.43 24.04 -38.02
CA ALA E 93 -45.86 22.84 -37.30
C ALA E 93 -47.27 22.45 -37.76
N ASP E 94 -47.32 21.96 -39.01
CA ASP E 94 -48.61 21.56 -39.59
C ASP E 94 -48.52 20.26 -40.37
N TRP E 95 -47.41 19.53 -40.29
CA TRP E 95 -47.20 18.27 -40.98
C TRP E 95 -46.88 17.18 -39.96
N PRO E 96 -47.09 15.92 -40.32
CA PRO E 96 -46.68 14.83 -39.43
C PRO E 96 -45.18 14.85 -39.18
N GLU E 97 -44.79 14.37 -38.00
CA GLU E 97 -43.38 14.37 -37.63
C GLU E 97 -42.54 13.56 -38.61
N GLU E 98 -43.13 12.53 -39.23
CA GLU E 98 -42.45 11.79 -40.29
C GLU E 98 -42.42 12.57 -41.60
N LEU E 99 -43.33 13.52 -41.78
CA LEU E 99 -43.41 14.33 -42.98
C LEU E 99 -42.90 15.74 -42.76
N ARG E 100 -42.32 16.03 -41.59
CA ARG E 100 -41.72 17.32 -41.31
C ARG E 100 -40.21 17.32 -41.52
N ARG E 101 -39.62 16.19 -41.90
CA ARG E 101 -38.17 16.07 -42.04
C ARG E 101 -37.82 15.59 -43.45
N ARG E 102 -37.80 16.55 -44.37
CA ARG E 102 -37.13 16.41 -45.66
C ARG E 102 -36.27 17.61 -45.99
N VAL E 103 -36.53 18.78 -45.40
CA VAL E 103 -35.65 19.92 -45.52
C VAL E 103 -34.45 19.73 -44.59
N LEU E 104 -33.35 20.38 -44.95
CA LEU E 104 -32.10 20.23 -44.20
C LEU E 104 -31.81 21.41 -43.27
N ALA E 105 -32.02 22.64 -43.72
CA ALA E 105 -31.71 23.79 -42.89
C ALA E 105 -32.64 24.94 -43.22
N SER E 106 -32.82 25.82 -42.24
CA SER E 106 -33.57 27.06 -42.38
C SER E 106 -32.60 28.22 -42.26
N LEU E 107 -32.42 28.97 -43.34
CA LEU E 107 -31.41 30.00 -43.42
C LEU E 107 -32.03 31.35 -43.10
N GLU E 108 -31.49 32.03 -42.08
CA GLU E 108 -31.96 33.34 -41.71
C GLU E 108 -31.57 34.35 -42.79
N MET E 109 -32.41 35.35 -43.00
CA MET E 109 -32.23 36.29 -44.10
C MET E 109 -31.52 37.56 -43.63
N PRO E 110 -30.36 37.92 -44.21
CA PRO E 110 -29.64 37.24 -45.29
C PRO E 110 -28.79 36.10 -44.75
N PRO E 111 -28.56 35.06 -45.56
CA PRO E 111 -27.81 33.89 -45.07
C PRO E 111 -26.37 34.23 -44.75
N SER E 112 -25.81 33.49 -43.80
CA SER E 112 -24.39 33.61 -43.49
C SER E 112 -23.58 32.74 -44.44
N TYR E 113 -22.36 33.20 -44.73
CA TYR E 113 -21.50 32.49 -45.66
C TYR E 113 -21.23 31.06 -45.20
N ASN E 114 -20.82 30.91 -43.94
CA ASN E 114 -20.50 29.59 -43.42
C ASN E 114 -21.72 28.69 -43.39
N LYS E 115 -22.86 29.22 -42.94
CA LYS E 115 -24.06 28.39 -42.86
C LYS E 115 -24.57 28.03 -44.24
N LEU E 116 -24.48 28.96 -45.19
CA LEU E 116 -24.89 28.66 -46.56
C LEU E 116 -24.03 27.55 -47.16
N LEU E 117 -22.71 27.65 -46.99
CA LEU E 117 -21.83 26.61 -47.51
C LEU E 117 -22.07 25.28 -46.81
N ASP E 118 -22.30 25.31 -45.49
CA ASP E 118 -22.57 24.08 -44.76
C ASP E 118 -23.86 23.42 -45.25
N SER E 119 -24.90 24.21 -45.51
CA SER E 119 -26.14 23.66 -46.01
C SER E 119 -25.98 23.10 -47.42
N LEU E 120 -25.19 23.79 -48.26
CA LEU E 120 -24.94 23.27 -49.60
C LEU E 120 -24.19 21.94 -49.54
N HIS E 121 -23.21 21.83 -48.65
CA HIS E 121 -22.50 20.56 -48.50
C HIS E 121 -23.41 19.48 -47.92
N ARG E 122 -24.32 19.85 -47.03
CA ARG E 122 -25.29 18.88 -46.53
C ARG E 122 -26.17 18.35 -47.65
N ALA E 123 -26.60 19.24 -48.54
CA ALA E 123 -27.37 18.82 -49.70
C ALA E 123 -26.56 17.90 -50.59
N GLN E 124 -25.27 18.21 -50.79
CA GLN E 124 -24.42 17.36 -51.61
C GLN E 124 -24.26 15.98 -50.99
N VAL E 125 -24.07 15.92 -49.67
CA VAL E 125 -23.96 14.63 -48.98
C VAL E 125 -25.24 13.84 -49.11
N TYR E 126 -26.38 14.52 -48.96
CA TYR E 126 -27.68 13.88 -49.19
C TYR E 126 -27.77 13.28 -50.59
N ARG E 127 -27.42 14.07 -51.60
CA ARG E 127 -27.60 13.65 -52.99
C ARG E 127 -26.66 12.52 -53.36
N GLU E 128 -25.43 12.55 -52.84
CA GLU E 128 -24.41 11.62 -53.32
C GLU E 128 -24.64 10.20 -52.81
N MET E 129 -25.49 10.01 -51.80
CA MET E 129 -25.71 8.68 -51.26
C MET E 129 -27.18 8.24 -51.23
N TYR E 130 -28.13 9.12 -50.90
CA TYR E 130 -29.51 8.65 -50.87
C TYR E 130 -30.13 8.56 -52.25
N ASP E 131 -29.67 9.38 -53.19
CA ASP E 131 -30.22 9.33 -54.55
C ASP E 131 -29.77 8.06 -55.26
N GLN E 132 -28.46 7.82 -55.33
CA GLN E 132 -27.92 6.74 -56.15
C GLN E 132 -28.12 5.36 -55.53
N ALA E 133 -28.46 5.28 -54.25
CA ALA E 133 -28.61 4.00 -53.57
C ALA E 133 -29.59 3.09 -54.32
N ARG E 134 -30.82 3.56 -54.51
CA ARG E 134 -31.90 2.77 -55.08
C ARG E 134 -32.06 1.43 -54.36
N GLU E 135 -31.79 1.42 -53.07
CA GLU E 135 -31.81 0.16 -52.35
C GLU E 135 -32.70 0.27 -51.11
N ARG E 136 -32.66 1.41 -50.44
CA ARG E 136 -33.45 1.56 -49.21
C ARG E 136 -34.92 1.74 -49.53
N GLY E 137 -35.70 0.67 -49.39
CA GLY E 137 -37.14 0.79 -49.50
C GLY E 137 -37.77 1.52 -48.34
N ARG E 138 -37.11 1.53 -47.18
CA ARG E 138 -37.61 2.26 -46.03
C ARG E 138 -37.46 3.76 -46.26
N SER E 139 -38.24 4.54 -45.51
CA SER E 139 -38.16 5.99 -45.59
C SER E 139 -36.78 6.45 -45.17
N ARG E 140 -36.29 7.47 -45.87
CA ARG E 140 -34.92 7.96 -45.69
C ARG E 140 -34.75 8.58 -44.30
N GLU E 141 -33.54 8.47 -43.76
CA GLU E 141 -33.20 9.06 -42.47
C GLU E 141 -31.99 9.96 -42.65
N PRO E 142 -32.19 11.25 -42.88
CA PRO E 142 -31.07 12.20 -42.91
C PRO E 142 -30.55 12.47 -41.51
N ASN E 143 -29.66 13.46 -41.37
CA ASN E 143 -29.14 13.94 -40.10
C ASN E 143 -28.17 12.93 -39.50
N LEU E 144 -28.05 11.75 -40.11
CA LEU E 144 -27.17 10.72 -39.59
C LEU E 144 -25.69 11.07 -39.75
N PHE E 145 -25.39 12.14 -40.49
CA PHE E 145 -24.00 12.59 -40.67
C PHE E 145 -23.95 14.06 -40.28
N ARG E 146 -23.51 14.34 -39.05
CA ARG E 146 -23.43 15.70 -38.55
C ARG E 146 -21.99 16.22 -38.57
N SER E 147 -21.09 15.56 -37.86
CA SER E 147 -19.69 15.97 -37.83
C SER E 147 -18.87 15.37 -38.96
N LEU E 148 -19.50 14.60 -39.84
CA LEU E 148 -18.79 13.96 -40.95
C LEU E 148 -19.02 14.80 -42.20
N VAL E 149 -18.17 15.79 -42.38
CA VAL E 149 -18.21 16.69 -43.52
C VAL E 149 -16.88 16.60 -44.26
N GLY E 150 -16.95 16.46 -45.57
CA GLY E 150 -15.75 16.38 -46.38
C GLY E 150 -16.05 15.83 -47.74
N THR E 151 -15.06 15.95 -48.62
CA THR E 151 -15.12 15.40 -49.97
C THR E 151 -13.96 14.46 -50.24
N SER E 152 -13.38 13.89 -49.20
CA SER E 152 -12.25 12.98 -49.34
C SER E 152 -12.74 11.56 -49.58
N ARG E 153 -11.81 10.72 -50.04
CA ARG E 153 -12.11 9.30 -50.16
C ARG E 153 -12.37 8.69 -48.78
N ALA E 154 -11.57 9.09 -47.78
CA ALA E 154 -11.68 8.49 -46.46
C ALA E 154 -13.02 8.79 -45.80
N ILE E 155 -13.49 10.04 -45.90
CA ILE E 155 -14.74 10.38 -45.24
C ILE E 155 -15.92 9.71 -45.94
N GLN E 156 -15.85 9.56 -47.26
CA GLN E 156 -16.91 8.84 -47.97
C GLN E 156 -16.92 7.36 -47.59
N GLN E 157 -15.74 6.75 -47.43
CA GLN E 157 -15.70 5.38 -46.94
C GLN E 157 -16.29 5.26 -45.55
N VAL E 158 -15.98 6.22 -44.67
CA VAL E 158 -16.55 6.21 -43.33
C VAL E 158 -18.07 6.32 -43.39
N ARG E 159 -18.57 7.19 -44.27
CA ARG E 159 -20.02 7.33 -44.41
C ARG E 159 -20.65 6.05 -44.93
N GLN E 160 -20.00 5.39 -45.89
CA GLN E 160 -20.52 4.12 -46.40
C GLN E 160 -20.59 3.08 -45.29
N MET E 161 -19.54 2.99 -44.48
CA MET E 161 -19.55 2.01 -43.39
C MET E 161 -20.64 2.35 -42.37
N MET E 162 -20.81 3.63 -42.04
CA MET E 162 -21.86 4.00 -41.10
C MET E 162 -23.23 3.69 -41.65
N GLN E 163 -23.43 3.86 -42.95
CA GLN E 163 -24.71 3.52 -43.56
C GLN E 163 -24.94 2.01 -43.52
N GLN E 164 -23.87 1.23 -43.72
CA GLN E 164 -23.98 -0.22 -43.61
C GLN E 164 -24.38 -0.64 -42.20
N VAL E 165 -23.78 -0.03 -41.19
CA VAL E 165 -23.96 -0.48 -39.81
C VAL E 165 -25.18 0.14 -39.13
N ALA E 166 -25.73 1.23 -39.68
CA ALA E 166 -26.77 1.98 -38.98
C ALA E 166 -28.01 1.12 -38.75
N ASP E 167 -28.40 0.32 -39.74
CA ASP E 167 -29.62 -0.48 -39.65
C ASP E 167 -29.38 -1.86 -39.07
N THR E 168 -28.17 -2.17 -38.62
CA THR E 168 -27.85 -3.46 -38.02
C THR E 168 -27.35 -3.25 -36.61
N ASP E 169 -27.84 -4.08 -35.69
CA ASP E 169 -27.38 -4.05 -34.31
C ASP E 169 -26.21 -5.01 -34.19
N ALA E 170 -25.00 -4.48 -34.31
CA ALA E 170 -23.79 -5.27 -34.24
C ALA E 170 -22.70 -4.45 -33.57
N SER E 171 -21.73 -5.14 -33.00
CA SER E 171 -20.66 -4.48 -32.28
C SER E 171 -19.73 -3.76 -33.26
N VAL E 172 -19.42 -2.50 -32.97
CA VAL E 172 -18.64 -1.65 -33.85
C VAL E 172 -17.29 -1.35 -33.22
N LEU E 173 -16.26 -1.34 -34.06
CA LEU E 173 -14.91 -0.96 -33.66
C LEU E 173 -14.48 0.23 -34.50
N ILE E 174 -14.23 1.36 -33.84
CA ILE E 174 -13.85 2.59 -34.51
C ILE E 174 -12.35 2.78 -34.33
N LEU E 175 -11.61 2.76 -35.44
CA LEU E 175 -10.17 2.93 -35.43
C LEU E 175 -9.81 4.34 -35.87
N GLY E 176 -9.02 5.03 -35.06
CA GLY E 176 -8.58 6.36 -35.42
C GLY E 176 -7.68 6.94 -34.34
N GLU E 177 -6.90 7.94 -34.75
CA GLU E 177 -6.01 8.62 -33.83
C GLU E 177 -6.81 9.41 -32.80
N SER E 178 -6.14 9.77 -31.71
CA SER E 178 -6.79 10.54 -30.66
C SER E 178 -7.27 11.88 -31.18
N GLY E 179 -8.52 12.22 -30.88
CA GLY E 179 -9.10 13.48 -31.29
C GLY E 179 -9.77 13.51 -32.63
N THR E 180 -10.02 12.36 -33.25
CA THR E 180 -10.64 12.34 -34.57
C THR E 180 -12.16 12.51 -34.51
N GLY E 181 -12.77 12.29 -33.35
CA GLY E 181 -14.20 12.48 -33.22
C GLY E 181 -14.98 11.18 -33.28
N LYS E 182 -14.59 10.21 -32.46
CA LYS E 182 -15.26 8.92 -32.47
C LYS E 182 -16.55 8.94 -31.66
N GLU E 183 -16.63 9.81 -30.66
CA GLU E 183 -17.83 9.90 -29.84
C GLU E 183 -19.03 10.35 -30.66
N VAL E 184 -18.84 11.31 -31.57
CA VAL E 184 -19.96 11.79 -32.37
C VAL E 184 -20.41 10.70 -33.34
N VAL E 185 -19.48 9.90 -33.86
CA VAL E 185 -19.85 8.78 -34.72
C VAL E 185 -20.67 7.76 -33.93
N ALA E 186 -20.24 7.47 -32.70
CA ALA E 186 -21.00 6.54 -31.87
C ALA E 186 -22.40 7.07 -31.58
N ARG E 187 -22.51 8.37 -31.28
CA ARG E 187 -23.82 8.95 -31.02
C ARG E 187 -24.70 8.92 -32.26
N ASN E 188 -24.12 9.17 -33.43
CA ASN E 188 -24.90 9.11 -34.67
C ASN E 188 -25.40 7.70 -34.92
N LEU E 189 -24.56 6.69 -34.69
CA LEU E 189 -25.03 5.32 -34.84
C LEU E 189 -26.12 4.98 -33.84
N HIS E 190 -25.97 5.45 -32.59
CA HIS E 190 -26.93 5.10 -31.55
C HIS E 190 -28.28 5.75 -31.79
N TYR E 191 -28.30 7.06 -32.05
CA TYR E 191 -29.56 7.78 -32.18
C TYR E 191 -30.27 7.50 -33.49
N HIS E 192 -29.63 6.84 -34.44
CA HIS E 192 -30.29 6.48 -35.68
C HIS E 192 -30.23 4.97 -35.90
N SER E 193 -30.51 4.22 -34.84
CA SER E 193 -30.68 2.77 -34.90
C SER E 193 -31.89 2.42 -34.05
N LYS E 194 -32.08 1.12 -33.80
CA LYS E 194 -33.22 0.69 -33.00
C LYS E 194 -33.07 1.02 -31.52
N ARG E 195 -31.98 1.67 -31.14
CA ARG E 195 -31.69 2.03 -29.75
C ARG E 195 -32.01 3.48 -29.46
N ARG E 196 -32.70 4.18 -30.37
CA ARG E 196 -32.82 5.63 -30.27
C ARG E 196 -33.41 6.08 -28.95
N GLU E 197 -34.33 5.29 -28.38
CA GLU E 197 -34.91 5.62 -27.09
C GLU E 197 -34.10 5.06 -25.92
N GLY E 198 -33.12 4.20 -26.19
CA GLY E 198 -32.30 3.63 -25.15
C GLY E 198 -31.19 4.57 -24.73
N PRO E 199 -30.67 4.38 -23.51
CA PRO E 199 -29.61 5.26 -23.02
C PRO E 199 -28.32 5.07 -23.81
N PHE E 200 -27.55 6.16 -23.90
CA PHE E 200 -26.21 6.14 -24.47
C PHE E 200 -25.25 6.44 -23.32
N VAL E 201 -24.41 5.48 -22.98
CA VAL E 201 -23.52 5.63 -21.83
C VAL E 201 -22.07 5.60 -22.31
N PRO E 202 -21.38 6.74 -22.30
CA PRO E 202 -19.95 6.74 -22.64
C PRO E 202 -19.04 6.53 -21.43
N VAL E 203 -18.05 5.66 -21.60
CA VAL E 203 -17.06 5.38 -20.58
C VAL E 203 -15.67 5.42 -21.20
N ASN E 204 -14.77 6.18 -20.56
CA ASN E 204 -13.37 6.26 -21.00
C ASN E 204 -12.54 5.38 -20.09
N CYS E 205 -12.06 4.25 -20.62
CA CYS E 205 -11.33 3.30 -19.81
C CYS E 205 -10.08 3.93 -19.19
N GLY E 206 -9.42 4.81 -19.93
CA GLY E 206 -8.22 5.44 -19.41
C GLY E 206 -8.46 6.41 -18.26
N ALA E 207 -9.70 6.83 -18.05
CA ALA E 207 -10.02 7.78 -17.00
C ALA E 207 -10.17 7.09 -15.64
N ILE E 208 -10.93 6.01 -15.59
CA ILE E 208 -11.09 5.28 -14.33
C ILE E 208 -9.76 4.64 -13.96
N PRO E 209 -9.35 4.69 -12.68
CA PRO E 209 -8.14 3.97 -12.28
C PRO E 209 -8.27 2.47 -12.52
N ALA E 210 -7.13 1.83 -12.76
CA ALA E 210 -7.13 0.41 -13.11
C ALA E 210 -7.72 -0.45 -12.00
N GLU E 211 -7.60 -0.02 -10.75
CA GLU E 211 -8.15 -0.77 -9.63
C GLU E 211 -9.64 -0.57 -9.44
N LEU E 212 -10.24 0.39 -10.13
CA LEU E 212 -11.65 0.69 -9.98
C LEU E 212 -12.46 0.41 -11.25
N LEU E 213 -11.79 -0.06 -12.32
CA LEU E 213 -12.48 -0.29 -13.58
C LEU E 213 -13.51 -1.42 -13.45
N GLU E 214 -13.19 -2.44 -12.64
CA GLU E 214 -14.15 -3.51 -12.40
C GLU E 214 -15.44 -2.97 -11.80
N SER E 215 -15.31 -2.19 -10.72
CA SER E 215 -16.49 -1.64 -10.05
C SER E 215 -17.23 -0.64 -10.94
N GLU E 216 -16.49 0.11 -11.76
CA GLU E 216 -17.14 1.12 -12.59
C GLU E 216 -17.93 0.47 -13.73
N LEU E 217 -17.33 -0.52 -14.39
CA LEU E 217 -17.99 -1.14 -15.53
C LEU E 217 -19.10 -2.10 -15.11
N PHE E 218 -18.90 -2.85 -14.04
CA PHE E 218 -19.84 -3.90 -13.67
C PHE E 218 -20.64 -3.59 -12.41
N GLY E 219 -20.27 -2.58 -11.64
CA GLY E 219 -20.98 -2.26 -10.43
C GLY E 219 -20.54 -3.11 -9.26
N HIS E 220 -21.08 -2.78 -8.09
CA HIS E 220 -20.77 -3.53 -6.89
C HIS E 220 -21.94 -3.44 -5.93
N GLU E 221 -21.95 -4.35 -4.96
CA GLU E 221 -22.98 -4.42 -3.94
C GLU E 221 -22.42 -3.96 -2.60
N LYS E 222 -23.25 -4.06 -1.56
CA LYS E 222 -22.90 -3.51 -0.26
C LYS E 222 -21.64 -4.16 0.29
N GLY E 223 -20.73 -3.34 0.78
CA GLY E 223 -19.51 -3.84 1.40
C GLY E 223 -18.58 -4.58 0.47
N ALA E 224 -18.63 -4.29 -0.83
CA ALA E 224 -17.77 -4.99 -1.78
C ALA E 224 -16.30 -4.68 -1.50
N PHE E 225 -16.00 -3.43 -1.16
CA PHE E 225 -14.63 -3.03 -0.86
C PHE E 225 -14.67 -1.92 0.18
N THR E 226 -13.51 -1.63 0.76
CA THR E 226 -13.42 -0.56 1.74
C THR E 226 -13.79 0.77 1.08
N GLY E 227 -14.93 1.32 1.47
CA GLY E 227 -15.47 2.52 0.84
C GLY E 227 -16.77 2.28 0.10
N ALA E 228 -17.30 1.06 0.09
CA ALA E 228 -18.53 0.72 -0.61
C ALA E 228 -19.69 0.81 0.37
N ILE E 229 -20.12 2.05 0.64
CA ILE E 229 -21.26 2.29 1.53
C ILE E 229 -22.59 2.14 0.79
N THR E 230 -22.58 2.13 -0.54
CA THR E 230 -23.80 2.01 -1.32
C THR E 230 -23.62 0.94 -2.38
N SER E 231 -24.73 0.45 -2.89
CA SER E 231 -24.76 -0.59 -3.92
C SER E 231 -24.90 0.05 -5.28
N ARG E 232 -23.87 0.80 -5.69
CA ARG E 232 -23.92 1.48 -6.98
C ARG E 232 -23.87 0.46 -8.10
N ALA E 233 -24.73 0.64 -9.09
CA ALA E 233 -24.82 -0.28 -10.22
C ALA E 233 -23.97 0.23 -11.39
N GLY E 234 -23.46 -0.71 -12.17
CA GLY E 234 -22.44 -0.43 -13.15
C GLY E 234 -22.96 0.22 -14.42
N ARG E 235 -22.03 0.42 -15.36
CA ARG E 235 -22.37 1.07 -16.62
C ARG E 235 -23.15 0.16 -17.55
N PHE E 236 -22.86 -1.15 -17.53
CA PHE E 236 -23.52 -2.07 -18.45
C PHE E 236 -25.03 -2.12 -18.20
N GLU E 237 -25.45 -2.14 -16.94
CA GLU E 237 -26.87 -2.16 -16.66
C GLU E 237 -27.53 -0.83 -17.00
N LEU E 238 -26.80 0.28 -16.85
CA LEU E 238 -27.33 1.57 -17.26
C LEU E 238 -27.53 1.64 -18.77
N ALA E 239 -26.74 0.87 -19.51
CA ALA E 239 -26.85 0.82 -20.97
C ALA E 239 -27.80 -0.25 -21.45
N ASN E 240 -28.52 -0.91 -20.53
CA ASN E 240 -29.44 -1.96 -20.94
C ASN E 240 -30.52 -1.38 -21.85
N GLY E 241 -30.72 -2.01 -23.00
CA GLY E 241 -31.62 -1.47 -23.99
C GLY E 241 -31.09 -0.26 -24.72
N GLY E 242 -29.81 0.05 -24.59
CA GLY E 242 -29.21 1.20 -25.24
C GLY E 242 -27.88 0.88 -25.88
N THR E 243 -26.88 1.72 -25.64
CA THR E 243 -25.55 1.54 -26.20
C THR E 243 -24.50 1.99 -25.20
N LEU E 244 -23.44 1.20 -25.10
CA LEU E 244 -22.28 1.53 -24.27
C LEU E 244 -21.09 1.78 -25.18
N PHE E 245 -20.41 2.91 -24.96
CA PHE E 245 -19.32 3.34 -25.82
C PHE E 245 -18.02 3.17 -25.05
N LEU E 246 -17.23 2.17 -25.41
CA LEU E 246 -15.93 1.91 -24.81
C LEU E 246 -14.88 2.70 -25.58
N ASP E 247 -14.25 3.67 -24.93
CA ASP E 247 -13.25 4.49 -25.57
C ASP E 247 -11.87 4.04 -25.10
N GLU E 248 -10.93 3.98 -26.04
CA GLU E 248 -9.57 3.48 -25.83
C GLU E 248 -9.61 2.16 -25.05
N ILE E 249 -10.22 1.17 -25.71
CA ILE E 249 -10.35 -0.17 -25.17
C ILE E 249 -8.99 -0.87 -25.05
N GLY E 250 -7.95 -0.33 -25.68
CA GLY E 250 -6.66 -0.99 -25.71
C GLY E 250 -5.92 -1.01 -24.39
N ASP E 251 -6.22 -0.08 -23.49
CA ASP E 251 -5.56 -0.06 -22.18
C ASP E 251 -6.28 -0.90 -21.14
N MET E 252 -7.42 -1.48 -21.50
CA MET E 252 -8.17 -2.31 -20.59
C MET E 252 -7.45 -3.64 -20.38
N PRO E 253 -7.23 -4.06 -19.14
CA PRO E 253 -6.36 -5.22 -18.89
C PRO E 253 -7.00 -6.53 -19.31
N LEU E 254 -6.18 -7.58 -19.33
CA LEU E 254 -6.56 -8.86 -19.90
C LEU E 254 -7.76 -9.52 -19.21
N PRO E 255 -7.82 -9.62 -17.87
CA PRO E 255 -9.03 -10.20 -17.26
C PRO E 255 -10.29 -9.44 -17.62
N MET E 256 -10.20 -8.11 -17.67
CA MET E 256 -11.33 -7.32 -18.14
C MET E 256 -11.67 -7.65 -19.58
N GLN E 257 -10.67 -7.95 -20.41
CA GLN E 257 -10.95 -8.32 -21.79
C GLN E 257 -11.71 -9.64 -21.85
N VAL E 258 -11.33 -10.61 -21.01
CA VAL E 258 -12.05 -11.88 -21.00
C VAL E 258 -13.50 -11.67 -20.54
N LYS E 259 -13.70 -10.87 -19.50
CA LYS E 259 -15.08 -10.62 -19.06
C LYS E 259 -15.87 -9.84 -20.09
N LEU E 260 -15.22 -8.93 -20.83
CA LEU E 260 -15.91 -8.21 -21.90
C LEU E 260 -16.33 -9.15 -23.01
N LEU E 261 -15.47 -10.09 -23.39
CA LEU E 261 -15.86 -11.07 -24.38
C LEU E 261 -17.00 -11.94 -23.88
N ARG E 262 -17.00 -12.26 -22.58
CA ARG E 262 -18.12 -12.99 -22.00
C ARG E 262 -19.40 -12.21 -22.10
N VAL E 263 -19.34 -10.89 -21.84
CA VAL E 263 -20.53 -10.06 -21.99
C VAL E 263 -20.98 -10.02 -23.45
N LEU E 264 -20.03 -9.98 -24.38
CA LEU E 264 -20.36 -9.88 -25.79
C LEU E 264 -21.03 -11.14 -26.31
N GLN E 265 -20.53 -12.31 -25.92
CA GLN E 265 -21.06 -13.58 -26.44
C GLN E 265 -22.11 -14.20 -25.52
N GLU E 266 -21.75 -14.46 -24.27
CA GLU E 266 -22.67 -15.10 -23.34
C GLU E 266 -23.72 -14.15 -22.77
N ARG E 267 -23.53 -12.84 -22.96
CA ARG E 267 -24.49 -11.83 -22.52
C ARG E 267 -24.65 -11.81 -21.00
N THR E 268 -23.63 -12.19 -20.27
CA THR E 268 -23.68 -12.27 -18.81
C THR E 268 -22.46 -11.60 -18.20
N PHE E 269 -22.64 -11.09 -16.98
CA PHE E 269 -21.56 -10.47 -16.23
C PHE E 269 -21.87 -10.59 -14.75
N GLU E 270 -20.85 -10.29 -13.93
CA GLU E 270 -20.96 -10.40 -12.49
C GLU E 270 -20.58 -9.08 -11.84
N ARG E 271 -21.33 -8.70 -10.80
CA ARG E 271 -21.00 -7.52 -10.03
C ARG E 271 -19.87 -7.83 -9.05
N VAL E 272 -19.36 -6.79 -8.42
CA VAL E 272 -18.31 -6.94 -7.40
C VAL E 272 -19.00 -7.24 -6.07
N GLY E 273 -18.57 -8.32 -5.41
CA GLY E 273 -19.19 -8.72 -4.18
C GLY E 273 -20.49 -9.47 -4.33
N SER E 274 -20.84 -9.89 -5.54
CA SER E 274 -22.08 -10.58 -5.81
C SER E 274 -21.79 -11.99 -6.31
N ASN E 275 -22.70 -12.91 -6.00
CA ASN E 275 -22.56 -14.31 -6.39
C ASN E 275 -23.66 -14.74 -7.35
N LYS E 276 -24.16 -13.80 -8.16
CA LYS E 276 -25.16 -14.10 -9.18
C LYS E 276 -24.73 -13.49 -10.50
N THR E 277 -25.21 -14.09 -11.59
CA THR E 277 -24.94 -13.62 -12.94
C THR E 277 -26.11 -12.82 -13.46
N GLN E 278 -25.83 -11.67 -14.07
CA GLN E 278 -26.85 -10.78 -14.59
C GLN E 278 -26.77 -10.74 -16.11
N ASN E 279 -27.93 -10.72 -16.76
CA ASN E 279 -28.02 -10.63 -18.21
C ASN E 279 -28.44 -9.22 -18.62
N VAL E 280 -27.66 -8.62 -19.52
CA VAL E 280 -27.95 -7.30 -20.05
C VAL E 280 -27.89 -7.35 -21.56
N ASP E 281 -28.78 -6.60 -22.21
CA ASP E 281 -28.80 -6.49 -23.68
C ASP E 281 -28.28 -5.11 -24.04
N VAL E 282 -26.99 -5.03 -24.41
CA VAL E 282 -26.35 -3.78 -24.74
C VAL E 282 -25.67 -3.93 -26.09
N ARG E 283 -25.43 -2.80 -26.74
CA ARG E 283 -24.65 -2.73 -27.96
C ARG E 283 -23.32 -2.08 -27.64
N ILE E 284 -22.22 -2.73 -28.04
CA ILE E 284 -20.89 -2.28 -27.69
C ILE E 284 -20.25 -1.67 -28.92
N ILE E 285 -19.94 -0.39 -28.84
CA ILE E 285 -19.18 0.32 -29.87
C ILE E 285 -17.84 0.65 -29.25
N ALA E 286 -16.81 -0.08 -29.67
CA ALA E 286 -15.48 0.07 -29.10
C ALA E 286 -14.65 1.05 -29.93
N ALA E 287 -13.86 1.85 -29.25
CA ALA E 287 -12.97 2.81 -29.90
C ALA E 287 -11.58 2.64 -29.32
N THR E 288 -10.58 2.71 -30.19
CA THR E 288 -9.18 2.63 -29.78
C THR E 288 -8.35 3.42 -30.77
N HIS E 289 -7.13 3.76 -30.32
CA HIS E 289 -6.18 4.44 -31.20
C HIS E 289 -4.88 3.66 -31.34
N LYS E 290 -4.81 2.45 -30.82
CA LYS E 290 -3.60 1.63 -30.87
C LYS E 290 -3.78 0.50 -31.88
N ASN E 291 -2.67 0.11 -32.49
CA ASN E 291 -2.68 -1.02 -33.43
C ASN E 291 -2.95 -2.29 -32.64
N LEU E 292 -4.18 -2.78 -32.73
CA LEU E 292 -4.57 -3.94 -31.91
C LEU E 292 -3.84 -5.20 -32.33
N GLU E 293 -3.53 -5.34 -33.62
CA GLU E 293 -2.78 -6.51 -34.06
C GLU E 293 -1.40 -6.53 -33.41
N LYS E 294 -0.66 -5.42 -33.52
CA LYS E 294 0.67 -5.36 -32.91
C LYS E 294 0.60 -5.63 -31.42
N MET E 295 -0.48 -5.23 -30.75
CA MET E 295 -0.66 -5.61 -29.36
C MET E 295 -0.91 -7.10 -29.22
N ILE E 296 -1.53 -7.73 -30.21
CA ILE E 296 -1.77 -9.16 -30.15
C ILE E 296 -0.44 -9.92 -30.22
N GLU E 297 0.42 -9.59 -31.19
CA GLU E 297 1.73 -10.25 -31.19
C GLU E 297 2.64 -9.75 -30.08
N ASP E 298 2.29 -8.68 -29.36
CA ASP E 298 3.03 -8.31 -28.16
C ASP E 298 2.50 -8.99 -26.91
N GLY E 299 1.46 -9.79 -27.03
CA GLY E 299 0.89 -10.46 -25.87
C GLY E 299 0.25 -9.53 -24.86
N THR E 300 -0.53 -8.55 -25.34
CA THR E 300 -1.19 -7.59 -24.45
C THR E 300 -2.69 -7.48 -24.70
N PHE E 301 -3.18 -7.75 -25.90
CA PHE E 301 -4.60 -7.70 -26.21
C PHE E 301 -5.09 -9.08 -26.59
N ARG E 302 -6.35 -9.36 -26.27
CA ARG E 302 -6.94 -10.65 -26.58
C ARG E 302 -7.24 -10.77 -28.08
N GLU E 303 -6.78 -11.87 -28.67
CA GLU E 303 -6.93 -12.09 -30.10
C GLU E 303 -8.37 -12.43 -30.47
N ASP E 304 -9.02 -13.28 -29.65
CA ASP E 304 -10.42 -13.63 -29.86
C ASP E 304 -11.34 -12.41 -29.72
N LEU E 305 -11.05 -11.55 -28.73
CA LEU E 305 -11.80 -10.30 -28.61
C LEU E 305 -11.61 -9.43 -29.85
N TYR E 306 -10.40 -9.40 -30.39
CA TYR E 306 -10.17 -8.63 -31.61
C TYR E 306 -11.01 -9.15 -32.76
N TYR E 307 -11.06 -10.46 -32.97
CA TYR E 307 -11.92 -10.95 -34.05
C TYR E 307 -13.40 -10.69 -33.77
N ARG E 308 -13.81 -10.79 -32.50
CA ARG E 308 -15.22 -10.55 -32.21
C ARG E 308 -15.61 -9.11 -32.50
N LEU E 309 -14.71 -8.16 -32.24
CA LEU E 309 -15.08 -6.75 -32.41
C LEU E 309 -14.90 -6.26 -33.85
N ASN E 310 -13.84 -6.71 -34.54
CA ASN E 310 -13.59 -6.16 -35.87
C ASN E 310 -14.42 -6.81 -36.96
N VAL E 311 -15.74 -6.87 -36.77
CA VAL E 311 -16.61 -7.34 -37.83
C VAL E 311 -17.14 -6.17 -38.65
N PHE E 312 -17.28 -4.99 -38.04
CA PHE E 312 -17.71 -3.78 -38.72
C PHE E 312 -16.76 -2.65 -38.33
N PRO E 313 -15.63 -2.52 -39.02
CA PRO E 313 -14.66 -1.49 -38.64
C PRO E 313 -14.86 -0.17 -39.36
N ILE E 314 -14.70 0.91 -38.59
CA ILE E 314 -14.76 2.27 -39.11
C ILE E 314 -13.39 2.89 -38.89
N GLU E 315 -12.70 3.18 -39.98
CA GLU E 315 -11.36 3.77 -39.92
C GLU E 315 -11.49 5.26 -40.19
N MET E 316 -11.35 6.06 -39.15
CA MET E 316 -11.48 7.51 -39.25
C MET E 316 -10.10 8.10 -39.50
N ALA E 317 -9.91 8.70 -40.68
CA ALA E 317 -8.59 9.14 -41.10
C ALA E 317 -8.16 10.40 -40.36
N PRO E 318 -6.86 10.60 -40.20
CA PRO E 318 -6.37 11.85 -39.61
C PRO E 318 -6.65 13.03 -40.54
N LEU E 319 -6.72 14.22 -39.93
CA LEU E 319 -6.97 15.43 -40.71
C LEU E 319 -5.80 15.74 -41.63
N ARG E 320 -4.59 15.31 -41.28
CA ARG E 320 -3.44 15.54 -42.14
C ARG E 320 -3.49 14.70 -43.41
N GLU E 321 -4.34 13.69 -43.47
CA GLU E 321 -4.51 12.90 -44.68
C GLU E 321 -5.77 13.26 -45.46
N ARG E 322 -6.57 14.19 -44.95
CA ARG E 322 -7.73 14.72 -45.65
C ARG E 322 -7.76 16.24 -45.53
N VAL E 323 -6.62 16.86 -45.83
CA VAL E 323 -6.43 18.29 -45.60
C VAL E 323 -7.40 19.12 -46.43
N GLU E 324 -7.78 18.64 -47.61
CA GLU E 324 -8.71 19.41 -48.44
C GLU E 324 -10.13 19.45 -47.88
N ASP E 325 -10.37 18.85 -46.72
CA ASP E 325 -11.63 18.96 -46.02
C ASP E 325 -11.63 20.04 -44.95
N ILE E 326 -10.50 20.72 -44.75
CA ILE E 326 -10.37 21.70 -43.67
C ILE E 326 -11.35 22.85 -43.86
N ALA E 327 -11.57 23.28 -45.11
CA ALA E 327 -12.49 24.37 -45.37
C ALA E 327 -13.91 24.04 -44.91
N LEU E 328 -14.38 22.83 -45.24
CA LEU E 328 -15.71 22.42 -44.83
C LEU E 328 -15.81 22.29 -43.31
N LEU E 329 -14.77 21.74 -42.68
CA LEU E 329 -14.78 21.64 -41.22
C LEU E 329 -14.81 23.02 -40.58
N LEU E 330 -14.07 23.98 -41.13
CA LEU E 330 -14.14 25.34 -40.63
C LEU E 330 -15.54 25.92 -40.81
N ASN E 331 -16.20 25.61 -41.92
CA ASN E 331 -17.55 26.09 -42.09
C ASN E 331 -18.49 25.51 -41.05
N GLU E 332 -18.34 24.23 -40.73
CA GLU E 332 -19.21 23.63 -39.72
C GLU E 332 -18.94 24.21 -38.34
N LEU E 333 -17.67 24.28 -37.93
CA LEU E 333 -17.32 24.82 -36.63
C LEU E 333 -17.80 26.27 -36.48
N ILE E 334 -17.50 27.11 -37.48
CA ILE E 334 -17.89 28.51 -37.40
C ILE E 334 -19.42 28.64 -37.41
N SER E 335 -20.10 27.78 -38.18
CA SER E 335 -21.56 27.82 -38.20
C SER E 335 -22.14 27.51 -36.84
N ARG E 336 -21.62 26.49 -36.16
CA ARG E 336 -22.11 26.21 -34.82
C ARG E 336 -21.81 27.39 -33.90
N MET E 337 -20.61 27.97 -34.04
CA MET E 337 -20.25 29.09 -33.19
C MET E 337 -21.13 30.31 -33.42
N GLU E 338 -21.63 30.49 -34.65
CA GLU E 338 -22.63 31.53 -34.90
C GLU E 338 -23.98 31.17 -34.32
N HIS E 339 -24.37 29.90 -34.39
CA HIS E 339 -25.68 29.50 -33.89
C HIS E 339 -25.80 29.69 -32.39
N GLU E 340 -24.71 29.53 -31.66
CA GLU E 340 -24.69 29.71 -30.22
C GLU E 340 -24.35 31.14 -29.81
N LYS E 341 -24.32 32.07 -30.78
CA LYS E 341 -24.09 33.48 -30.50
C LYS E 341 -22.75 33.69 -29.79
N ARG E 342 -21.71 32.98 -30.24
CA ARG E 342 -20.38 33.10 -29.66
C ARG E 342 -19.39 33.75 -30.62
N GLY E 343 -19.86 34.40 -31.67
CA GLY E 343 -19.00 35.16 -32.56
C GLY E 343 -18.79 34.46 -33.89
N SER E 344 -17.97 35.09 -34.72
CA SER E 344 -17.68 34.59 -36.06
C SER E 344 -16.29 35.05 -36.46
N ILE E 345 -15.65 34.27 -37.34
CA ILE E 345 -14.35 34.59 -37.88
C ILE E 345 -14.35 34.28 -39.37
N ARG E 346 -13.46 34.93 -40.10
CA ARG E 346 -13.31 34.71 -41.53
C ARG E 346 -11.83 34.63 -41.88
N PHE E 347 -11.49 33.65 -42.71
CA PHE E 347 -10.13 33.42 -43.17
C PHE E 347 -10.02 33.84 -44.63
N ASN E 348 -8.80 34.19 -45.03
CA ASN E 348 -8.50 34.38 -46.45
C ASN E 348 -7.88 33.10 -46.99
N SER E 349 -7.52 33.13 -48.27
CA SER E 349 -6.96 31.93 -48.90
C SER E 349 -5.61 31.57 -48.29
N ALA E 350 -4.79 32.56 -47.98
CA ALA E 350 -3.45 32.29 -47.45
C ALA E 350 -3.51 31.55 -46.13
N ALA E 351 -4.41 31.96 -45.24
CA ALA E 351 -4.51 31.30 -43.95
C ALA E 351 -4.99 29.85 -44.10
N ILE E 352 -5.95 29.62 -44.99
CA ILE E 352 -6.45 28.26 -45.20
C ILE E 352 -5.36 27.37 -45.78
N MET E 353 -4.60 27.88 -46.76
CA MET E 353 -3.51 27.10 -47.31
C MET E 353 -2.44 26.81 -46.26
N SER E 354 -2.14 27.81 -45.42
CA SER E 354 -1.16 27.59 -44.36
C SER E 354 -1.62 26.51 -43.39
N LEU E 355 -2.91 26.52 -43.04
CA LEU E 355 -3.44 25.49 -42.16
C LEU E 355 -3.38 24.11 -42.82
N CYS E 356 -3.64 24.06 -44.13
CA CYS E 356 -3.61 22.78 -44.83
C CYS E 356 -2.22 22.16 -44.85
N ARG E 357 -1.17 22.96 -44.66
CA ARG E 357 0.20 22.48 -44.62
C ARG E 357 0.68 22.19 -43.20
N HIS E 358 -0.22 21.89 -42.28
CA HIS E 358 0.10 21.62 -40.89
C HIS E 358 -0.05 20.14 -40.58
N ASP E 359 0.73 19.68 -39.61
CA ASP E 359 0.76 18.27 -39.26
C ASP E 359 -0.44 17.82 -38.42
N TRP E 360 -1.04 18.74 -37.67
CA TRP E 360 -2.25 18.49 -36.89
C TRP E 360 -2.17 17.27 -35.98
N PRO E 361 -1.44 17.34 -34.86
CA PRO E 361 -1.55 16.30 -33.84
C PRO E 361 -2.73 16.59 -32.91
N GLY E 362 -3.74 15.72 -32.94
CA GLY E 362 -4.98 16.00 -32.23
C GLY E 362 -5.95 16.71 -33.14
N ASN E 363 -6.23 16.08 -34.28
CA ASN E 363 -6.75 16.72 -35.48
C ASN E 363 -7.94 17.66 -35.28
N VAL E 364 -9.09 17.12 -34.91
CA VAL E 364 -10.31 17.93 -34.88
C VAL E 364 -10.37 18.74 -33.61
N ARG E 365 -9.87 18.20 -32.49
CA ARG E 365 -9.78 19.03 -31.29
C ARG E 365 -8.81 20.19 -31.49
N GLU E 366 -7.70 19.97 -32.20
CA GLU E 366 -6.83 21.10 -32.55
C GLU E 366 -7.57 22.12 -33.39
N LEU E 367 -8.33 21.65 -34.39
CA LEU E 367 -9.01 22.59 -35.27
C LEU E 367 -10.04 23.41 -34.50
N ALA E 368 -10.83 22.76 -33.66
CA ALA E 368 -11.85 23.47 -32.89
C ALA E 368 -11.22 24.40 -31.86
N ASN E 369 -10.15 23.96 -31.19
CA ASN E 369 -9.47 24.81 -30.23
C ASN E 369 -8.89 26.04 -30.91
N LEU E 370 -8.30 25.86 -32.09
CA LEU E 370 -7.79 27.00 -32.84
C LEU E 370 -8.90 27.94 -33.25
N VAL E 371 -10.05 27.41 -33.66
CA VAL E 371 -11.17 28.26 -34.03
C VAL E 371 -11.62 29.10 -32.85
N GLU E 372 -11.73 28.47 -31.67
CA GLU E 372 -12.16 29.20 -30.48
C GLU E 372 -11.13 30.26 -30.09
N ARG E 373 -9.84 29.91 -30.17
CA ARG E 373 -8.78 30.85 -29.85
C ARG E 373 -8.81 32.05 -30.79
N LEU E 374 -9.01 31.82 -32.08
CA LEU E 374 -9.07 32.91 -33.04
C LEU E 374 -10.32 33.75 -32.84
N ALA E 375 -11.43 33.13 -32.44
CA ALA E 375 -12.63 33.89 -32.11
C ALA E 375 -12.37 34.83 -30.94
N ILE E 376 -11.63 34.36 -29.94
CA ILE E 376 -11.28 35.23 -28.83
C ILE E 376 -10.31 36.33 -29.27
N MET E 377 -9.32 35.97 -30.09
CA MET E 377 -8.28 36.94 -30.44
C MET E 377 -8.77 37.99 -31.43
N HIS E 378 -9.36 37.56 -32.54
CA HIS E 378 -9.71 38.45 -33.64
C HIS E 378 -11.20 38.30 -33.92
N PRO E 379 -12.06 38.87 -33.08
CA PRO E 379 -13.50 38.79 -33.34
C PRO E 379 -13.89 39.84 -34.37
N TYR E 380 -14.69 39.41 -35.36
CA TYR E 380 -15.18 40.30 -36.42
C TYR E 380 -14.02 40.95 -37.18
N GLY E 381 -13.10 40.10 -37.66
CA GLY E 381 -11.99 40.57 -38.47
C GLY E 381 -11.56 39.49 -39.43
N VAL E 382 -10.63 39.85 -40.32
CA VAL E 382 -10.11 38.94 -41.33
C VAL E 382 -8.83 38.31 -40.83
N ILE E 383 -8.78 36.99 -40.82
CA ILE E 383 -7.62 36.23 -40.36
C ILE E 383 -6.74 35.95 -41.56
N GLY E 384 -5.47 36.36 -41.48
CA GLY E 384 -4.47 36.00 -42.46
C GLY E 384 -3.42 35.10 -41.87
N VAL E 385 -2.33 34.95 -42.61
CA VAL E 385 -1.20 34.17 -42.12
C VAL E 385 -0.56 34.86 -40.92
N GLY E 386 -0.50 36.19 -40.95
CA GLY E 386 0.13 36.92 -39.86
C GLY E 386 -0.59 36.77 -38.54
N GLU E 387 -1.92 36.68 -38.58
CA GLU E 387 -2.72 36.61 -37.36
C GLU E 387 -2.89 35.20 -36.83
N LEU E 388 -2.43 34.18 -37.55
CA LEU E 388 -2.42 32.84 -37.01
C LEU E 388 -1.26 32.69 -36.03
N PRO E 389 -1.39 31.77 -35.07
CA PRO E 389 -0.26 31.51 -34.17
C PRO E 389 0.94 30.97 -34.93
N LYS E 390 2.12 31.20 -34.36
CA LYS E 390 3.37 30.90 -35.06
C LYS E 390 3.47 29.43 -35.43
N LYS E 391 2.92 28.53 -34.62
CA LYS E 391 3.02 27.10 -34.92
C LYS E 391 2.17 26.70 -36.11
N PHE E 392 1.26 27.56 -36.57
CA PHE E 392 0.40 27.26 -37.71
C PHE E 392 0.88 27.94 -38.99
N ARG E 393 1.79 28.90 -38.88
CA ARG E 393 2.28 29.61 -40.05
C ARG E 393 3.17 28.71 -40.89
N HIS E 394 3.01 28.79 -42.21
CA HIS E 394 3.84 28.02 -43.13
C HIS E 394 4.05 28.81 -44.40
N VAL E 395 5.14 28.49 -45.10
CA VAL E 395 5.49 29.17 -46.34
C VAL E 395 5.12 28.30 -47.53
N GLU F 6 -20.33 -63.40 15.95
CA GLU F 6 -19.84 -64.74 15.64
C GLU F 6 -18.99 -64.74 14.37
N THR F 7 -17.70 -65.00 14.54
CA THR F 7 -16.78 -65.10 13.41
C THR F 7 -15.58 -65.93 13.85
N LYS F 8 -15.00 -66.68 12.93
CA LYS F 8 -13.95 -67.64 13.25
C LYS F 8 -12.77 -67.47 12.31
N LEU F 9 -11.59 -67.80 12.80
CA LEU F 9 -10.36 -67.78 12.01
C LEU F 9 -9.89 -69.18 11.72
N LEU F 10 -8.89 -69.28 10.84
CA LEU F 10 -8.27 -70.55 10.47
C LEU F 10 -6.76 -70.39 10.54
N LEU F 11 -6.13 -71.12 11.45
CA LEU F 11 -4.68 -71.13 11.56
C LEU F 11 -4.16 -72.38 10.86
N ILE F 12 -3.54 -72.20 9.71
CA ILE F 12 -3.00 -73.30 8.92
C ILE F 12 -1.48 -73.15 8.89
N ASP F 13 -0.79 -73.99 9.65
CA ASP F 13 0.67 -74.01 9.67
C ASP F 13 1.12 -75.38 10.16
N ASP F 14 2.17 -75.90 9.52
CA ASP F 14 2.67 -77.24 9.84
C ASP F 14 3.67 -77.25 10.99
N ASN F 15 4.00 -76.09 11.56
CA ASN F 15 4.87 -76.02 12.73
C ASN F 15 3.99 -76.12 13.98
N LEU F 16 4.14 -77.21 14.72
CA LEU F 16 3.24 -77.47 15.84
C LEU F 16 3.40 -76.42 16.95
N ASP F 17 4.65 -76.05 17.27
CA ASP F 17 4.87 -75.09 18.34
C ASP F 17 4.33 -73.70 17.98
N ARG F 18 4.60 -73.26 16.74
CA ARG F 18 4.07 -71.97 16.30
C ARG F 18 2.55 -71.98 16.27
N SER F 19 1.96 -73.08 15.80
CA SER F 19 0.51 -73.20 15.83
C SER F 19 0.00 -73.09 17.26
N ARG F 20 0.66 -73.76 18.20
CA ARG F 20 0.18 -73.78 19.57
C ARG F 20 0.29 -72.41 20.23
N ASP F 21 1.42 -71.72 20.06
CA ASP F 21 1.56 -70.45 20.77
C ASP F 21 0.71 -69.36 20.10
N LEU F 22 0.56 -69.39 18.78
CA LEU F 22 -0.43 -68.50 18.17
C LEU F 22 -1.83 -68.82 18.69
N ALA F 23 -2.17 -70.10 18.83
CA ALA F 23 -3.49 -70.45 19.32
C ALA F 23 -3.72 -69.88 20.71
N VAL F 24 -2.74 -70.03 21.60
CA VAL F 24 -2.92 -69.54 22.96
C VAL F 24 -2.94 -68.01 22.99
N ILE F 25 -2.22 -67.36 22.08
CA ILE F 25 -2.28 -65.90 22.01
C ILE F 25 -3.69 -65.46 21.63
N LEU F 26 -4.27 -66.07 20.59
CA LEU F 26 -5.64 -65.69 20.21
C LEU F 26 -6.65 -66.02 21.31
N ASN F 27 -6.45 -67.11 22.05
CA ASN F 27 -7.33 -67.34 23.19
C ASN F 27 -7.15 -66.26 24.25
N PHE F 28 -5.92 -65.78 24.44
CA PHE F 28 -5.68 -64.70 25.39
C PHE F 28 -6.40 -63.43 24.97
N LEU F 29 -6.38 -63.11 23.68
CA LEU F 29 -7.12 -61.96 23.17
C LEU F 29 -8.62 -62.23 23.09
N GLY F 30 -9.05 -63.45 23.33
CA GLY F 30 -10.46 -63.77 23.23
C GLY F 30 -10.97 -63.82 21.80
N GLU F 31 -10.22 -64.43 20.90
CA GLU F 31 -10.58 -64.54 19.50
C GLU F 31 -10.76 -66.00 19.15
N ASP F 32 -11.93 -66.33 18.57
CA ASP F 32 -12.23 -67.71 18.22
C ASP F 32 -11.32 -68.19 17.10
N GLN F 33 -11.09 -69.50 17.06
CA GLN F 33 -10.14 -70.08 16.13
C GLN F 33 -10.40 -71.57 15.98
N LEU F 34 -10.05 -72.09 14.81
CA LEU F 34 -9.98 -73.53 14.57
C LEU F 34 -8.59 -73.85 14.05
N THR F 35 -7.78 -74.53 14.87
CA THR F 35 -6.43 -74.89 14.47
C THR F 35 -6.48 -75.92 13.34
N CYS F 36 -5.57 -75.77 12.39
CA CYS F 36 -5.56 -76.62 11.20
C CYS F 36 -4.12 -76.86 10.77
N ASN F 37 -3.95 -77.81 9.86
CA ASN F 37 -2.68 -78.09 9.22
C ASN F 37 -2.86 -78.06 7.72
N SER F 38 -1.78 -78.31 6.98
CA SER F 38 -1.83 -78.29 5.53
C SER F 38 -2.37 -79.59 4.94
N GLU F 39 -2.98 -80.45 5.75
CA GLU F 39 -3.49 -81.73 5.26
C GLU F 39 -4.90 -82.06 5.73
N ASP F 40 -5.37 -81.49 6.84
CA ASP F 40 -6.68 -81.84 7.39
C ASP F 40 -7.52 -80.60 7.66
N TRP F 41 -7.26 -79.50 6.95
CA TRP F 41 -8.01 -78.28 7.21
C TRP F 41 -9.45 -78.40 6.74
N ARG F 42 -9.68 -79.07 5.62
CA ARG F 42 -11.04 -79.20 5.09
C ARG F 42 -11.94 -79.97 6.04
N GLU F 43 -11.42 -81.02 6.67
CA GLU F 43 -12.24 -81.88 7.51
C GLU F 43 -12.82 -81.10 8.69
N VAL F 44 -12.02 -80.25 9.31
CA VAL F 44 -12.52 -79.44 10.42
C VAL F 44 -13.20 -78.16 9.93
N ALA F 45 -12.82 -77.66 8.75
CA ALA F 45 -13.46 -76.45 8.22
C ALA F 45 -14.92 -76.69 7.87
N ALA F 46 -15.32 -77.94 7.60
CA ALA F 46 -16.71 -78.21 7.27
C ALA F 46 -17.65 -78.08 8.46
N GLY F 47 -17.13 -78.09 9.69
CA GLY F 47 -18.00 -78.02 10.85
C GLY F 47 -18.73 -76.70 10.95
N LEU F 48 -18.08 -75.60 10.57
CA LEU F 48 -18.70 -74.30 10.57
C LEU F 48 -19.76 -74.21 9.46
N SER F 49 -20.70 -73.27 9.64
CA SER F 49 -21.91 -73.26 8.83
C SER F 49 -21.61 -73.02 7.36
N ASN F 50 -20.86 -71.96 7.05
CA ASN F 50 -20.62 -71.60 5.67
C ASN F 50 -19.35 -70.77 5.60
N SER F 51 -18.88 -70.54 4.37
CA SER F 51 -17.57 -69.94 4.17
C SER F 51 -17.48 -68.53 4.73
N ARG F 52 -18.60 -67.88 5.04
CA ARG F 52 -18.57 -66.51 5.53
C ARG F 52 -17.95 -66.39 6.92
N GLU F 53 -18.21 -67.34 7.81
CA GLU F 53 -17.64 -67.25 9.16
C GLU F 53 -16.13 -67.43 9.19
N ALA F 54 -15.50 -67.80 8.07
CA ALA F 54 -14.05 -67.85 7.97
C ALA F 54 -13.55 -66.44 7.68
N LEU F 55 -13.14 -65.72 8.73
CA LEU F 55 -12.70 -64.34 8.55
C LEU F 55 -11.43 -64.27 7.71
N CYS F 56 -10.42 -65.06 8.08
CA CYS F 56 -9.14 -65.02 7.41
C CYS F 56 -8.37 -66.27 7.77
N VAL F 57 -7.26 -66.49 7.07
CA VAL F 57 -6.37 -67.61 7.33
C VAL F 57 -4.98 -67.08 7.65
N LEU F 58 -4.34 -67.69 8.64
CA LEU F 58 -2.98 -67.36 9.03
C LEU F 58 -2.08 -68.49 8.54
N LEU F 59 -1.35 -68.24 7.46
CA LEU F 59 -0.55 -69.27 6.79
C LEU F 59 0.92 -68.99 7.05
N GLY F 60 1.63 -69.99 7.59
CA GLY F 60 3.03 -69.85 7.89
C GLY F 60 3.93 -70.48 6.85
N SER F 61 4.80 -71.38 7.28
CA SER F 61 5.71 -72.07 6.38
C SER F 61 5.07 -73.35 5.86
N VAL F 62 5.44 -73.72 4.64
CA VAL F 62 4.94 -74.93 3.98
C VAL F 62 6.10 -75.85 3.69
N GLU F 63 6.06 -77.06 4.26
CA GLU F 63 7.03 -78.11 4.01
C GLU F 63 6.33 -79.41 3.65
N SER F 64 5.23 -79.30 2.90
CA SER F 64 4.45 -80.42 2.43
C SER F 64 4.58 -80.52 0.91
N LYS F 65 3.84 -81.45 0.32
CA LYS F 65 3.95 -81.67 -1.12
C LYS F 65 3.49 -80.44 -1.89
N GLY F 66 4.20 -80.13 -2.98
CA GLY F 66 3.89 -78.97 -3.79
C GLY F 66 4.33 -77.68 -3.12
N GLY F 67 4.00 -76.57 -3.79
CA GLY F 67 4.30 -75.25 -3.28
C GLY F 67 3.08 -74.60 -2.64
N ALA F 68 3.27 -73.33 -2.25
CA ALA F 68 2.18 -72.58 -1.66
C ALA F 68 1.13 -72.16 -2.70
N VAL F 69 1.48 -72.22 -3.98
CA VAL F 69 0.56 -71.77 -5.02
C VAL F 69 -0.68 -72.66 -5.07
N GLU F 70 -0.48 -73.98 -4.99
CA GLU F 70 -1.62 -74.89 -5.03
C GLU F 70 -2.52 -74.73 -3.81
N LEU F 71 -1.92 -74.51 -2.63
CA LEU F 71 -2.72 -74.28 -1.44
C LEU F 71 -3.49 -72.97 -1.54
N LEU F 72 -2.87 -71.94 -2.10
CA LEU F 72 -3.57 -70.68 -2.33
C LEU F 72 -4.74 -70.86 -3.28
N LYS F 73 -4.54 -71.61 -4.36
CA LYS F 73 -5.62 -71.86 -5.30
C LYS F 73 -6.75 -72.65 -4.66
N GLN F 74 -6.40 -73.65 -3.84
CA GLN F 74 -7.44 -74.42 -3.16
C GLN F 74 -8.22 -73.57 -2.17
N LEU F 75 -7.52 -72.68 -1.45
CA LEU F 75 -8.21 -71.77 -0.53
C LEU F 75 -9.13 -70.83 -1.29
N ALA F 76 -8.67 -70.31 -2.44
CA ALA F 76 -9.52 -69.46 -3.26
C ALA F 76 -10.74 -70.22 -3.75
N SER F 77 -10.56 -71.50 -4.08
CA SER F 77 -11.70 -72.32 -4.47
C SER F 77 -12.67 -72.49 -3.31
N TRP F 78 -12.15 -72.65 -2.09
CA TRP F 78 -13.01 -72.76 -0.92
C TRP F 78 -13.89 -71.52 -0.78
N ASP F 79 -13.28 -70.34 -0.89
CA ASP F 79 -14.01 -69.09 -1.00
C ASP F 79 -13.07 -68.07 -1.64
N GLU F 80 -13.54 -67.42 -2.69
CA GLU F 80 -12.70 -66.46 -3.41
C GLU F 80 -12.37 -65.25 -2.54
N TYR F 81 -13.26 -64.87 -1.65
CA TYR F 81 -13.09 -63.70 -0.80
C TYR F 81 -12.73 -64.13 0.61
N LEU F 82 -11.45 -64.49 0.78
CA LEU F 82 -10.92 -64.94 2.07
C LEU F 82 -9.54 -64.34 2.22
N PRO F 83 -9.39 -63.30 3.03
CA PRO F 83 -8.08 -62.68 3.20
C PRO F 83 -7.10 -63.61 3.87
N ILE F 84 -5.82 -63.42 3.57
CA ILE F 84 -4.74 -64.26 4.07
C ILE F 84 -3.73 -63.39 4.79
N LEU F 85 -3.31 -63.81 5.98
CA LEU F 85 -2.30 -63.12 6.76
C LEU F 85 -1.08 -64.03 6.90
N LEU F 86 0.09 -63.54 6.49
CA LEU F 86 1.33 -64.29 6.65
C LEU F 86 1.87 -64.07 8.05
N ILE F 87 2.34 -65.15 8.67
CA ILE F 87 2.90 -65.12 10.01
C ILE F 87 4.39 -65.44 9.91
N GLY F 88 5.23 -64.44 10.19
CA GLY F 88 6.67 -64.65 10.23
C GLY F 88 7.28 -65.10 8.92
N GLU F 89 6.75 -64.63 7.79
CA GLU F 89 7.26 -65.05 6.50
C GLU F 89 7.05 -63.95 5.46
N PRO F 90 8.11 -63.24 5.05
CA PRO F 90 7.95 -62.22 4.01
C PRO F 90 7.44 -62.82 2.71
N ALA F 91 6.61 -62.05 2.02
CA ALA F 91 6.01 -62.53 0.78
C ALA F 91 7.10 -62.79 -0.26
N PRO F 92 7.06 -63.92 -0.96
CA PRO F 92 8.10 -64.21 -1.95
C PRO F 92 7.82 -63.54 -3.29
N ALA F 93 8.90 -63.16 -3.96
CA ALA F 93 8.81 -62.51 -5.27
C ALA F 93 8.86 -63.58 -6.36
N ASP F 94 7.76 -64.34 -6.46
CA ASP F 94 7.67 -65.40 -7.44
C ASP F 94 6.31 -65.46 -8.13
N TRP F 95 5.46 -64.46 -7.93
CA TRP F 95 4.13 -64.40 -8.52
C TRP F 95 3.99 -63.11 -9.32
N PRO F 96 3.06 -63.07 -10.27
CA PRO F 96 2.82 -61.82 -11.00
C PRO F 96 2.36 -60.72 -10.05
N GLU F 97 2.67 -59.48 -10.42
CA GLU F 97 2.32 -58.35 -9.56
C GLU F 97 0.82 -58.25 -9.35
N GLU F 98 0.02 -58.73 -10.32
CA GLU F 98 -1.43 -58.79 -10.13
C GLU F 98 -1.83 -59.97 -9.26
N LEU F 99 -0.99 -60.98 -9.13
CA LEU F 99 -1.27 -62.14 -8.31
C LEU F 99 -0.46 -62.15 -7.01
N ARG F 100 0.26 -61.06 -6.72
CA ARG F 100 0.99 -60.93 -5.47
C ARG F 100 0.20 -60.16 -4.42
N ARG F 101 -0.99 -59.66 -4.75
CA ARG F 101 -1.76 -58.83 -3.84
C ARG F 101 -3.13 -59.45 -3.60
N ARG F 102 -3.17 -60.40 -2.68
CA ARG F 102 -4.38 -60.86 -2.03
C ARG F 102 -4.23 -60.97 -0.53
N VAL F 103 -3.00 -61.11 -0.02
CA VAL F 103 -2.75 -61.05 1.40
C VAL F 103 -2.75 -59.58 1.85
N LEU F 104 -3.06 -59.37 3.12
CA LEU F 104 -3.17 -58.02 3.67
C LEU F 104 -1.95 -57.58 4.46
N ALA F 105 -1.41 -58.43 5.32
CA ALA F 105 -0.27 -58.04 6.13
C ALA F 105 0.60 -59.25 6.43
N SER F 106 1.87 -58.97 6.71
CA SER F 106 2.84 -59.98 7.13
C SER F 106 3.22 -59.67 8.57
N LEU F 107 2.88 -60.57 9.48
CA LEU F 107 3.05 -60.35 10.91
C LEU F 107 4.37 -60.96 11.37
N GLU F 108 5.24 -60.12 11.94
CA GLU F 108 6.51 -60.61 12.47
C GLU F 108 6.25 -61.46 13.70
N MET F 109 7.09 -62.47 13.90
CA MET F 109 6.87 -63.46 14.95
C MET F 109 7.64 -63.10 16.21
N PRO F 110 6.99 -62.95 17.36
CA PRO F 110 5.54 -63.04 17.61
C PRO F 110 4.83 -61.75 17.24
N PRO F 111 3.55 -61.84 16.84
CA PRO F 111 2.84 -60.63 16.38
C PRO F 111 2.65 -59.63 17.50
N SER F 112 2.58 -58.36 17.12
CA SER F 112 2.26 -57.29 18.06
C SER F 112 0.75 -57.19 18.23
N TYR F 113 0.34 -56.79 19.44
CA TYR F 113 -1.08 -56.67 19.74
C TYR F 113 -1.76 -55.69 18.80
N ASN F 114 -1.20 -54.48 18.68
CA ASN F 114 -1.80 -53.46 17.83
C ASN F 114 -1.82 -53.89 16.37
N LYS F 115 -0.72 -54.46 15.88
CA LYS F 115 -0.67 -54.83 14.47
C LYS F 115 -1.58 -56.01 14.19
N LEU F 116 -1.66 -56.97 15.13
CA LEU F 116 -2.57 -58.08 14.95
C LEU F 116 -4.03 -57.61 14.89
N LEU F 117 -4.41 -56.70 15.79
CA LEU F 117 -5.76 -56.18 15.77
C LEU F 117 -6.03 -55.38 14.49
N ASP F 118 -5.04 -54.61 14.05
CA ASP F 118 -5.20 -53.83 12.83
C ASP F 118 -5.38 -54.74 11.62
N SER F 119 -4.62 -55.83 11.55
CA SER F 119 -4.77 -56.76 10.44
C SER F 119 -6.13 -57.48 10.50
N LEU F 120 -6.58 -57.82 11.70
CA LEU F 120 -7.90 -58.43 11.83
C LEU F 120 -8.99 -57.47 11.36
N HIS F 121 -8.89 -56.20 11.72
CA HIS F 121 -9.87 -55.23 11.25
C HIS F 121 -9.77 -55.01 9.74
N ARG F 122 -8.57 -55.07 9.18
CA ARG F 122 -8.44 -54.99 7.73
C ARG F 122 -9.13 -56.16 7.05
N ALA F 123 -8.99 -57.36 7.61
CA ALA F 123 -9.69 -58.52 7.09
C ALA F 123 -11.20 -58.34 7.19
N GLN F 124 -11.67 -57.78 8.32
CA GLN F 124 -13.10 -57.55 8.47
C GLN F 124 -13.62 -56.55 7.46
N VAL F 125 -12.87 -55.47 7.21
CA VAL F 125 -13.26 -54.49 6.21
C VAL F 125 -13.29 -55.13 4.82
N TYR F 126 -12.29 -55.96 4.51
CA TYR F 126 -12.28 -56.71 3.27
C TYR F 126 -13.53 -57.56 3.11
N ARG F 127 -13.88 -58.31 4.16
CA ARG F 127 -14.99 -59.26 4.08
C ARG F 127 -16.33 -58.53 3.99
N GLU F 128 -16.47 -57.42 4.71
CA GLU F 128 -17.77 -56.80 4.88
C GLU F 128 -18.22 -56.04 3.64
N MET F 129 -17.32 -55.83 2.67
CA MET F 129 -17.72 -55.21 1.41
C MET F 129 -17.40 -56.02 0.16
N TYR F 130 -16.20 -56.60 0.03
CA TYR F 130 -15.91 -57.26 -1.24
C TYR F 130 -16.65 -58.58 -1.36
N ASP F 131 -16.92 -59.22 -0.23
CA ASP F 131 -17.73 -60.44 -0.27
C ASP F 131 -19.20 -60.11 -0.58
N GLN F 132 -19.73 -59.04 0.00
CA GLN F 132 -21.14 -58.73 -0.19
C GLN F 132 -21.43 -58.06 -1.52
N ALA F 133 -20.41 -57.50 -2.17
CA ALA F 133 -20.64 -56.76 -3.41
C ALA F 133 -21.35 -57.62 -4.45
N ARG F 134 -20.73 -58.74 -4.84
CA ARG F 134 -21.24 -59.65 -5.86
C ARG F 134 -21.60 -58.90 -7.16
N GLU F 135 -20.93 -57.78 -7.39
CA GLU F 135 -21.27 -56.99 -8.56
C GLU F 135 -20.03 -56.68 -9.39
N ARG F 136 -18.91 -56.43 -8.72
CA ARG F 136 -17.69 -56.03 -9.42
C ARG F 136 -17.08 -57.24 -10.12
N GLY F 137 -17.25 -57.30 -11.44
CA GLY F 137 -16.61 -58.34 -12.22
C GLY F 137 -15.11 -58.17 -12.34
N ARG F 138 -14.64 -56.94 -12.20
CA ARG F 138 -13.20 -56.68 -12.29
C ARG F 138 -12.49 -57.25 -11.06
N SER F 139 -11.19 -57.45 -11.21
CA SER F 139 -10.37 -57.94 -10.10
C SER F 139 -10.37 -56.94 -8.95
N ARG F 140 -10.41 -57.48 -7.74
CA ARG F 140 -10.55 -56.67 -6.54
C ARG F 140 -9.33 -55.79 -6.32
N GLU F 141 -9.54 -54.62 -5.73
CA GLU F 141 -8.48 -53.67 -5.38
C GLU F 141 -8.56 -53.34 -3.91
N PRO F 142 -7.84 -54.07 -3.05
CA PRO F 142 -7.76 -53.70 -1.63
C PRO F 142 -6.87 -52.48 -1.43
N ASN F 143 -6.55 -52.16 -0.17
CA ASN F 143 -5.59 -51.11 0.20
C ASN F 143 -6.20 -49.74 -0.03
N LEU F 144 -7.35 -49.68 -0.70
CA LEU F 144 -7.99 -48.40 -1.01
C LEU F 144 -8.57 -47.74 0.23
N PHE F 145 -8.59 -48.47 1.35
CA PHE F 145 -9.03 -47.98 2.65
C PHE F 145 -7.87 -48.14 3.63
N ARG F 146 -7.11 -47.08 3.86
CA ARG F 146 -5.98 -47.12 4.78
C ARG F 146 -6.27 -46.42 6.10
N SER F 147 -6.57 -45.13 6.07
CA SER F 147 -6.86 -44.39 7.28
C SER F 147 -8.33 -44.47 7.67
N LEU F 148 -9.13 -45.21 6.90
CA LEU F 148 -10.55 -45.36 7.18
C LEU F 148 -10.75 -46.68 7.91
N VAL F 149 -10.59 -46.62 9.23
CA VAL F 149 -10.76 -47.78 10.10
C VAL F 149 -11.87 -47.46 11.09
N GLY F 150 -12.78 -48.40 11.26
CA GLY F 150 -13.85 -48.23 12.21
C GLY F 150 -14.98 -49.17 11.94
N THR F 151 -15.89 -49.23 12.91
CA THR F 151 -17.11 -50.04 12.80
C THR F 151 -18.35 -49.18 12.97
N SER F 152 -18.23 -47.88 12.72
CA SER F 152 -19.33 -46.95 12.87
C SER F 152 -20.17 -46.91 11.59
N ARG F 153 -21.39 -46.41 11.74
CA ARG F 153 -22.24 -46.20 10.57
C ARG F 153 -21.64 -45.14 9.64
N ALA F 154 -21.09 -44.07 10.22
CA ALA F 154 -20.54 -42.99 9.40
C ALA F 154 -19.37 -43.47 8.57
N ILE F 155 -18.47 -44.25 9.16
CA ILE F 155 -17.31 -44.71 8.41
C ILE F 155 -17.72 -45.71 7.35
N GLN F 156 -18.74 -46.53 7.62
CA GLN F 156 -19.24 -47.44 6.59
C GLN F 156 -19.84 -46.67 5.42
N GLN F 157 -20.58 -45.61 5.71
CA GLN F 157 -21.13 -44.78 4.63
C GLN F 157 -20.01 -44.14 3.82
N VAL F 158 -18.96 -43.67 4.50
CA VAL F 158 -17.82 -43.07 3.79
C VAL F 158 -17.15 -44.11 2.90
N ARG F 159 -17.00 -45.33 3.40
CA ARG F 159 -16.40 -46.40 2.59
C ARG F 159 -17.26 -46.70 1.37
N GLN F 160 -18.58 -46.74 1.56
CA GLN F 160 -19.48 -46.99 0.43
C GLN F 160 -19.36 -45.89 -0.62
N MET F 161 -19.32 -44.64 -0.19
CA MET F 161 -19.20 -43.54 -1.14
C MET F 161 -17.87 -43.60 -1.87
N MET F 162 -16.78 -43.91 -1.16
CA MET F 162 -15.49 -44.01 -1.82
C MET F 162 -15.47 -45.16 -2.83
N GLN F 163 -16.15 -46.26 -2.51
CA GLN F 163 -16.23 -47.35 -3.47
C GLN F 163 -17.04 -46.95 -4.69
N GLN F 164 -18.10 -46.16 -4.48
CA GLN F 164 -18.88 -45.66 -5.62
C GLN F 164 -18.04 -44.78 -6.52
N VAL F 165 -17.24 -43.88 -5.93
CA VAL F 165 -16.54 -42.88 -6.72
C VAL F 165 -15.19 -43.35 -7.23
N ALA F 166 -14.65 -44.46 -6.70
CA ALA F 166 -13.29 -44.85 -7.02
C ALA F 166 -13.12 -45.17 -8.50
N ASP F 167 -14.11 -45.84 -9.09
CA ASP F 167 -14.03 -46.26 -10.49
C ASP F 167 -14.58 -45.23 -11.45
N THR F 168 -14.99 -44.06 -10.98
CA THR F 168 -15.53 -43.00 -11.81
C THR F 168 -14.66 -41.75 -11.69
N ASP F 169 -14.38 -41.13 -12.83
CA ASP F 169 -13.63 -39.87 -12.85
C ASP F 169 -14.64 -38.74 -12.78
N ALA F 170 -14.89 -38.25 -11.57
CA ALA F 170 -15.85 -37.19 -11.35
C ALA F 170 -15.36 -36.33 -10.20
N SER F 171 -15.82 -35.08 -10.18
CA SER F 171 -15.40 -34.14 -9.16
C SER F 171 -15.99 -34.51 -7.81
N VAL F 172 -15.15 -34.53 -6.78
CA VAL F 172 -15.55 -34.96 -5.45
C VAL F 172 -15.53 -33.77 -4.51
N LEU F 173 -16.51 -33.73 -3.62
CA LEU F 173 -16.58 -32.74 -2.55
C LEU F 173 -16.58 -33.48 -1.21
N ILE F 174 -15.55 -33.23 -0.41
CA ILE F 174 -15.39 -33.91 0.87
C ILE F 174 -15.77 -32.93 1.96
N LEU F 175 -16.83 -33.25 2.70
CA LEU F 175 -17.33 -32.41 3.78
C LEU F 175 -16.90 -32.98 5.11
N GLY F 176 -16.29 -32.14 5.95
CA GLY F 176 -15.88 -32.58 7.26
C GLY F 176 -15.21 -31.44 8.00
N GLU F 177 -15.21 -31.59 9.33
CA GLU F 177 -14.55 -30.61 10.18
C GLU F 177 -13.04 -30.63 9.97
N SER F 178 -12.37 -29.58 10.44
CA SER F 178 -10.92 -29.49 10.30
C SER F 178 -10.24 -30.61 11.07
N GLY F 179 -9.30 -31.28 10.41
CA GLY F 179 -8.54 -32.34 11.02
C GLY F 179 -9.11 -33.73 10.90
N THR F 180 -10.13 -33.93 10.06
CA THR F 180 -10.76 -35.24 9.97
C THR F 180 -9.98 -36.20 9.06
N GLY F 181 -9.07 -35.68 8.24
CA GLY F 181 -8.27 -36.55 7.39
C GLY F 181 -8.78 -36.64 5.97
N LYS F 182 -9.00 -35.48 5.35
CA LYS F 182 -9.52 -35.46 3.98
C LYS F 182 -8.43 -35.70 2.94
N GLU F 183 -7.19 -35.32 3.25
CA GLU F 183 -6.09 -35.53 2.31
C GLU F 183 -5.85 -37.00 2.03
N VAL F 184 -5.93 -37.85 3.07
CA VAL F 184 -5.71 -39.27 2.86
C VAL F 184 -6.83 -39.88 2.03
N VAL F 185 -8.06 -39.40 2.20
CA VAL F 185 -9.16 -39.85 1.36
C VAL F 185 -8.92 -39.44 -0.09
N ALA F 186 -8.46 -38.22 -0.32
CA ALA F 186 -8.15 -37.79 -1.67
C ALA F 186 -7.05 -38.63 -2.29
N ARG F 187 -6.00 -38.93 -1.52
CA ARG F 187 -4.91 -39.76 -2.02
C ARG F 187 -5.38 -41.17 -2.33
N ASN F 188 -6.25 -41.72 -1.49
CA ASN F 188 -6.78 -43.05 -1.75
C ASN F 188 -7.62 -43.08 -3.02
N LEU F 189 -8.43 -42.04 -3.24
CA LEU F 189 -9.19 -41.98 -4.49
C LEU F 189 -8.27 -41.83 -5.70
N HIS F 190 -7.22 -41.02 -5.57
CA HIS F 190 -6.33 -40.75 -6.70
C HIS F 190 -5.52 -41.98 -7.08
N TYR F 191 -4.88 -42.61 -6.09
CA TYR F 191 -3.97 -43.71 -6.38
C TYR F 191 -4.68 -44.99 -6.78
N HIS F 192 -6.00 -45.06 -6.58
CA HIS F 192 -6.73 -46.24 -7.00
C HIS F 192 -7.84 -45.87 -7.97
N SER F 193 -7.51 -45.02 -8.94
CA SER F 193 -8.37 -44.68 -10.06
C SER F 193 -7.53 -44.67 -11.32
N LYS F 194 -8.09 -44.18 -12.42
CA LYS F 194 -7.37 -44.15 -13.68
C LYS F 194 -6.25 -43.14 -13.71
N ARG F 195 -6.05 -42.40 -12.62
CA ARG F 195 -5.04 -41.36 -12.52
C ARG F 195 -3.80 -41.83 -11.76
N ARG F 196 -3.70 -43.12 -11.44
CA ARG F 196 -2.72 -43.58 -10.45
C ARG F 196 -1.30 -43.22 -10.86
N GLU F 197 -1.02 -43.11 -12.16
CA GLU F 197 0.29 -42.67 -12.62
C GLU F 197 0.38 -41.16 -12.75
N GLY F 198 -0.74 -40.45 -12.70
CA GLY F 198 -0.73 -39.02 -12.83
C GLY F 198 -0.37 -38.33 -11.52
N PRO F 199 0.08 -37.09 -11.61
CA PRO F 199 0.50 -36.37 -10.40
C PRO F 199 -0.68 -36.06 -9.50
N PHE F 200 -0.39 -36.04 -8.20
CA PHE F 200 -1.34 -35.60 -7.18
C PHE F 200 -0.79 -34.32 -6.59
N VAL F 201 -1.50 -33.21 -6.80
CA VAL F 201 -1.02 -31.90 -6.37
C VAL F 201 -1.97 -31.32 -5.32
N PRO F 202 -1.58 -31.28 -4.05
CA PRO F 202 -2.41 -30.64 -3.04
C PRO F 202 -2.14 -29.15 -2.88
N VAL F 203 -3.22 -28.38 -2.78
CA VAL F 203 -3.14 -26.94 -2.57
C VAL F 203 -4.12 -26.54 -1.47
N ASN F 204 -3.66 -25.68 -0.57
CA ASN F 204 -4.47 -25.18 0.55
C ASN F 204 -4.81 -23.72 0.26
N CYS F 205 -6.06 -23.45 -0.05
CA CYS F 205 -6.45 -22.10 -0.44
C CYS F 205 -6.33 -21.11 0.71
N GLY F 206 -6.16 -21.57 1.95
CA GLY F 206 -5.97 -20.67 3.06
C GLY F 206 -4.53 -20.31 3.34
N ALA F 207 -3.59 -21.03 2.74
CA ALA F 207 -2.17 -20.79 2.94
C ALA F 207 -1.64 -19.69 2.02
N ILE F 208 -1.96 -19.78 0.74
CA ILE F 208 -1.53 -18.75 -0.20
C ILE F 208 -2.24 -17.44 0.14
N PRO F 209 -1.54 -16.31 0.13
CA PRO F 209 -2.22 -15.02 0.34
C PRO F 209 -3.25 -14.77 -0.75
N ALA F 210 -4.30 -14.02 -0.39
CA ALA F 210 -5.40 -13.79 -1.31
C ALA F 210 -4.95 -13.09 -2.57
N GLU F 211 -3.90 -12.28 -2.49
CA GLU F 211 -3.39 -11.57 -3.66
C GLU F 211 -2.51 -12.44 -4.54
N LEU F 212 -2.09 -13.61 -4.06
CA LEU F 212 -1.21 -14.49 -4.81
C LEU F 212 -1.89 -15.79 -5.21
N LEU F 213 -3.16 -15.98 -4.85
CA LEU F 213 -3.84 -17.23 -5.16
C LEU F 213 -3.99 -17.43 -6.67
N GLU F 214 -4.23 -16.34 -7.40
CA GLU F 214 -4.37 -16.43 -8.85
C GLU F 214 -3.10 -16.97 -9.49
N SER F 215 -1.96 -16.35 -9.15
CA SER F 215 -0.68 -16.79 -9.72
C SER F 215 -0.32 -18.19 -9.27
N GLU F 216 -0.73 -18.58 -8.06
CA GLU F 216 -0.38 -19.90 -7.57
C GLU F 216 -1.17 -20.98 -8.29
N LEU F 217 -2.48 -20.77 -8.47
CA LEU F 217 -3.32 -21.82 -9.05
C LEU F 217 -3.23 -21.85 -10.57
N PHE F 218 -3.10 -20.69 -11.22
CA PHE F 218 -3.06 -20.63 -12.66
C PHE F 218 -1.68 -20.38 -13.26
N GLY F 219 -0.72 -19.92 -12.46
CA GLY F 219 0.59 -19.60 -13.00
C GLY F 219 0.64 -18.21 -13.59
N HIS F 220 1.83 -17.81 -14.00
CA HIS F 220 2.03 -16.52 -14.61
C HIS F 220 3.22 -16.59 -15.56
N GLU F 221 3.30 -15.60 -16.45
CA GLU F 221 4.37 -15.50 -17.43
C GLU F 221 5.31 -14.36 -17.05
N LYS F 222 6.28 -14.10 -17.92
CA LYS F 222 7.34 -13.14 -17.63
C LYS F 222 6.77 -11.75 -17.38
N GLY F 223 7.23 -11.12 -16.31
CA GLY F 223 6.83 -9.77 -16.00
C GLY F 223 5.35 -9.60 -15.70
N ALA F 224 4.69 -10.65 -15.22
CA ALA F 224 3.27 -10.55 -14.91
C ALA F 224 3.02 -9.54 -13.78
N PHE F 225 3.88 -9.53 -12.78
CA PHE F 225 3.76 -8.61 -11.66
C PHE F 225 5.15 -8.27 -11.15
N THR F 226 5.22 -7.24 -10.31
CA THR F 226 6.50 -6.86 -9.72
C THR F 226 7.02 -8.00 -8.87
N GLY F 227 8.11 -8.63 -9.32
CA GLY F 227 8.65 -9.81 -8.68
C GLY F 227 8.55 -11.06 -9.53
N ALA F 228 8.02 -10.97 -10.76
CA ALA F 228 7.87 -12.12 -11.64
C ALA F 228 9.07 -12.17 -12.58
N ILE F 229 10.19 -12.67 -12.05
CA ILE F 229 11.40 -12.81 -12.84
C ILE F 229 11.40 -14.10 -13.67
N THR F 230 10.51 -15.05 -13.34
CA THR F 230 10.45 -16.31 -14.05
C THR F 230 9.00 -16.58 -14.45
N SER F 231 8.84 -17.49 -15.41
CA SER F 231 7.53 -17.87 -15.93
C SER F 231 7.06 -19.13 -15.22
N ARG F 232 6.82 -19.03 -13.92
CA ARG F 232 6.41 -20.20 -13.16
C ARG F 232 5.01 -20.62 -13.58
N ALA F 233 4.83 -21.91 -13.79
CA ALA F 233 3.56 -22.46 -14.23
C ALA F 233 2.74 -22.94 -13.04
N GLY F 234 1.42 -22.86 -13.18
CA GLY F 234 0.52 -23.03 -12.05
C GLY F 234 0.31 -24.47 -11.63
N ARG F 235 -0.58 -24.63 -10.65
CA ARG F 235 -0.87 -25.95 -10.11
C ARG F 235 -1.72 -26.79 -11.05
N PHE F 236 -2.63 -26.16 -11.80
CA PHE F 236 -3.53 -26.92 -12.66
C PHE F 236 -2.78 -27.66 -13.75
N GLU F 237 -1.77 -27.01 -14.36
CA GLU F 237 -1.01 -27.68 -15.40
C GLU F 237 -0.12 -28.77 -14.80
N LEU F 238 0.36 -28.58 -13.57
CA LEU F 238 1.12 -29.63 -12.90
C LEU F 238 0.26 -30.84 -12.62
N ALA F 239 -1.05 -30.64 -12.47
CA ALA F 239 -1.99 -31.73 -12.21
C ALA F 239 -2.58 -32.30 -13.48
N ASN F 240 -2.10 -31.87 -14.64
CA ASN F 240 -2.63 -32.38 -15.90
C ASN F 240 -2.40 -33.88 -15.99
N GLY F 241 -3.47 -34.62 -16.30
CA GLY F 241 -3.39 -36.06 -16.27
C GLY F 241 -3.36 -36.66 -14.89
N GLY F 242 -3.63 -35.87 -13.86
CA GLY F 242 -3.61 -36.36 -12.49
C GLY F 242 -4.79 -35.87 -11.67
N THR F 243 -4.53 -35.40 -10.46
CA THR F 243 -5.59 -34.92 -9.58
C THR F 243 -5.11 -33.69 -8.81
N LEU F 244 -5.97 -32.69 -8.70
CA LEU F 244 -5.72 -31.50 -7.91
C LEU F 244 -6.66 -31.51 -6.72
N PHE F 245 -6.10 -31.32 -5.53
CA PHE F 245 -6.86 -31.38 -4.28
C PHE F 245 -6.99 -29.97 -3.73
N LEU F 246 -8.20 -29.42 -3.85
CA LEU F 246 -8.52 -28.10 -3.30
C LEU F 246 -9.01 -28.28 -1.88
N ASP F 247 -8.27 -27.77 -0.91
CA ASP F 247 -8.64 -27.90 0.49
C ASP F 247 -9.13 -26.54 1.00
N GLU F 248 -10.19 -26.59 1.80
CA GLU F 248 -10.93 -25.41 2.29
C GLU F 248 -11.19 -24.43 1.14
N ILE F 249 -11.97 -24.94 0.18
CA ILE F 249 -12.40 -24.17 -0.98
C ILE F 249 -13.32 -23.02 -0.60
N GLY F 250 -13.83 -23.01 0.63
CA GLY F 250 -14.81 -22.02 1.03
C GLY F 250 -14.26 -20.61 1.20
N ASP F 251 -12.97 -20.45 1.45
CA ASP F 251 -12.38 -19.13 1.58
C ASP F 251 -11.92 -18.56 0.24
N MET F 252 -12.05 -19.32 -0.83
CA MET F 252 -11.65 -18.86 -2.15
C MET F 252 -12.62 -17.80 -2.64
N PRO F 253 -12.12 -16.67 -3.14
CA PRO F 253 -13.02 -15.55 -3.46
C PRO F 253 -13.85 -15.80 -4.71
N LEU F 254 -14.86 -14.94 -4.87
CA LEU F 254 -15.88 -15.15 -5.90
C LEU F 254 -15.34 -15.17 -7.32
N PRO F 255 -14.51 -14.22 -7.76
CA PRO F 255 -13.98 -14.31 -9.14
C PRO F 255 -13.22 -15.60 -9.37
N MET F 256 -12.44 -16.02 -8.37
CA MET F 256 -11.73 -17.29 -8.48
C MET F 256 -12.70 -18.46 -8.51
N GLN F 257 -13.85 -18.34 -7.85
CA GLN F 257 -14.88 -19.37 -7.95
C GLN F 257 -15.42 -19.46 -9.38
N VAL F 258 -15.66 -18.31 -10.01
CA VAL F 258 -16.15 -18.33 -11.39
C VAL F 258 -15.13 -18.97 -12.31
N LYS F 259 -13.85 -18.62 -12.15
CA LYS F 259 -12.83 -19.24 -12.99
C LYS F 259 -12.68 -20.73 -12.69
N LEU F 260 -12.89 -21.14 -11.44
CA LEU F 260 -12.86 -22.57 -11.14
C LEU F 260 -13.99 -23.31 -11.83
N LEU F 261 -15.20 -22.74 -11.82
CA LEU F 261 -16.30 -23.35 -12.54
C LEU F 261 -16.01 -23.40 -14.04
N ARG F 262 -15.34 -22.37 -14.56
CA ARG F 262 -14.94 -22.40 -15.96
C ARG F 262 -13.96 -23.53 -16.24
N VAL F 263 -13.01 -23.76 -15.33
CA VAL F 263 -12.09 -24.87 -15.50
C VAL F 263 -12.84 -26.20 -15.43
N LEU F 264 -13.83 -26.29 -14.55
CA LEU F 264 -14.56 -27.53 -14.36
C LEU F 264 -15.40 -27.89 -15.59
N GLN F 265 -16.08 -26.90 -16.18
CA GLN F 265 -16.98 -27.16 -17.30
C GLN F 265 -16.32 -26.92 -18.66
N GLU F 266 -15.82 -25.71 -18.89
CA GLU F 266 -15.24 -25.34 -20.17
C GLU F 266 -13.81 -25.85 -20.35
N ARG F 267 -13.24 -26.49 -19.33
CA ARG F 267 -11.91 -27.12 -19.35
C ARG F 267 -10.81 -26.16 -19.81
N THR F 268 -10.97 -24.87 -19.54
CA THR F 268 -9.99 -23.88 -19.93
C THR F 268 -9.69 -22.93 -18.77
N PHE F 269 -8.51 -22.35 -18.81
CA PHE F 269 -8.10 -21.35 -17.83
C PHE F 269 -7.07 -20.43 -18.47
N GLU F 270 -6.78 -19.33 -17.77
CA GLU F 270 -5.87 -18.31 -18.27
C GLU F 270 -4.77 -18.08 -17.25
N ARG F 271 -3.55 -17.93 -17.75
CA ARG F 271 -2.44 -17.56 -16.88
C ARG F 271 -2.47 -16.07 -16.58
N VAL F 272 -1.66 -15.66 -15.61
CA VAL F 272 -1.53 -14.24 -15.28
C VAL F 272 -0.50 -13.63 -16.22
N GLY F 273 -0.90 -12.54 -16.89
CA GLY F 273 -0.04 -11.91 -17.87
C GLY F 273 -0.04 -12.56 -19.23
N SER F 274 -0.97 -13.48 -19.49
CA SER F 274 -1.06 -14.19 -20.75
C SER F 274 -2.37 -13.89 -21.44
N ASN F 275 -2.35 -13.93 -22.77
CA ASN F 275 -3.53 -13.63 -23.58
C ASN F 275 -3.98 -14.85 -24.38
N LYS F 276 -3.71 -16.05 -23.87
CA LYS F 276 -4.13 -17.29 -24.52
C LYS F 276 -4.84 -18.17 -23.50
N THR F 277 -5.68 -19.06 -24.01
CA THR F 277 -6.44 -20.01 -23.20
C THR F 277 -5.76 -21.37 -23.26
N GLN F 278 -5.60 -22.01 -22.10
CA GLN F 278 -4.95 -23.31 -22.00
C GLN F 278 -5.96 -24.35 -21.54
N ASN F 279 -5.89 -25.53 -22.14
CA ASN F 279 -6.76 -26.65 -21.78
C ASN F 279 -5.98 -27.66 -20.96
N VAL F 280 -6.54 -28.03 -19.81
CA VAL F 280 -5.95 -29.03 -18.93
C VAL F 280 -7.02 -30.05 -18.56
N ASP F 281 -6.61 -31.32 -18.46
CA ASP F 281 -7.51 -32.40 -18.05
C ASP F 281 -7.12 -32.81 -16.63
N VAL F 282 -7.85 -32.30 -15.64
CA VAL F 282 -7.58 -32.57 -14.24
C VAL F 282 -8.86 -33.04 -13.57
N ARG F 283 -8.69 -33.74 -12.46
CA ARG F 283 -9.79 -34.14 -11.59
C ARG F 283 -9.74 -33.31 -10.32
N ILE F 284 -10.85 -32.71 -9.96
CA ILE F 284 -10.92 -31.79 -8.83
C ILE F 284 -11.62 -32.49 -7.68
N ILE F 285 -10.89 -32.67 -6.59
CA ILE F 285 -11.45 -33.19 -5.34
C ILE F 285 -11.43 -32.03 -4.35
N ALA F 286 -12.58 -31.45 -4.09
CA ALA F 286 -12.68 -30.28 -3.25
C ALA F 286 -12.98 -30.67 -1.82
N ALA F 287 -12.37 -29.95 -0.88
CA ALA F 287 -12.56 -30.17 0.54
C ALA F 287 -12.88 -28.85 1.21
N THR F 288 -13.82 -28.89 2.15
CA THR F 288 -14.19 -27.70 2.90
C THR F 288 -14.74 -28.12 4.25
N HIS F 289 -14.74 -27.17 5.18
CA HIS F 289 -15.29 -27.42 6.50
C HIS F 289 -16.42 -26.47 6.87
N LYS F 290 -16.88 -25.63 5.95
CA LYS F 290 -17.94 -24.68 6.19
C LYS F 290 -19.22 -25.14 5.51
N ASN F 291 -20.34 -24.75 6.10
CA ASN F 291 -21.65 -25.04 5.50
C ASN F 291 -21.78 -24.21 4.23
N LEU F 292 -21.63 -24.86 3.07
CA LEU F 292 -21.63 -24.13 1.82
C LEU F 292 -23.00 -23.54 1.50
N GLU F 293 -24.07 -24.21 1.90
CA GLU F 293 -25.40 -23.66 1.68
C GLU F 293 -25.56 -22.35 2.42
N LYS F 294 -25.27 -22.33 3.72
CA LYS F 294 -25.38 -21.11 4.50
C LYS F 294 -24.54 -19.99 3.90
N MET F 295 -23.39 -20.32 3.32
CA MET F 295 -22.61 -19.33 2.61
C MET F 295 -23.34 -18.87 1.34
N ILE F 296 -24.12 -19.75 0.72
CA ILE F 296 -24.87 -19.36 -0.48
C ILE F 296 -25.95 -18.34 -0.13
N GLU F 297 -26.75 -18.61 0.92
CA GLU F 297 -27.71 -17.57 1.32
C GLU F 297 -27.05 -16.39 2.01
N ASP F 298 -25.77 -16.45 2.35
CA ASP F 298 -25.06 -15.27 2.82
C ASP F 298 -24.42 -14.48 1.70
N GLY F 299 -24.57 -14.92 0.45
CA GLY F 299 -23.97 -14.22 -0.67
C GLY F 299 -22.47 -14.23 -0.67
N THR F 300 -21.85 -15.38 -0.40
CA THR F 300 -20.40 -15.50 -0.35
C THR F 300 -19.85 -16.65 -1.20
N PHE F 301 -20.60 -17.71 -1.42
CA PHE F 301 -20.17 -18.83 -2.25
C PHE F 301 -21.08 -18.94 -3.48
N ARG F 302 -20.49 -19.39 -4.58
CA ARG F 302 -21.25 -19.53 -5.82
C ARG F 302 -22.18 -20.73 -5.76
N GLU F 303 -23.44 -20.50 -6.10
CA GLU F 303 -24.47 -21.53 -6.02
C GLU F 303 -24.32 -22.56 -7.13
N ASP F 304 -24.02 -22.10 -8.36
CA ASP F 304 -23.79 -23.01 -9.47
C ASP F 304 -22.57 -23.89 -9.23
N LEU F 305 -21.51 -23.31 -8.68
CA LEU F 305 -20.34 -24.09 -8.33
C LEU F 305 -20.68 -25.15 -7.28
N TYR F 306 -21.54 -24.80 -6.32
CA TYR F 306 -21.96 -25.78 -5.32
C TYR F 306 -22.68 -26.95 -5.96
N TYR F 307 -23.62 -26.68 -6.88
CA TYR F 307 -24.27 -27.82 -7.54
C TYR F 307 -23.30 -28.61 -8.40
N ARG F 308 -22.35 -27.94 -9.05
CA ARG F 308 -21.41 -28.68 -9.89
C ARG F 308 -20.54 -29.62 -9.06
N LEU F 309 -20.17 -29.20 -7.84
CA LEU F 309 -19.25 -30.02 -7.05
C LEU F 309 -19.97 -31.09 -6.23
N ASN F 310 -21.15 -30.79 -5.69
CA ASN F 310 -21.80 -31.75 -4.81
C ASN F 310 -22.57 -32.82 -5.56
N VAL F 311 -21.93 -33.47 -6.54
CA VAL F 311 -22.56 -34.61 -7.18
C VAL F 311 -22.17 -35.91 -6.48
N PHE F 312 -20.98 -35.96 -5.90
CA PHE F 312 -20.49 -37.14 -5.17
C PHE F 312 -19.94 -36.64 -3.83
N PRO F 313 -20.80 -36.48 -2.82
CA PRO F 313 -20.32 -35.93 -1.54
C PRO F 313 -19.87 -37.02 -0.56
N ILE F 314 -18.77 -36.74 0.12
CA ILE F 314 -18.24 -37.61 1.17
C ILE F 314 -18.28 -36.81 2.47
N GLU F 315 -19.13 -37.25 3.40
CA GLU F 315 -19.29 -36.58 4.69
C GLU F 315 -18.49 -37.35 5.73
N MET F 316 -17.35 -36.80 6.13
CA MET F 316 -16.48 -37.42 7.11
C MET F 316 -16.85 -36.92 8.50
N ALA F 317 -17.37 -37.82 9.33
CA ALA F 317 -17.94 -37.45 10.61
C ALA F 317 -16.83 -37.12 11.63
N PRO F 318 -17.13 -36.25 12.59
CA PRO F 318 -16.17 -35.99 13.67
C PRO F 318 -15.96 -37.21 14.55
N LEU F 319 -14.79 -37.25 15.18
CA LEU F 319 -14.47 -38.37 16.06
C LEU F 319 -15.40 -38.41 17.28
N ARG F 320 -15.93 -37.25 17.69
CA ARG F 320 -16.84 -37.24 18.82
C ARG F 320 -18.19 -37.88 18.50
N GLU F 321 -18.49 -38.11 17.24
CA GLU F 321 -19.72 -38.80 16.85
C GLU F 321 -19.47 -40.26 16.48
N ARG F 322 -18.22 -40.71 16.50
CA ARG F 322 -17.87 -42.11 16.28
C ARG F 322 -16.85 -42.54 17.33
N VAL F 323 -17.17 -42.25 18.60
CA VAL F 323 -16.22 -42.46 19.69
C VAL F 323 -15.86 -43.93 19.87
N GLU F 324 -16.80 -44.84 19.58
CA GLU F 324 -16.47 -46.25 19.71
C GLU F 324 -15.46 -46.72 18.67
N ASP F 325 -14.98 -45.82 17.82
CA ASP F 325 -13.97 -46.13 16.82
C ASP F 325 -12.56 -45.80 17.29
N ILE F 326 -12.42 -45.24 18.50
CA ILE F 326 -11.13 -44.74 18.97
C ILE F 326 -10.13 -45.87 19.14
N ALA F 327 -10.58 -47.03 19.62
CA ALA F 327 -9.68 -48.15 19.86
C ALA F 327 -8.98 -48.59 18.57
N LEU F 328 -9.75 -48.72 17.48
CA LEU F 328 -9.17 -49.10 16.20
C LEU F 328 -8.20 -48.04 15.68
N LEU F 329 -8.54 -46.77 15.85
CA LEU F 329 -7.64 -45.70 15.43
C LEU F 329 -6.35 -45.74 16.22
N LEU F 330 -6.44 -46.01 17.52
CA LEU F 330 -5.24 -46.16 18.33
C LEU F 330 -4.40 -47.32 17.87
N ASN F 331 -5.05 -48.43 17.46
CA ASN F 331 -4.29 -49.54 16.94
C ASN F 331 -3.56 -49.18 15.66
N GLU F 332 -4.21 -48.42 14.78
CA GLU F 332 -3.53 -48.01 13.54
C GLU F 332 -2.37 -47.07 13.80
N LEU F 333 -2.61 -46.04 14.62
CA LEU F 333 -1.56 -45.09 14.97
C LEU F 333 -0.36 -45.79 15.61
N ILE F 334 -0.60 -46.61 16.63
CA ILE F 334 0.49 -47.29 17.32
C ILE F 334 1.18 -48.28 16.37
N SER F 335 0.42 -48.91 15.48
CA SER F 335 1.01 -49.80 14.51
C SER F 335 1.99 -49.08 13.59
N ARG F 336 1.59 -47.92 13.07
CA ARG F 336 2.54 -47.18 12.23
C ARG F 336 3.74 -46.72 13.05
N MET F 337 3.48 -46.23 14.26
CA MET F 337 4.56 -45.75 15.11
C MET F 337 5.53 -46.88 15.46
N GLU F 338 5.05 -48.12 15.52
CA GLU F 338 5.91 -49.27 15.73
C GLU F 338 6.65 -49.65 14.46
N HIS F 339 6.02 -49.50 13.30
CA HIS F 339 6.66 -49.86 12.04
C HIS F 339 7.84 -48.95 11.72
N GLU F 340 7.76 -47.68 12.13
CA GLU F 340 8.83 -46.72 11.90
C GLU F 340 9.83 -46.69 13.05
N LYS F 341 9.76 -47.67 13.96
CA LYS F 341 10.71 -47.79 15.06
C LYS F 341 10.74 -46.54 15.92
N ARG F 342 9.57 -45.98 16.21
CA ARG F 342 9.45 -44.81 17.08
C ARG F 342 8.78 -45.13 18.40
N GLY F 343 8.69 -46.39 18.77
CA GLY F 343 8.18 -46.76 20.08
C GLY F 343 6.76 -47.30 20.04
N SER F 344 6.27 -47.62 21.23
CA SER F 344 4.93 -48.18 21.38
C SER F 344 4.39 -47.79 22.75
N ILE F 345 3.06 -47.73 22.84
CA ILE F 345 2.37 -47.43 24.08
C ILE F 345 1.19 -48.38 24.23
N ARG F 346 0.74 -48.55 25.47
CA ARG F 346 -0.41 -49.39 25.76
C ARG F 346 -1.31 -48.71 26.76
N PHE F 347 -2.61 -48.74 26.48
CA PHE F 347 -3.63 -48.16 27.32
C PHE F 347 -4.38 -49.26 28.05
N ASN F 348 -4.95 -48.93 29.20
CA ASN F 348 -5.89 -49.81 29.87
C ASN F 348 -7.31 -49.37 29.52
N SER F 349 -8.30 -50.08 30.08
CA SER F 349 -9.69 -49.77 29.76
C SER F 349 -10.08 -48.38 30.23
N ALA F 350 -9.61 -47.98 31.40
CA ALA F 350 -10.01 -46.70 31.97
C ALA F 350 -9.56 -45.54 31.09
N ALA F 351 -8.33 -45.60 30.58
CA ALA F 351 -7.83 -44.53 29.73
C ALA F 351 -8.62 -44.43 28.43
N ILE F 352 -8.94 -45.57 27.83
CA ILE F 352 -9.71 -45.55 26.58
C ILE F 352 -11.11 -45.00 26.82
N MET F 353 -11.75 -45.41 27.92
CA MET F 353 -13.06 -44.86 28.23
C MET F 353 -13.00 -43.36 28.47
N SER F 354 -11.97 -42.90 29.17
CA SER F 354 -11.81 -41.47 29.40
C SER F 354 -11.64 -40.72 28.10
N LEU F 355 -10.85 -41.26 27.17
CA LEU F 355 -10.69 -40.62 25.88
C LEU F 355 -11.99 -40.60 25.11
N CYS F 356 -12.79 -41.66 25.21
CA CYS F 356 -14.06 -41.71 24.50
C CYS F 356 -15.04 -40.65 24.97
N ARG F 357 -14.87 -40.12 26.19
CA ARG F 357 -15.74 -39.09 26.73
C ARG F 357 -15.19 -37.68 26.52
N HIS F 358 -14.38 -37.49 25.49
CA HIS F 358 -13.74 -36.21 25.19
C HIS F 358 -14.40 -35.57 23.96
N ASP F 359 -14.36 -34.24 23.92
CA ASP F 359 -15.02 -33.51 22.85
C ASP F 359 -14.24 -33.54 21.54
N TRP F 360 -12.91 -33.70 21.60
CA TRP F 360 -12.05 -33.83 20.43
C TRP F 360 -12.23 -32.70 19.41
N PRO F 361 -11.78 -31.48 19.70
CA PRO F 361 -11.70 -30.47 18.64
C PRO F 361 -10.38 -30.62 17.88
N GLY F 362 -10.48 -30.98 16.60
CA GLY F 362 -9.30 -31.34 15.82
C GLY F 362 -9.06 -32.83 15.87
N ASN F 363 -10.10 -33.58 15.52
CA ASN F 363 -10.28 -34.98 15.91
C ASN F 363 -9.07 -35.89 15.72
N VAL F 364 -8.69 -36.16 14.48
CA VAL F 364 -7.66 -37.16 14.23
C VAL F 364 -6.27 -36.57 14.46
N ARG F 365 -6.09 -35.29 14.15
CA ARG F 365 -4.83 -34.65 14.52
C ARG F 365 -4.65 -34.59 16.03
N GLU F 366 -5.72 -34.34 16.78
CA GLU F 366 -5.63 -34.44 18.23
C GLU F 366 -5.23 -35.83 18.67
N LEU F 367 -5.86 -36.86 18.09
CA LEU F 367 -5.56 -38.22 18.51
C LEU F 367 -4.10 -38.57 18.21
N ALA F 368 -3.62 -38.25 17.02
CA ALA F 368 -2.25 -38.57 16.64
C ALA F 368 -1.25 -37.77 17.47
N ASN F 369 -1.53 -36.49 17.71
CA ASN F 369 -0.66 -35.67 18.54
C ASN F 369 -0.59 -36.19 19.95
N LEU F 370 -1.73 -36.62 20.50
CA LEU F 370 -1.74 -37.20 21.84
C LEU F 370 -0.95 -38.50 21.88
N VAL F 371 -1.07 -39.33 20.85
CA VAL F 371 -0.31 -40.57 20.81
C VAL F 371 1.18 -40.28 20.80
N GLU F 372 1.60 -39.31 19.99
CA GLU F 372 3.03 -38.96 19.94
C GLU F 372 3.50 -38.40 21.27
N ARG F 373 2.69 -37.54 21.89
CA ARG F 373 3.05 -36.97 23.19
C ARG F 373 3.19 -38.06 24.25
N LEU F 374 2.28 -39.04 24.26
CA LEU F 374 2.37 -40.11 25.24
C LEU F 374 3.53 -41.04 24.96
N ALA F 375 3.87 -41.25 23.68
CA ALA F 375 5.06 -42.02 23.36
C ALA F 375 6.32 -41.35 23.89
N ILE F 376 6.38 -40.02 23.78
CA ILE F 376 7.50 -39.31 24.37
C ILE F 376 7.46 -39.38 25.89
N MET F 377 6.26 -39.27 26.47
CA MET F 377 6.13 -39.15 27.92
C MET F 377 6.33 -40.48 28.63
N HIS F 378 5.60 -41.51 28.21
CA HIS F 378 5.59 -42.81 28.88
C HIS F 378 5.95 -43.88 27.87
N PRO F 379 7.23 -43.99 27.49
CA PRO F 379 7.61 -45.04 26.54
C PRO F 379 7.76 -46.37 27.25
N TYR F 380 7.17 -47.41 26.67
CA TYR F 380 7.23 -48.77 27.23
C TYR F 380 6.64 -48.82 28.63
N GLY F 381 5.41 -48.33 28.76
CA GLY F 381 4.69 -48.38 30.03
C GLY F 381 3.20 -48.45 29.78
N VAL F 382 2.45 -48.63 30.86
CA VAL F 382 0.99 -48.72 30.81
C VAL F 382 0.40 -47.35 31.09
N ILE F 383 -0.45 -46.88 30.19
CA ILE F 383 -1.09 -45.58 30.32
C ILE F 383 -2.44 -45.78 30.98
N GLY F 384 -2.67 -45.05 32.07
CA GLY F 384 -3.96 -45.00 32.72
C GLY F 384 -4.57 -43.62 32.64
N VAL F 385 -5.62 -43.42 33.44
CA VAL F 385 -6.25 -42.11 33.49
C VAL F 385 -5.31 -41.10 34.13
N GLY F 386 -4.53 -41.53 35.12
CA GLY F 386 -3.63 -40.61 35.79
C GLY F 386 -2.54 -40.08 34.88
N GLU F 387 -2.07 -40.89 33.95
CA GLU F 387 -0.96 -40.52 33.09
C GLU F 387 -1.41 -39.77 31.84
N LEU F 388 -2.71 -39.65 31.60
CA LEU F 388 -3.18 -38.80 30.53
C LEU F 388 -3.11 -37.34 30.96
N PRO F 389 -2.98 -36.42 30.00
CA PRO F 389 -3.02 -35.00 30.35
C PRO F 389 -4.36 -34.61 30.95
N LYS F 390 -4.34 -33.55 31.75
CA LYS F 390 -5.51 -33.17 32.53
C LYS F 390 -6.73 -32.89 31.65
N LYS F 391 -6.50 -32.35 30.45
CA LYS F 391 -7.63 -32.03 29.58
C LYS F 391 -8.31 -33.26 29.00
N PHE F 392 -7.70 -34.44 29.13
CA PHE F 392 -8.29 -35.68 28.63
C PHE F 392 -8.91 -36.52 29.73
N ARG F 393 -8.62 -36.21 31.00
CA ARG F 393 -9.17 -36.98 32.10
C ARG F 393 -10.66 -36.72 32.25
N HIS F 394 -11.41 -37.78 32.50
CA HIS F 394 -12.85 -37.65 32.74
C HIS F 394 -13.30 -38.70 33.74
N VAL F 395 -14.41 -38.41 34.41
CA VAL F 395 -14.96 -39.30 35.41
C VAL F 395 -16.14 -40.09 34.84
MG MG G . 24.29 15.45 18.77
PG ACP H . 21.73 17.59 19.65
O1G ACP H . 21.24 18.54 18.59
O2G ACP H . 20.66 17.26 20.65
O3G ACP H . 22.38 16.36 19.06
PB ACP H . 23.62 17.53 22.01
O1B ACP H . 24.19 16.22 21.54
O2B ACP H . 22.49 17.44 23.00
C3B ACP H . 23.01 18.44 20.56
PA ACP H . 26.27 18.73 22.11
O1A ACP H . 26.22 19.18 20.70
O2A ACP H . 27.14 17.57 22.46
O3A ACP H . 24.79 18.42 22.62
O5' ACP H . 26.64 19.98 23.05
C5' ACP H . 25.90 21.21 22.87
C4' ACP H . 26.64 22.33 23.57
O4' ACP H . 26.40 22.29 24.99
C3' ACP H . 28.16 22.32 23.47
O3' ACP H . 28.64 22.72 22.20
C2' ACP H . 28.50 23.30 24.60
O2' ACP H . 28.23 24.62 24.21
C1' ACP H . 27.51 22.85 25.66
N9 ACP H . 28.03 21.84 26.58
C8 ACP H . 27.89 20.48 26.48
N7 ACP H . 28.47 19.82 27.44
C5 ACP H . 29.03 20.81 28.24
C6 ACP H . 29.79 20.76 29.43
N6 ACP H . 30.12 19.62 30.04
N1 ACP H . 30.20 21.92 29.95
C2 ACP H . 29.88 23.06 29.34
N3 ACP H . 29.17 23.23 28.22
C4 ACP H . 28.77 22.06 27.72
MG MG I . 11.78 23.13 22.53
PG ACP J . 14.77 21.43 22.12
O1G ACP J . 14.80 21.99 20.74
O2G ACP J . 13.38 21.41 22.70
O3G ACP J . 15.44 20.10 22.21
PB ACP J . 15.28 24.31 22.91
O1B ACP J . 13.78 24.41 22.92
O2B ACP J . 15.98 24.79 21.66
C3B ACP J . 15.73 22.56 23.14
PA ACP J . 15.12 25.63 25.49
O1A ACP J . 14.40 24.49 26.13
O2A ACP J . 14.35 26.85 25.14
O3A ACP J . 15.85 25.09 24.17
O5' ACP J . 16.38 26.03 26.39
C5' ACP J . 17.33 25.00 26.73
C4' ACP J . 18.30 25.53 27.76
O4' ACP J . 18.96 26.72 27.24
C3' ACP J . 17.70 25.98 29.10
O3' ACP J . 18.59 25.66 30.17
C2' ACP J . 17.67 27.50 28.96
O2' ACP J . 17.59 28.21 30.18
C1' ACP J . 18.99 27.70 28.23
N9 ACP J . 19.09 29.01 27.59
C8 ACP J . 18.57 29.36 26.37
N7 ACP J . 18.82 30.61 26.04
C5 ACP J . 19.57 31.10 27.11
C6 ACP J . 20.14 32.36 27.35
N6 ACP J . 20.05 33.39 26.53
N1 ACP J . 20.81 32.52 28.51
C2 ACP J . 20.90 31.48 29.36
N3 ACP J . 20.40 30.25 29.22
C4 ACP J . 19.74 30.12 28.06
#